data_1XC5
#
_entry.id   1XC5
#
_cell.length_a   1.000
_cell.length_b   1.000
_cell.length_c   1.000
_cell.angle_alpha   90.00
_cell.angle_beta   90.00
_cell.angle_gamma   90.00
#
_symmetry.space_group_name_H-M   'P 1'
#
_entity_poly.entity_id   1
_entity_poly.type   'polypeptide(L)'
_entity_poly.pdbx_seq_one_letter_code
;GSMNGLMADPMKVYKDRQVMNMWSEQEKETFREKFMQHPKNFGLIASFLERKTVAECVLYYYLTKKNENYK
;
_entity_poly.pdbx_strand_id   A
#
# COMPACT_ATOMS: atom_id res chain seq x y z
N ASN A 4 -13.14 6.02 14.22
CA ASN A 4 -14.45 5.63 13.72
C ASN A 4 -14.57 4.10 13.67
N GLY A 5 -15.72 3.63 13.18
CA GLY A 5 -15.94 2.20 13.09
C GLY A 5 -17.39 1.85 12.83
N LEU A 6 -17.97 2.47 11.80
CA LEU A 6 -19.36 2.22 11.44
C LEU A 6 -19.50 1.96 9.95
N MET A 7 -19.22 2.98 9.14
CA MET A 7 -19.32 2.86 7.69
C MET A 7 -17.95 3.07 7.03
N ALA A 8 -17.15 2.01 7.02
CA ALA A 8 -15.82 2.07 6.43
C ALA A 8 -15.15 0.70 6.42
N ASP A 9 -15.43 -0.09 5.39
CA ASP A 9 -14.86 -1.43 5.27
C ASP A 9 -13.77 -1.46 4.20
N PRO A 10 -12.77 -2.33 4.37
CA PRO A 10 -11.67 -2.47 3.40
C PRO A 10 -12.12 -3.09 2.09
N MET A 11 -11.53 -2.64 0.99
CA MET A 11 -11.86 -3.15 -0.33
C MET A 11 -10.61 -3.44 -1.13
N LYS A 12 -10.07 -2.41 -1.79
CA LYS A 12 -8.86 -2.56 -2.59
C LYS A 12 -7.80 -3.31 -1.79
N VAL A 13 -7.76 -4.62 -2.00
CA VAL A 13 -6.84 -5.48 -1.29
C VAL A 13 -7.07 -6.92 -1.72
N TYR A 14 -8.35 -7.27 -1.80
CA TYR A 14 -8.77 -8.60 -2.23
C TYR A 14 -8.01 -9.06 -3.46
N LYS A 15 -7.49 -8.10 -4.23
CA LYS A 15 -6.73 -8.43 -5.43
C LYS A 15 -5.23 -8.37 -5.15
N ASP A 16 -4.86 -7.57 -4.15
CA ASP A 16 -3.46 -7.43 -3.76
C ASP A 16 -3.17 -8.20 -2.48
N ARG A 17 -3.95 -9.24 -2.21
CA ARG A 17 -3.75 -10.06 -1.02
C ARG A 17 -2.43 -10.82 -1.10
N GLN A 18 -1.92 -10.98 -2.32
CA GLN A 18 -0.65 -11.66 -2.53
C GLN A 18 0.46 -10.63 -2.72
N VAL A 19 0.25 -9.47 -2.10
CA VAL A 19 1.20 -8.37 -2.16
C VAL A 19 1.93 -8.24 -0.83
N MET A 20 1.24 -8.59 0.25
CA MET A 20 1.84 -8.53 1.58
C MET A 20 3.24 -9.15 1.57
N ASN A 21 3.46 -10.07 0.63
CA ASN A 21 4.75 -10.74 0.50
C ASN A 21 5.27 -10.65 -0.93
N MET A 22 4.82 -9.64 -1.67
CA MET A 22 5.25 -9.45 -3.05
C MET A 22 4.43 -8.36 -3.73
N TRP A 23 4.88 -7.12 -3.60
CA TRP A 23 4.18 -6.01 -4.24
C TRP A 23 4.75 -5.79 -5.63
N SER A 24 4.06 -6.32 -6.64
CA SER A 24 4.51 -6.20 -8.02
C SER A 24 4.35 -4.78 -8.54
N GLU A 25 4.93 -4.52 -9.71
CA GLU A 25 4.86 -3.20 -10.32
C GLU A 25 3.42 -2.73 -10.47
N GLN A 26 2.52 -3.66 -10.78
CA GLN A 26 1.11 -3.34 -10.94
C GLN A 26 0.43 -3.20 -9.59
N GLU A 27 0.85 -4.02 -8.63
CA GLU A 27 0.29 -3.96 -7.30
C GLU A 27 0.74 -2.67 -6.63
N LYS A 28 2.05 -2.43 -6.63
CA LYS A 28 2.61 -1.20 -6.07
C LYS A 28 1.85 0.02 -6.60
N GLU A 29 1.17 -0.17 -7.72
CA GLU A 29 0.41 0.92 -8.33
C GLU A 29 -0.70 1.40 -7.41
N THR A 30 -1.24 0.49 -6.60
CA THR A 30 -2.33 0.86 -5.70
C THR A 30 -1.81 1.45 -4.40
N PHE A 31 -0.92 0.73 -3.74
CA PHE A 31 -0.35 1.19 -2.47
C PHE A 31 0.53 2.41 -2.69
N ARG A 32 1.22 2.45 -3.82
CA ARG A 32 2.09 3.58 -4.13
C ARG A 32 1.25 4.81 -4.47
N GLU A 33 0.08 4.58 -5.06
CA GLU A 33 -0.81 5.67 -5.45
C GLU A 33 -1.41 6.36 -4.23
N LYS A 34 -1.85 5.59 -3.26
CA LYS A 34 -2.45 6.14 -2.06
C LYS A 34 -1.39 6.85 -1.22
N PHE A 35 -0.22 6.23 -1.11
CA PHE A 35 0.87 6.81 -0.36
C PHE A 35 1.40 8.02 -1.11
N MET A 36 1.24 7.99 -2.43
CA MET A 36 1.67 9.11 -3.27
C MET A 36 0.62 10.21 -3.18
N GLN A 37 -0.64 9.81 -3.15
CA GLN A 37 -1.75 10.74 -3.03
C GLN A 37 -1.74 11.36 -1.64
N HIS A 38 -1.38 10.53 -0.66
CA HIS A 38 -1.30 10.95 0.72
C HIS A 38 0.16 11.12 1.14
N PRO A 39 0.78 12.25 0.76
CA PRO A 39 2.18 12.54 1.07
C PRO A 39 2.58 12.14 2.48
N LYS A 40 3.44 11.12 2.58
CA LYS A 40 3.91 10.63 3.87
C LYS A 40 2.77 10.53 4.88
N ASN A 41 2.00 9.45 4.78
CA ASN A 41 0.88 9.25 5.68
C ASN A 41 0.95 7.88 6.36
N PHE A 42 1.14 6.84 5.56
CA PHE A 42 1.20 5.47 6.07
C PHE A 42 0.11 5.25 7.12
N GLY A 43 -1.10 5.56 6.72
CA GLY A 43 -2.26 5.41 7.57
C GLY A 43 -3.47 5.06 6.74
N LEU A 44 -3.70 5.84 5.69
CA LEU A 44 -4.79 5.58 4.77
C LEU A 44 -4.34 4.53 3.78
N ILE A 45 -3.09 4.65 3.35
CA ILE A 45 -2.52 3.70 2.42
C ILE A 45 -2.57 2.30 2.98
N ALA A 46 -2.25 2.19 4.27
CA ALA A 46 -2.26 0.91 4.97
C ALA A 46 -3.61 0.66 5.63
N SER A 47 -4.63 1.43 5.23
CA SER A 47 -5.97 1.28 5.79
C SER A 47 -6.97 0.84 4.74
N PHE A 48 -6.69 1.15 3.47
CA PHE A 48 -7.60 0.77 2.39
C PHE A 48 -7.30 -0.65 1.93
N LEU A 49 -6.05 -1.07 2.09
CA LEU A 49 -5.64 -2.42 1.70
C LEU A 49 -5.41 -3.28 2.94
N GLU A 50 -6.33 -3.14 3.90
CA GLU A 50 -6.32 -3.86 5.18
C GLU A 50 -5.14 -4.83 5.35
N ARG A 51 -5.11 -5.87 4.51
CA ARG A 51 -4.05 -6.87 4.56
C ARG A 51 -2.69 -6.24 4.80
N LYS A 52 -2.53 -5.00 4.34
CA LYS A 52 -1.28 -4.28 4.50
C LYS A 52 -1.43 -3.17 5.54
N THR A 53 -0.94 -3.45 6.74
CA THR A 53 -1.02 -2.48 7.84
C THR A 53 0.07 -1.42 7.68
N VAL A 54 0.01 -0.38 8.51
CA VAL A 54 1.00 0.69 8.46
C VAL A 54 2.40 0.14 8.71
N ALA A 55 2.56 -0.53 9.84
CA ALA A 55 3.85 -1.11 10.20
C ALA A 55 4.21 -2.26 9.28
N GLU A 56 3.19 -2.89 8.69
CA GLU A 56 3.39 -4.00 7.79
C GLU A 56 3.55 -3.53 6.35
N CYS A 57 3.30 -2.24 6.11
CA CYS A 57 3.44 -1.67 4.77
C CYS A 57 4.90 -1.41 4.45
N VAL A 58 5.72 -1.25 5.49
CA VAL A 58 7.14 -1.02 5.30
C VAL A 58 7.73 -2.06 4.36
N LEU A 59 7.06 -3.21 4.28
CA LEU A 59 7.49 -4.31 3.42
C LEU A 59 7.22 -4.01 1.95
N TYR A 60 6.74 -2.82 1.66
CA TYR A 60 6.44 -2.42 0.29
C TYR A 60 7.53 -1.48 -0.22
N TYR A 61 8.07 -0.66 0.67
CA TYR A 61 9.09 0.33 0.31
C TYR A 61 10.49 -0.28 0.19
N TYR A 62 10.90 -1.06 1.18
CA TYR A 62 12.24 -1.65 1.16
C TYR A 62 12.33 -2.81 0.16
N LEU A 63 11.20 -3.16 -0.45
CA LEU A 63 11.18 -4.22 -1.44
C LEU A 63 11.31 -3.62 -2.83
N THR A 64 10.72 -2.45 -2.99
CA THR A 64 10.76 -1.73 -4.25
C THR A 64 12.20 -1.39 -4.64
N LYS A 65 13.01 -1.05 -3.64
CA LYS A 65 14.40 -0.71 -3.89
C LYS A 65 15.33 -1.89 -3.60
N LYS A 66 14.75 -3.08 -3.51
CA LYS A 66 15.52 -4.29 -3.25
C LYS A 66 15.79 -5.01 -4.57
N ASN A 67 15.97 -4.22 -5.62
CA ASN A 67 16.22 -4.75 -6.95
C ASN A 67 16.44 -3.62 -7.96
N GLU A 68 15.80 -2.48 -7.71
CA GLU A 68 15.93 -1.33 -8.60
C GLU A 68 16.92 -0.31 -8.04
N ASN A 69 17.02 -0.25 -6.72
CA ASN A 69 17.91 0.68 -6.06
C ASN A 69 17.60 2.12 -6.47
N TYR A 70 16.34 2.50 -6.35
CA TYR A 70 15.91 3.84 -6.70
C TYR A 70 15.82 4.75 -5.48
N LYS A 71 16.76 4.55 -4.56
CA LYS A 71 16.79 5.35 -3.34
C LYS A 71 17.39 6.73 -3.59
N ASN A 4 -22.86 -1.71 14.77
CA ASN A 4 -23.91 -1.43 13.80
C ASN A 4 -23.61 -0.15 13.01
N GLY A 5 -24.21 -0.03 11.84
CA GLY A 5 -23.99 1.15 11.02
C GLY A 5 -23.73 0.80 9.56
N LEU A 6 -22.51 1.08 9.10
CA LEU A 6 -22.14 0.79 7.72
C LEU A 6 -21.15 -0.36 7.65
N MET A 7 -19.95 -0.14 8.18
CA MET A 7 -18.91 -1.16 8.18
C MET A 7 -18.56 -1.59 6.76
N ALA A 8 -17.66 -2.55 6.64
CA ALA A 8 -17.24 -3.05 5.34
C ALA A 8 -16.60 -1.95 4.51
N ASP A 9 -15.66 -1.22 5.11
CA ASP A 9 -14.98 -0.13 4.43
C ASP A 9 -13.84 -0.66 3.56
N PRO A 10 -12.93 -1.47 4.15
CA PRO A 10 -11.80 -2.05 3.42
C PRO A 10 -12.22 -2.75 2.14
N MET A 11 -11.66 -2.32 1.02
CA MET A 11 -11.99 -2.92 -0.28
C MET A 11 -10.73 -3.27 -1.04
N LYS A 12 -10.14 -2.30 -1.73
CA LYS A 12 -8.94 -2.53 -2.51
C LYS A 12 -7.91 -3.30 -1.70
N VAL A 13 -7.78 -4.59 -2.00
CA VAL A 13 -6.84 -5.44 -1.33
C VAL A 13 -7.01 -6.87 -1.83
N TYR A 14 -8.26 -7.27 -1.93
CA TYR A 14 -8.65 -8.59 -2.43
C TYR A 14 -7.87 -8.94 -3.69
N LYS A 15 -7.52 -7.91 -4.48
CA LYS A 15 -6.77 -8.11 -5.72
C LYS A 15 -5.26 -8.03 -5.48
N ASP A 16 -4.86 -8.01 -4.21
CA ASP A 16 -3.45 -7.93 -3.86
C ASP A 16 -3.19 -8.58 -2.51
N ARG A 17 -3.88 -9.67 -2.23
CA ARG A 17 -3.70 -10.39 -0.97
C ARG A 17 -2.38 -11.15 -0.98
N GLN A 18 -1.81 -11.33 -2.17
CA GLN A 18 -0.54 -12.02 -2.32
C GLN A 18 0.57 -10.99 -2.56
N VAL A 19 0.33 -9.79 -2.06
CA VAL A 19 1.28 -8.70 -2.18
C VAL A 19 1.98 -8.47 -0.86
N MET A 20 1.26 -8.74 0.24
CA MET A 20 1.84 -8.59 1.57
C MET A 20 3.27 -9.15 1.59
N ASN A 21 3.52 -10.13 0.71
CA ASN A 21 4.82 -10.75 0.59
C ASN A 21 5.30 -10.74 -0.86
N MET A 22 4.85 -9.74 -1.62
CA MET A 22 5.23 -9.59 -3.02
C MET A 22 4.34 -8.58 -3.73
N TRP A 23 4.62 -7.31 -3.52
CA TRP A 23 3.86 -6.24 -4.16
C TRP A 23 4.34 -6.07 -5.59
N SER A 24 3.53 -6.55 -6.51
CA SER A 24 3.87 -6.48 -7.92
C SER A 24 4.02 -5.04 -8.39
N GLU A 25 4.91 -4.82 -9.35
CA GLU A 25 5.12 -3.48 -9.89
C GLU A 25 3.80 -2.82 -10.22
N GLN A 26 2.81 -3.65 -10.56
CA GLN A 26 1.49 -3.16 -10.89
C GLN A 26 0.65 -3.00 -9.63
N GLU A 27 0.89 -3.88 -8.65
CA GLU A 27 0.17 -3.81 -7.41
C GLU A 27 0.63 -2.60 -6.62
N LYS A 28 1.94 -2.34 -6.64
CA LYS A 28 2.50 -1.18 -5.97
C LYS A 28 1.82 0.08 -6.49
N GLU A 29 1.16 -0.05 -7.64
CA GLU A 29 0.47 1.08 -8.25
C GLU A 29 -0.67 1.56 -7.38
N THR A 30 -1.27 0.66 -6.61
CA THR A 30 -2.39 1.03 -5.75
C THR A 30 -1.89 1.59 -4.42
N PHE A 31 -1.05 0.83 -3.74
CA PHE A 31 -0.51 1.26 -2.45
C PHE A 31 0.41 2.46 -2.63
N ARG A 32 1.18 2.46 -3.72
CA ARG A 32 2.08 3.57 -3.98
C ARG A 32 1.31 4.82 -4.40
N GLU A 33 0.14 4.61 -5.00
CA GLU A 33 -0.70 5.72 -5.44
C GLU A 33 -1.34 6.42 -4.24
N LYS A 34 -1.75 5.64 -3.26
CA LYS A 34 -2.39 6.20 -2.07
C LYS A 34 -1.34 6.90 -1.21
N PHE A 35 -0.19 6.25 -1.05
CA PHE A 35 0.89 6.84 -0.29
C PHE A 35 1.44 8.04 -1.03
N MET A 36 1.29 8.01 -2.36
CA MET A 36 1.73 9.12 -3.19
C MET A 36 0.69 10.22 -3.13
N GLN A 37 -0.58 9.82 -3.12
CA GLN A 37 -1.69 10.76 -3.02
C GLN A 37 -1.70 11.39 -1.64
N HIS A 38 -1.35 10.57 -0.65
CA HIS A 38 -1.28 11.01 0.73
C HIS A 38 0.17 11.18 1.15
N PRO A 39 0.80 12.32 0.77
CA PRO A 39 2.20 12.61 1.09
C PRO A 39 2.61 12.15 2.49
N LYS A 40 3.44 11.11 2.54
CA LYS A 40 3.92 10.57 3.81
C LYS A 40 2.80 10.47 4.83
N ASN A 41 2.04 9.38 4.78
CA ASN A 41 0.93 9.19 5.70
C ASN A 41 1.01 7.82 6.37
N PHE A 42 1.17 6.76 5.57
CA PHE A 42 1.23 5.41 6.10
C PHE A 42 0.13 5.19 7.13
N GLY A 43 -1.08 5.51 6.71
CA GLY A 43 -2.25 5.37 7.55
C GLY A 43 -3.46 5.03 6.71
N LEU A 44 -3.69 5.83 5.67
CA LEU A 44 -4.78 5.60 4.76
C LEU A 44 -4.36 4.51 3.76
N ILE A 45 -3.10 4.58 3.36
CA ILE A 45 -2.55 3.61 2.44
C ILE A 45 -2.65 2.22 3.03
N ALA A 46 -2.37 2.12 4.32
CA ALA A 46 -2.44 0.85 5.03
C ALA A 46 -3.82 0.63 5.64
N SER A 47 -4.79 1.44 5.23
CA SER A 47 -6.15 1.33 5.75
C SER A 47 -7.13 0.90 4.66
N PHE A 48 -6.81 1.21 3.40
CA PHE A 48 -7.68 0.84 2.29
C PHE A 48 -7.38 -0.58 1.83
N LEU A 49 -6.17 -1.05 2.11
CA LEU A 49 -5.75 -2.40 1.73
C LEU A 49 -5.50 -3.25 2.97
N GLU A 50 -6.41 -3.13 3.94
CA GLU A 50 -6.37 -3.85 5.22
C GLU A 50 -5.23 -4.86 5.33
N ARG A 51 -5.20 -5.85 4.42
CA ARG A 51 -4.17 -6.88 4.43
C ARG A 51 -2.79 -6.28 4.70
N LYS A 52 -2.61 -5.03 4.29
CA LYS A 52 -1.36 -4.34 4.49
C LYS A 52 -1.49 -3.28 5.58
N THR A 53 -0.80 -3.50 6.70
CA THR A 53 -0.84 -2.56 7.81
C THR A 53 0.19 -1.45 7.63
N VAL A 54 0.14 -0.45 8.49
CA VAL A 54 1.07 0.67 8.41
C VAL A 54 2.50 0.18 8.62
N ALA A 55 2.74 -0.48 9.75
CA ALA A 55 4.06 -0.99 10.07
C ALA A 55 4.43 -2.15 9.15
N GLU A 56 3.42 -2.81 8.60
CA GLU A 56 3.64 -3.94 7.69
C GLU A 56 3.74 -3.47 6.24
N CYS A 57 3.36 -2.21 5.99
CA CYS A 57 3.42 -1.67 4.63
C CYS A 57 4.85 -1.31 4.26
N VAL A 58 5.69 -1.10 5.27
CA VAL A 58 7.08 -0.77 5.04
C VAL A 58 7.75 -1.85 4.20
N LEU A 59 7.14 -3.03 4.15
CA LEU A 59 7.67 -4.15 3.39
C LEU A 59 7.56 -3.91 1.89
N TYR A 60 6.98 -2.78 1.50
CA TYR A 60 6.82 -2.44 0.08
C TYR A 60 7.62 -1.19 -0.27
N TYR A 61 7.99 -0.41 0.75
CA TYR A 61 8.74 0.82 0.53
C TYR A 61 10.24 0.57 0.39
N TYR A 62 10.74 -0.47 1.05
CA TYR A 62 12.16 -0.79 0.97
C TYR A 62 12.49 -1.51 -0.34
N LEU A 63 11.46 -1.75 -1.15
CA LEU A 63 11.64 -2.40 -2.44
C LEU A 63 11.55 -1.37 -3.56
N THR A 64 10.75 -0.34 -3.34
CA THR A 64 10.58 0.72 -4.32
C THR A 64 11.59 1.84 -4.12
N LYS A 65 12.37 1.77 -3.04
CA LYS A 65 13.38 2.79 -2.76
C LYS A 65 14.79 2.21 -2.85
N LYS A 66 14.93 0.95 -2.44
CA LYS A 66 16.23 0.30 -2.47
C LYS A 66 16.78 0.22 -3.89
N ASN A 67 15.90 0.38 -4.88
CA ASN A 67 16.31 0.32 -6.28
C ASN A 67 15.82 1.54 -7.06
N GLU A 68 14.91 2.32 -6.49
CA GLU A 68 14.38 3.50 -7.16
C GLU A 68 14.77 4.79 -6.43
N ASN A 69 14.95 4.68 -5.11
CA ASN A 69 15.31 5.84 -4.30
C ASN A 69 14.21 6.88 -4.31
N TYR A 70 13.80 7.31 -3.12
CA TYR A 70 12.75 8.31 -3.00
C TYR A 70 12.53 8.68 -1.53
N LYS A 71 12.44 9.97 -1.26
CA LYS A 71 12.24 10.46 0.10
C LYS A 71 11.05 11.41 0.16
N ASN A 4 -18.37 15.38 10.14
CA ASN A 4 -18.07 14.20 9.35
C ASN A 4 -17.58 14.60 7.95
N GLY A 5 -16.83 13.71 7.32
CA GLY A 5 -16.33 13.98 5.99
C GLY A 5 -15.30 12.97 5.53
N LEU A 6 -15.55 11.70 5.84
CA LEU A 6 -14.63 10.63 5.46
C LEU A 6 -15.38 9.31 5.28
N MET A 7 -15.89 9.08 4.08
CA MET A 7 -16.63 7.86 3.79
C MET A 7 -15.67 6.69 3.53
N ALA A 8 -15.77 5.66 4.36
CA ALA A 8 -14.91 4.49 4.22
C ALA A 8 -15.47 3.52 3.19
N ASP A 9 -14.61 2.66 2.66
CA ASP A 9 -15.02 1.67 1.66
C ASP A 9 -13.86 0.74 1.32
N PRO A 10 -13.70 -0.35 2.07
CA PRO A 10 -12.63 -1.33 1.84
C PRO A 10 -12.86 -2.13 0.56
N MET A 11 -12.06 -1.83 -0.47
CA MET A 11 -12.15 -2.52 -1.74
C MET A 11 -10.80 -3.06 -2.17
N LYS A 12 -9.99 -2.22 -2.80
CA LYS A 12 -8.67 -2.63 -3.25
C LYS A 12 -7.92 -3.34 -2.13
N VAL A 13 -7.93 -4.66 -2.18
CA VAL A 13 -7.26 -5.47 -1.17
C VAL A 13 -7.46 -6.96 -1.46
N TYR A 14 -8.70 -7.31 -1.76
CA TYR A 14 -9.11 -8.67 -2.10
C TYR A 14 -8.05 -9.38 -2.93
N LYS A 15 -7.34 -8.61 -3.77
CA LYS A 15 -6.29 -9.16 -4.61
C LYS A 15 -4.91 -8.82 -4.06
N ASP A 16 -4.83 -7.76 -3.28
CA ASP A 16 -3.57 -7.33 -2.69
C ASP A 16 -3.10 -8.28 -1.60
N ARG A 17 -3.97 -9.18 -1.16
CA ARG A 17 -3.62 -10.14 -0.11
C ARG A 17 -2.33 -10.87 -0.46
N GLN A 18 -2.03 -10.96 -1.75
CA GLN A 18 -0.82 -11.61 -2.22
C GLN A 18 0.26 -10.57 -2.49
N VAL A 19 0.20 -9.49 -1.71
CA VAL A 19 1.16 -8.40 -1.82
C VAL A 19 2.05 -8.33 -0.60
N MET A 20 1.49 -8.70 0.55
CA MET A 20 2.25 -8.70 1.80
C MET A 20 3.61 -9.36 1.59
N ASN A 21 3.69 -10.24 0.60
CA ASN A 21 4.93 -10.94 0.28
C ASN A 21 5.25 -10.84 -1.21
N MET A 22 4.74 -9.79 -1.85
CA MET A 22 4.99 -9.58 -3.28
C MET A 22 4.11 -8.46 -3.83
N TRP A 23 4.60 -7.23 -3.73
CA TRP A 23 3.87 -6.08 -4.24
C TRP A 23 4.19 -5.92 -5.72
N SER A 24 3.28 -6.41 -6.54
CA SER A 24 3.45 -6.37 -7.99
C SER A 24 3.51 -4.93 -8.50
N GLU A 25 4.25 -4.73 -9.60
CA GLU A 25 4.37 -3.40 -10.19
C GLU A 25 2.99 -2.77 -10.36
N GLN A 26 1.98 -3.61 -10.53
CA GLN A 26 0.61 -3.15 -10.69
C GLN A 26 -0.05 -3.00 -9.33
N GLU A 27 0.36 -3.84 -8.38
CA GLU A 27 -0.19 -3.79 -7.04
C GLU A 27 0.38 -2.60 -6.31
N LYS A 28 1.70 -2.53 -6.22
CA LYS A 28 2.37 -1.39 -5.59
C LYS A 28 1.89 -0.11 -6.26
N GLU A 29 1.35 -0.25 -7.47
CA GLU A 29 0.85 0.89 -8.22
C GLU A 29 -0.33 1.53 -7.50
N THR A 30 -1.00 0.78 -6.62
CA THR A 30 -2.14 1.32 -5.91
C THR A 30 -1.74 1.86 -4.53
N PHE A 31 -0.93 1.10 -3.81
CA PHE A 31 -0.49 1.51 -2.48
C PHE A 31 0.63 2.54 -2.59
N ARG A 32 1.44 2.43 -3.65
CA ARG A 32 2.53 3.37 -3.88
C ARG A 32 2.01 4.67 -4.49
N GLU A 33 0.87 4.57 -5.19
CA GLU A 33 0.27 5.74 -5.83
C GLU A 33 -0.55 6.54 -4.83
N LYS A 34 -1.26 5.84 -3.96
CA LYS A 34 -2.08 6.50 -2.95
C LYS A 34 -1.18 7.23 -1.97
N PHE A 35 -0.07 6.60 -1.62
CA PHE A 35 0.88 7.21 -0.71
C PHE A 35 1.41 8.49 -1.33
N MET A 36 1.41 8.52 -2.65
CA MET A 36 1.83 9.70 -3.37
C MET A 36 0.77 10.79 -3.15
N GLN A 37 -0.47 10.32 -3.01
CA GLN A 37 -1.61 11.20 -2.76
C GLN A 37 -1.61 11.60 -1.30
N HIS A 38 -1.24 10.65 -0.45
CA HIS A 38 -1.20 10.85 0.98
C HIS A 38 0.20 10.60 1.52
N PRO A 39 1.15 11.52 1.22
CA PRO A 39 2.54 11.39 1.66
C PRO A 39 2.68 11.53 3.18
N LYS A 40 3.51 10.66 3.76
CA LYS A 40 3.77 10.67 5.20
C LYS A 40 2.65 9.98 5.98
N ASN A 41 1.56 9.64 5.29
CA ASN A 41 0.44 8.98 5.95
C ASN A 41 0.75 7.53 6.31
N PHE A 42 0.57 6.64 5.34
CA PHE A 42 0.81 5.22 5.53
C PHE A 42 -0.36 4.57 6.29
N GLY A 43 -1.27 5.42 6.77
CA GLY A 43 -2.44 4.93 7.48
C GLY A 43 -3.61 4.77 6.53
N LEU A 44 -3.65 5.63 5.51
CA LEU A 44 -4.70 5.56 4.50
C LEU A 44 -4.49 4.37 3.61
N ILE A 45 -3.31 4.29 3.02
CA ILE A 45 -2.98 3.18 2.14
C ILE A 45 -3.17 1.88 2.88
N ALA A 46 -2.70 1.83 4.11
CA ALA A 46 -2.86 0.66 4.95
C ALA A 46 -4.31 0.53 5.41
N SER A 47 -5.17 1.42 4.91
CA SER A 47 -6.58 1.41 5.28
C SER A 47 -7.44 0.86 4.13
N PHE A 48 -7.07 1.19 2.90
CA PHE A 48 -7.83 0.71 1.75
C PHE A 48 -7.44 -0.74 1.43
N LEU A 49 -6.24 -1.13 1.85
CA LEU A 49 -5.76 -2.49 1.65
C LEU A 49 -5.41 -3.14 2.99
N GLU A 50 -6.36 -3.04 3.91
CA GLU A 50 -6.24 -3.57 5.27
C GLU A 50 -5.30 -4.78 5.37
N ARG A 51 -5.39 -5.69 4.40
CA ARG A 51 -4.55 -6.88 4.39
C ARG A 51 -3.10 -6.52 4.69
N LYS A 52 -2.73 -5.29 4.36
CA LYS A 52 -1.37 -4.80 4.59
C LYS A 52 -1.36 -3.83 5.77
N THR A 53 -0.43 -4.04 6.70
CA THR A 53 -0.32 -3.18 7.87
C THR A 53 0.51 -1.94 7.56
N VAL A 54 0.35 -0.92 8.39
CA VAL A 54 1.10 0.33 8.22
C VAL A 54 2.59 0.09 8.34
N ALA A 55 3.02 -0.35 9.52
CA ALA A 55 4.44 -0.62 9.76
C ALA A 55 4.93 -1.75 8.87
N GLU A 56 4.03 -2.68 8.56
CA GLU A 56 4.36 -3.80 7.70
C GLU A 56 4.46 -3.36 6.25
N CYS A 57 3.74 -2.29 5.91
CA CYS A 57 3.75 -1.77 4.55
C CYS A 57 5.15 -1.30 4.18
N VAL A 58 5.92 -0.90 5.18
CA VAL A 58 7.29 -0.45 4.95
C VAL A 58 8.05 -1.48 4.09
N LEU A 59 7.61 -2.73 4.17
CA LEU A 59 8.22 -3.81 3.42
C LEU A 59 8.11 -3.58 1.91
N TYR A 60 7.31 -2.59 1.50
CA TYR A 60 7.14 -2.28 0.09
C TYR A 60 7.75 -0.93 -0.27
N TYR A 61 8.09 -0.14 0.75
CA TYR A 61 8.66 1.20 0.52
C TYR A 61 10.18 1.16 0.58
N TYR A 62 10.75 0.28 1.41
CA TYR A 62 12.19 0.18 1.51
C TYR A 62 12.79 -0.18 0.16
N LEU A 63 11.96 -0.75 -0.72
CA LEU A 63 12.41 -1.10 -2.07
C LEU A 63 12.15 0.08 -3.01
N THR A 64 11.12 0.85 -2.69
CA THR A 64 10.77 2.02 -3.48
C THR A 64 11.79 3.13 -3.28
N LYS A 65 12.29 3.24 -2.06
CA LYS A 65 13.28 4.27 -1.73
C LYS A 65 14.69 3.79 -2.05
N LYS A 66 14.88 2.49 -2.10
CA LYS A 66 16.19 1.92 -2.41
C LYS A 66 16.69 2.38 -3.76
N ASN A 67 15.76 2.68 -4.66
CA ASN A 67 16.11 3.14 -6.01
C ASN A 67 15.56 4.54 -6.29
N GLU A 68 14.60 4.99 -5.49
CA GLU A 68 14.00 6.30 -5.68
C GLU A 68 14.54 7.30 -4.66
N ASN A 69 15.01 6.79 -3.53
CA ASN A 69 15.54 7.64 -2.47
C ASN A 69 14.48 8.61 -1.96
N TYR A 70 13.58 8.10 -1.12
CA TYR A 70 12.51 8.92 -0.56
C TYR A 70 11.89 8.25 0.67
N LYS A 71 11.89 8.96 1.79
CA LYS A 71 11.34 8.45 3.03
C LYS A 71 10.61 9.54 3.80
N ASN A 4 -24.10 -5.05 16.83
CA ASN A 4 -22.74 -4.82 16.36
C ASN A 4 -22.52 -5.47 14.99
N GLY A 5 -22.91 -4.78 13.94
CA GLY A 5 -22.75 -5.32 12.60
C GLY A 5 -22.14 -4.31 11.64
N LEU A 6 -20.85 -4.03 11.81
CA LEU A 6 -20.15 -3.08 10.96
C LEU A 6 -20.11 -3.58 9.52
N MET A 7 -20.08 -4.88 9.34
CA MET A 7 -20.03 -5.49 8.01
C MET A 7 -18.78 -5.05 7.26
N ALA A 8 -18.54 -5.66 6.11
CA ALA A 8 -17.39 -5.33 5.29
C ALA A 8 -17.41 -3.87 4.86
N ASP A 9 -16.49 -3.50 3.97
CA ASP A 9 -16.41 -2.13 3.48
C ASP A 9 -15.24 -1.96 2.51
N PRO A 10 -14.03 -2.35 2.94
CA PRO A 10 -12.82 -2.23 2.09
C PRO A 10 -13.02 -2.88 0.73
N MET A 11 -12.25 -2.43 -0.25
CA MET A 11 -12.33 -2.96 -1.60
C MET A 11 -10.96 -3.37 -2.09
N LYS A 12 -10.20 -2.44 -2.66
CA LYS A 12 -8.86 -2.72 -3.14
C LYS A 12 -8.05 -3.38 -2.04
N VAL A 13 -8.10 -4.70 -2.03
CA VAL A 13 -7.44 -5.49 -1.02
C VAL A 13 -7.64 -6.97 -1.31
N TYR A 14 -8.86 -7.30 -1.69
CA TYR A 14 -9.25 -8.66 -2.03
C TYR A 14 -8.19 -9.33 -2.91
N LYS A 15 -7.42 -8.53 -3.64
CA LYS A 15 -6.37 -9.04 -4.50
C LYS A 15 -4.98 -8.72 -3.92
N ASP A 16 -4.93 -7.67 -3.09
CA ASP A 16 -3.69 -7.25 -2.47
C ASP A 16 -3.17 -8.29 -1.48
N ARG A 17 -4.05 -9.18 -1.02
CA ARG A 17 -3.67 -10.22 -0.06
C ARG A 17 -2.41 -10.94 -0.51
N GLN A 18 -2.18 -11.00 -1.82
CA GLN A 18 -0.99 -11.64 -2.36
C GLN A 18 0.08 -10.60 -2.67
N VAL A 19 0.10 -9.56 -1.85
CA VAL A 19 1.07 -8.48 -2.00
C VAL A 19 1.96 -8.38 -0.77
N MET A 20 1.40 -8.71 0.40
CA MET A 20 2.17 -8.68 1.63
C MET A 20 3.52 -9.37 1.44
N ASN A 21 3.58 -10.30 0.49
CA ASN A 21 4.80 -11.02 0.19
C ASN A 21 5.16 -10.91 -1.29
N MET A 22 4.66 -9.87 -1.95
CA MET A 22 4.94 -9.66 -3.37
C MET A 22 4.09 -8.51 -3.93
N TRP A 23 4.60 -7.29 -3.82
CA TRP A 23 3.89 -6.13 -4.34
C TRP A 23 4.31 -5.93 -5.80
N SER A 24 3.47 -6.41 -6.69
CA SER A 24 3.73 -6.30 -8.13
C SER A 24 3.82 -4.85 -8.57
N GLU A 25 4.60 -4.61 -9.63
CA GLU A 25 4.76 -3.25 -10.16
C GLU A 25 3.39 -2.60 -10.37
N GLN A 26 2.40 -3.44 -10.68
CA GLN A 26 1.04 -2.96 -10.88
C GLN A 26 0.31 -2.84 -9.56
N GLU A 27 0.68 -3.69 -8.61
CA GLU A 27 0.08 -3.68 -7.29
C GLU A 27 0.58 -2.47 -6.51
N LYS A 28 1.90 -2.29 -6.50
CA LYS A 28 2.50 -1.14 -5.84
C LYS A 28 1.88 0.14 -6.42
N GLU A 29 1.29 0.00 -7.60
CA GLU A 29 0.65 1.13 -8.26
C GLU A 29 -0.47 1.69 -7.40
N THR A 30 -1.04 0.85 -6.54
CA THR A 30 -2.14 1.30 -5.69
C THR A 30 -1.63 1.80 -4.34
N PHE A 31 -0.79 1.02 -3.68
CA PHE A 31 -0.25 1.39 -2.38
C PHE A 31 0.84 2.44 -2.54
N ARG A 32 1.55 2.40 -3.67
CA ARG A 32 2.61 3.36 -3.91
C ARG A 32 2.05 4.66 -4.48
N GLU A 33 0.86 4.59 -5.07
CA GLU A 33 0.22 5.78 -5.64
C GLU A 33 -0.59 6.52 -4.58
N LYS A 34 -1.17 5.77 -3.65
CA LYS A 34 -1.96 6.37 -2.59
C LYS A 34 -1.03 7.00 -1.56
N PHE A 35 0.03 6.29 -1.22
CA PHE A 35 1.00 6.80 -0.26
C PHE A 35 1.66 8.03 -0.86
N MET A 36 1.75 8.03 -2.19
CA MET A 36 2.30 9.17 -2.89
C MET A 36 1.24 10.26 -2.92
N GLN A 37 -0.02 9.81 -2.93
CA GLN A 37 -1.18 10.68 -2.92
C GLN A 37 -1.32 11.34 -1.56
N HIS A 38 -1.02 10.54 -0.54
CA HIS A 38 -1.10 10.98 0.84
C HIS A 38 0.29 11.14 1.43
N PRO A 39 0.84 12.37 1.42
CA PRO A 39 2.18 12.67 1.94
C PRO A 39 2.48 11.99 3.26
N LYS A 40 3.22 10.88 3.18
CA LYS A 40 3.61 10.12 4.37
C LYS A 40 2.44 9.96 5.35
N ASN A 41 1.73 8.84 5.26
CA ASN A 41 0.61 8.58 6.15
C ASN A 41 0.53 7.10 6.50
N PHE A 42 0.46 6.27 5.48
CA PHE A 42 0.35 4.83 5.67
C PHE A 42 -0.95 4.46 6.41
N GLY A 43 -1.77 5.46 6.71
CA GLY A 43 -3.03 5.22 7.38
C GLY A 43 -4.14 4.98 6.39
N LEU A 44 -4.14 5.76 5.31
CA LEU A 44 -5.16 5.60 4.28
C LEU A 44 -4.89 4.34 3.48
N ILE A 45 -3.64 4.17 3.06
CA ILE A 45 -3.26 2.99 2.30
C ILE A 45 -3.52 1.76 3.13
N ALA A 46 -2.89 1.70 4.29
CA ALA A 46 -3.09 0.58 5.21
C ALA A 46 -4.55 0.46 5.60
N SER A 47 -5.36 1.46 5.21
CA SER A 47 -6.79 1.44 5.52
C SER A 47 -7.61 0.86 4.37
N PHE A 48 -7.19 1.15 3.14
CA PHE A 48 -7.90 0.63 1.98
C PHE A 48 -7.44 -0.80 1.66
N LEU A 49 -6.15 -1.08 1.91
CA LEU A 49 -5.61 -2.41 1.69
C LEU A 49 -5.30 -3.06 3.03
N GLU A 50 -6.30 -3.05 3.91
CA GLU A 50 -6.23 -3.61 5.26
C GLU A 50 -5.30 -4.81 5.35
N ARG A 51 -5.31 -5.67 4.33
CA ARG A 51 -4.47 -6.86 4.31
C ARG A 51 -3.04 -6.51 4.73
N LYS A 52 -2.65 -5.26 4.48
CA LYS A 52 -1.33 -4.77 4.83
C LYS A 52 -1.39 -3.97 6.13
N THR A 53 -0.37 -3.15 6.37
CA THR A 53 -0.31 -2.33 7.58
C THR A 53 0.66 -1.17 7.38
N VAL A 54 0.64 -0.22 8.33
CA VAL A 54 1.53 0.93 8.24
C VAL A 54 2.98 0.49 8.38
N ALA A 55 3.33 -0.05 9.54
CA ALA A 55 4.69 -0.52 9.79
C ALA A 55 4.98 -1.79 8.98
N GLU A 56 3.94 -2.37 8.39
CA GLU A 56 4.10 -3.57 7.59
C GLU A 56 4.18 -3.25 6.10
N CYS A 57 3.64 -2.10 5.70
CA CYS A 57 3.67 -1.70 4.31
C CYS A 57 5.06 -1.22 3.92
N VAL A 58 5.80 -0.68 4.90
CA VAL A 58 7.15 -0.20 4.65
C VAL A 58 7.95 -1.25 3.89
N LEU A 59 7.66 -2.51 4.18
CA LEU A 59 8.35 -3.62 3.53
C LEU A 59 8.35 -3.45 2.02
N TYR A 60 7.32 -2.82 1.49
CA TYR A 60 7.20 -2.60 0.05
C TYR A 60 7.97 -1.36 -0.41
N TYR A 61 8.55 -0.61 0.54
CA TYR A 61 9.29 0.60 0.19
C TYR A 61 10.72 0.25 -0.23
N TYR A 62 11.39 -0.57 0.59
CA TYR A 62 12.75 -0.97 0.25
C TYR A 62 12.72 -2.06 -0.82
N LEU A 63 11.52 -2.54 -1.14
CA LEU A 63 11.33 -3.54 -2.17
C LEU A 63 11.31 -2.87 -3.52
N THR A 64 10.57 -1.76 -3.59
CA THR A 64 10.45 -0.97 -4.81
C THR A 64 11.81 -0.53 -5.31
N LYS A 65 12.66 -0.08 -4.39
CA LYS A 65 14.00 0.38 -4.74
C LYS A 65 14.99 -0.79 -4.81
N LYS A 66 14.51 -1.99 -4.51
CA LYS A 66 15.36 -3.18 -4.55
C LYS A 66 15.77 -3.51 -5.97
N ASN A 67 14.89 -3.22 -6.93
CA ASN A 67 15.17 -3.49 -8.34
C ASN A 67 15.07 -2.22 -9.18
N GLU A 68 14.62 -1.12 -8.56
CA GLU A 68 14.48 0.15 -9.28
C GLU A 68 15.49 1.18 -8.78
N ASN A 69 15.83 1.08 -7.49
CA ASN A 69 16.78 2.01 -6.89
C ASN A 69 16.30 3.45 -7.03
N TYR A 70 15.58 3.93 -6.02
CA TYR A 70 15.07 5.29 -6.03
C TYR A 70 14.81 5.79 -4.60
N LYS A 71 15.51 6.86 -4.24
CA LYS A 71 15.37 7.44 -2.90
C LYS A 71 15.58 8.94 -2.94
N ASN A 4 -20.76 9.99 -1.38
CA ASN A 4 -20.38 9.54 -0.05
C ASN A 4 -19.36 10.47 0.57
N GLY A 5 -18.40 10.91 -0.24
CA GLY A 5 -17.36 11.81 0.26
C GLY A 5 -16.13 11.81 -0.62
N LEU A 6 -15.06 11.18 -0.15
CA LEU A 6 -13.81 11.11 -0.89
C LEU A 6 -13.55 9.69 -1.39
N MET A 7 -13.97 8.71 -0.60
CA MET A 7 -13.77 7.31 -0.95
C MET A 7 -14.41 6.39 0.08
N ALA A 8 -14.70 5.16 -0.33
CA ALA A 8 -15.31 4.18 0.57
C ALA A 8 -15.36 2.80 -0.08
N ASP A 9 -15.85 1.82 0.67
CA ASP A 9 -15.95 0.45 0.17
C ASP A 9 -14.57 -0.10 -0.19
N PRO A 10 -13.91 -0.77 0.76
CA PRO A 10 -12.58 -1.34 0.55
C PRO A 10 -12.50 -2.18 -0.73
N MET A 11 -11.48 -1.91 -1.54
CA MET A 11 -11.29 -2.63 -2.80
C MET A 11 -9.90 -3.22 -2.88
N LYS A 12 -8.93 -2.41 -3.30
CA LYS A 12 -7.54 -2.89 -3.42
C LYS A 12 -7.14 -3.65 -2.18
N VAL A 13 -7.28 -4.96 -2.26
CA VAL A 13 -6.96 -5.83 -1.16
C VAL A 13 -7.28 -7.27 -1.55
N TYR A 14 -8.46 -7.45 -2.14
CA TYR A 14 -8.91 -8.74 -2.64
C TYR A 14 -7.80 -9.45 -3.40
N LYS A 15 -6.91 -8.67 -3.99
CA LYS A 15 -5.78 -9.21 -4.74
C LYS A 15 -4.48 -8.97 -3.98
N ASP A 16 -4.46 -7.88 -3.21
CA ASP A 16 -3.30 -7.52 -2.41
C ASP A 16 -2.92 -8.64 -1.44
N ARG A 17 -3.86 -9.56 -1.18
CA ARG A 17 -3.60 -10.67 -0.27
C ARG A 17 -2.30 -11.39 -0.66
N GLN A 18 -1.99 -11.38 -1.94
CA GLN A 18 -0.77 -12.02 -2.43
C GLN A 18 0.27 -10.96 -2.75
N VAL A 19 0.22 -9.87 -2.00
CA VAL A 19 1.14 -8.76 -2.15
C VAL A 19 1.95 -8.58 -0.88
N MET A 20 1.32 -8.87 0.25
CA MET A 20 2.00 -8.76 1.55
C MET A 20 3.41 -9.35 1.45
N ASN A 21 3.58 -10.31 0.54
CA ASN A 21 4.86 -10.96 0.32
C ASN A 21 5.26 -10.88 -1.15
N MET A 22 4.76 -9.87 -1.85
CA MET A 22 5.06 -9.66 -3.27
C MET A 22 4.11 -8.63 -3.88
N TRP A 23 4.35 -7.37 -3.58
CA TRP A 23 3.54 -6.29 -4.14
C TRP A 23 3.86 -6.14 -5.60
N SER A 24 2.92 -6.54 -6.43
CA SER A 24 3.10 -6.49 -7.88
C SER A 24 3.29 -5.06 -8.36
N GLU A 25 4.07 -4.91 -9.43
CA GLU A 25 4.32 -3.58 -9.99
C GLU A 25 3.00 -2.85 -10.20
N GLN A 26 1.95 -3.63 -10.42
CA GLN A 26 0.61 -3.08 -10.63
C GLN A 26 -0.09 -2.88 -9.29
N GLU A 27 0.24 -3.73 -8.32
CA GLU A 27 -0.36 -3.64 -7.01
C GLU A 27 0.23 -2.45 -6.26
N LYS A 28 1.56 -2.36 -6.24
CA LYS A 28 2.24 -1.23 -5.61
C LYS A 28 1.71 0.07 -6.22
N GLU A 29 1.12 -0.05 -7.40
CA GLU A 29 0.56 1.11 -8.09
C GLU A 29 -0.56 1.75 -7.29
N THR A 30 -1.23 0.95 -6.46
CA THR A 30 -2.34 1.47 -5.66
C THR A 30 -1.85 2.01 -4.31
N PHE A 31 -1.07 1.21 -3.60
CA PHE A 31 -0.54 1.62 -2.30
C PHE A 31 0.55 2.67 -2.48
N ARG A 32 1.31 2.56 -3.57
CA ARG A 32 2.38 3.53 -3.83
C ARG A 32 1.81 4.83 -4.39
N GLU A 33 0.67 4.73 -5.07
CA GLU A 33 0.04 5.93 -5.66
C GLU A 33 -0.73 6.69 -4.60
N LYS A 34 -1.36 5.98 -3.68
CA LYS A 34 -2.12 6.61 -2.62
C LYS A 34 -1.18 7.34 -1.68
N PHE A 35 -0.03 6.72 -1.40
CA PHE A 35 0.96 7.33 -0.53
C PHE A 35 1.48 8.59 -1.19
N MET A 36 1.51 8.56 -2.52
CA MET A 36 1.92 9.73 -3.27
C MET A 36 0.78 10.75 -3.22
N GLN A 37 -0.43 10.22 -3.08
CA GLN A 37 -1.64 11.02 -2.98
C GLN A 37 -1.72 11.67 -1.61
N HIS A 38 -1.32 10.90 -0.60
CA HIS A 38 -1.34 11.34 0.78
C HIS A 38 0.08 11.65 1.27
N PRO A 39 0.46 12.95 1.25
CA PRO A 39 1.79 13.39 1.68
C PRO A 39 2.31 12.67 2.92
N LYS A 40 3.06 11.59 2.70
CA LYS A 40 3.63 10.81 3.79
C LYS A 40 2.66 10.60 4.94
N ASN A 41 2.04 9.42 4.98
CA ASN A 41 1.10 9.10 6.04
C ASN A 41 1.19 7.63 6.43
N PHE A 42 1.00 6.74 5.47
CA PHE A 42 1.06 5.31 5.71
C PHE A 42 -0.12 4.82 6.55
N GLY A 43 -0.99 5.75 6.95
CA GLY A 43 -2.15 5.38 7.75
C GLY A 43 -3.34 5.10 6.88
N LEU A 44 -3.44 5.80 5.76
CA LEU A 44 -4.56 5.60 4.83
C LEU A 44 -4.29 4.40 3.93
N ILE A 45 -3.12 4.38 3.31
CA ILE A 45 -2.76 3.28 2.43
C ILE A 45 -2.89 1.96 3.16
N ALA A 46 -2.46 1.94 4.40
CA ALA A 46 -2.58 0.75 5.23
C ALA A 46 -4.00 0.60 5.75
N SER A 47 -4.92 1.40 5.20
CA SER A 47 -6.32 1.36 5.61
C SER A 47 -7.21 0.88 4.48
N PHE A 48 -6.86 1.21 3.23
CA PHE A 48 -7.66 0.78 2.10
C PHE A 48 -7.35 -0.67 1.74
N LEU A 49 -6.12 -1.10 2.03
CA LEU A 49 -5.69 -2.47 1.77
C LEU A 49 -5.48 -3.19 3.10
N GLU A 50 -6.49 -3.09 3.96
CA GLU A 50 -6.49 -3.70 5.30
C GLU A 50 -5.59 -4.94 5.40
N ARG A 51 -5.62 -5.78 4.37
CA ARG A 51 -4.81 -7.00 4.36
C ARG A 51 -3.37 -6.69 4.81
N LYS A 52 -2.94 -5.46 4.57
CA LYS A 52 -1.60 -5.02 4.94
C LYS A 52 -1.64 -4.26 6.26
N THR A 53 -0.59 -3.50 6.54
CA THR A 53 -0.51 -2.71 7.77
C THR A 53 0.43 -1.54 7.59
N VAL A 54 0.37 -0.57 8.51
CA VAL A 54 1.24 0.60 8.43
C VAL A 54 2.69 0.21 8.69
N ALA A 55 2.90 -0.66 9.68
CA ALA A 55 4.23 -1.12 10.02
C ALA A 55 4.68 -2.22 9.08
N GLU A 56 3.71 -2.92 8.49
CA GLU A 56 4.00 -4.00 7.56
C GLU A 56 4.13 -3.48 6.13
N CYS A 57 3.47 -2.36 5.85
CA CYS A 57 3.51 -1.75 4.53
C CYS A 57 4.94 -1.39 4.16
N VAL A 58 5.76 -1.14 5.18
CA VAL A 58 7.16 -0.80 4.95
C VAL A 58 7.86 -1.88 4.12
N LEU A 59 7.25 -3.06 4.07
CA LEU A 59 7.81 -4.18 3.31
C LEU A 59 7.64 -3.97 1.79
N TYR A 60 7.02 -2.85 1.41
CA TYR A 60 6.82 -2.54 0.00
C TYR A 60 7.54 -1.24 -0.38
N TYR A 61 8.01 -0.49 0.61
CA TYR A 61 8.69 0.77 0.35
C TYR A 61 10.19 0.57 0.17
N TYR A 62 10.76 -0.44 0.83
CA TYR A 62 12.19 -0.70 0.69
C TYR A 62 12.48 -1.51 -0.57
N LEU A 63 11.43 -1.87 -1.29
CA LEU A 63 11.56 -2.63 -2.53
C LEU A 63 11.35 -1.70 -3.71
N THR A 64 10.44 -0.75 -3.54
CA THR A 64 10.13 0.23 -4.57
C THR A 64 11.26 1.25 -4.70
N LYS A 65 12.00 1.47 -3.61
CA LYS A 65 13.09 2.42 -3.63
C LYS A 65 14.42 1.72 -3.94
N LYS A 66 14.49 0.44 -3.63
CA LYS A 66 15.71 -0.33 -3.89
C LYS A 66 16.03 -0.37 -5.38
N ASN A 67 15.01 -0.11 -6.21
CA ASN A 67 15.19 -0.13 -7.66
C ASN A 67 14.87 1.23 -8.28
N GLU A 68 14.07 2.04 -7.57
CA GLU A 68 13.70 3.36 -8.08
C GLU A 68 14.46 4.46 -7.35
N ASN A 69 14.70 4.26 -6.06
CA ASN A 69 15.43 5.24 -5.26
C ASN A 69 14.68 6.56 -5.21
N TYR A 70 13.51 6.55 -4.58
CA TYR A 70 12.69 7.76 -4.47
C TYR A 70 12.91 8.44 -3.12
N LYS A 71 14.14 8.40 -2.64
CA LYS A 71 14.49 9.01 -1.37
C LYS A 71 14.27 10.53 -1.42
N ASN A 4 -11.37 1.54 15.52
CA ASN A 4 -11.46 2.74 14.69
C ASN A 4 -12.45 2.55 13.55
N GLY A 5 -12.70 3.61 12.79
CA GLY A 5 -13.63 3.53 11.67
C GLY A 5 -14.94 4.23 11.98
N LEU A 6 -15.72 4.50 10.94
CA LEU A 6 -17.01 5.16 11.10
C LEU A 6 -17.84 5.05 9.83
N MET A 7 -17.30 5.58 8.73
CA MET A 7 -18.00 5.54 7.45
C MET A 7 -17.02 5.23 6.31
N ALA A 8 -16.66 3.96 6.18
CA ALA A 8 -15.73 3.53 5.14
C ALA A 8 -16.21 2.25 4.47
N ASP A 9 -15.37 1.68 3.61
CA ASP A 9 -15.71 0.46 2.90
C ASP A 9 -14.49 -0.12 2.20
N PRO A 10 -13.71 -0.96 2.90
CA PRO A 10 -12.51 -1.59 2.34
C PRO A 10 -12.78 -2.28 1.01
N MET A 11 -12.01 -1.91 -0.01
CA MET A 11 -12.17 -2.50 -1.34
C MET A 11 -10.85 -3.02 -1.85
N LYS A 12 -10.04 -2.15 -2.45
CA LYS A 12 -8.74 -2.55 -2.97
C LYS A 12 -7.96 -3.32 -1.92
N VAL A 13 -8.00 -4.65 -2.01
CA VAL A 13 -7.32 -5.51 -1.06
C VAL A 13 -7.54 -6.97 -1.42
N TYR A 14 -8.79 -7.30 -1.71
CA TYR A 14 -9.21 -8.64 -2.09
C TYR A 14 -8.16 -9.32 -2.97
N LYS A 15 -7.46 -8.53 -3.78
CA LYS A 15 -6.43 -9.05 -4.67
C LYS A 15 -5.04 -8.77 -4.12
N ASP A 16 -4.94 -7.77 -3.26
CA ASP A 16 -3.66 -7.38 -2.66
C ASP A 16 -3.21 -8.40 -1.62
N ARG A 17 -4.11 -9.27 -1.17
CA ARG A 17 -3.78 -10.27 -0.16
C ARG A 17 -2.50 -11.02 -0.52
N GLN A 18 -2.20 -11.10 -1.82
CA GLN A 18 -0.99 -11.77 -2.28
C GLN A 18 0.09 -10.74 -2.56
N VAL A 19 0.06 -9.67 -1.78
CA VAL A 19 1.03 -8.59 -1.91
C VAL A 19 1.90 -8.52 -0.68
N MET A 20 1.34 -8.89 0.47
CA MET A 20 2.10 -8.88 1.72
C MET A 20 3.46 -9.52 1.52
N ASN A 21 3.55 -10.41 0.53
CA ASN A 21 4.80 -11.09 0.22
C ASN A 21 5.14 -10.96 -1.26
N MET A 22 4.64 -9.90 -1.90
CA MET A 22 4.90 -9.66 -3.32
C MET A 22 4.04 -8.53 -3.87
N TRP A 23 4.52 -7.31 -3.74
CA TRP A 23 3.79 -6.17 -4.27
C TRP A 23 4.22 -5.95 -5.71
N SER A 24 3.39 -6.41 -6.62
CA SER A 24 3.68 -6.31 -8.05
C SER A 24 3.81 -4.85 -8.49
N GLU A 25 4.62 -4.62 -9.52
CA GLU A 25 4.81 -3.28 -10.05
C GLU A 25 3.47 -2.61 -10.30
N GLN A 26 2.47 -3.44 -10.60
CA GLN A 26 1.12 -2.95 -10.86
C GLN A 26 0.35 -2.83 -9.55
N GLU A 27 0.69 -3.67 -8.58
CA GLU A 27 0.04 -3.65 -7.29
C GLU A 27 0.55 -2.46 -6.49
N LYS A 28 1.87 -2.32 -6.42
CA LYS A 28 2.47 -1.18 -5.74
C LYS A 28 1.91 0.11 -6.33
N GLU A 29 1.37 -0.01 -7.54
CA GLU A 29 0.79 1.14 -8.23
C GLU A 29 -0.36 1.74 -7.41
N THR A 30 -1.00 0.92 -6.59
CA THR A 30 -2.11 1.40 -5.79
C THR A 30 -1.65 1.90 -4.42
N PHE A 31 -0.87 1.11 -3.72
CA PHE A 31 -0.36 1.47 -2.40
C PHE A 31 0.75 2.50 -2.52
N ARG A 32 1.48 2.45 -3.63
CA ARG A 32 2.58 3.40 -3.85
C ARG A 32 2.06 4.71 -4.42
N GLU A 33 0.93 4.64 -5.14
CA GLU A 33 0.33 5.84 -5.73
C GLU A 33 -0.51 6.58 -4.70
N LYS A 34 -1.17 5.83 -3.82
CA LYS A 34 -1.99 6.43 -2.80
C LYS A 34 -1.10 7.21 -1.84
N PHE A 35 0.04 6.64 -1.52
CA PHE A 35 1.00 7.28 -0.63
C PHE A 35 1.50 8.55 -1.31
N MET A 36 1.55 8.51 -2.63
CA MET A 36 1.96 9.67 -3.40
C MET A 36 0.80 10.66 -3.40
N GLN A 37 -0.40 10.10 -3.26
CA GLN A 37 -1.64 10.88 -3.22
C GLN A 37 -1.78 11.54 -1.85
N HIS A 38 -1.42 10.78 -0.83
CA HIS A 38 -1.50 11.24 0.55
C HIS A 38 -0.12 11.64 1.07
N PRO A 39 0.10 12.94 1.34
CA PRO A 39 1.40 13.46 1.82
C PRO A 39 1.89 12.75 3.08
N LYS A 40 2.76 11.76 2.89
CA LYS A 40 3.35 11.00 4.00
C LYS A 40 2.33 10.69 5.10
N ASN A 41 1.80 9.48 5.10
CA ASN A 41 0.83 9.07 6.10
C ASN A 41 1.00 7.59 6.45
N PHE A 42 0.79 6.73 5.46
CA PHE A 42 0.92 5.29 5.66
C PHE A 42 -0.27 4.73 6.45
N GLY A 43 -1.16 5.61 6.89
CA GLY A 43 -2.32 5.18 7.64
C GLY A 43 -3.48 4.86 6.73
N LEU A 44 -3.54 5.55 5.59
CA LEU A 44 -4.61 5.33 4.62
C LEU A 44 -4.27 4.15 3.73
N ILE A 45 -3.09 4.19 3.12
CA ILE A 45 -2.65 3.13 2.25
C ILE A 45 -2.73 1.79 2.97
N ALA A 46 -2.26 1.77 4.20
CA ALA A 46 -2.32 0.56 5.00
C ALA A 46 -3.72 0.39 5.59
N SER A 47 -4.67 1.16 5.07
CA SER A 47 -6.05 1.09 5.54
C SER A 47 -7.00 0.64 4.43
N PHE A 48 -6.69 1.03 3.19
CA PHE A 48 -7.54 0.64 2.07
C PHE A 48 -7.26 -0.80 1.65
N LEU A 49 -6.03 -1.26 1.92
CA LEU A 49 -5.63 -2.63 1.59
C LEU A 49 -5.40 -3.42 2.88
N GLU A 50 -6.34 -3.26 3.81
CA GLU A 50 -6.32 -3.91 5.13
C GLU A 50 -5.26 -5.01 5.27
N ARG A 51 -5.29 -5.99 4.38
CA ARG A 51 -4.34 -7.10 4.42
C ARG A 51 -2.93 -6.60 4.73
N LYS A 52 -2.65 -5.37 4.31
CA LYS A 52 -1.34 -4.76 4.55
C LYS A 52 -1.43 -3.77 5.70
N THR A 53 -0.53 -3.91 6.66
CA THR A 53 -0.51 -3.02 7.82
C THR A 53 0.36 -1.80 7.55
N VAL A 54 0.29 -0.81 8.44
CA VAL A 54 1.09 0.40 8.28
C VAL A 54 2.57 0.09 8.45
N ALA A 55 2.92 -0.55 9.55
CA ALA A 55 4.30 -0.92 9.82
C ALA A 55 4.72 -2.07 8.91
N GLU A 56 3.76 -2.91 8.56
CA GLU A 56 4.01 -4.05 7.68
C GLU A 56 4.16 -3.57 6.24
N CYS A 57 3.47 -2.48 5.92
CA CYS A 57 3.53 -1.91 4.57
C CYS A 57 4.95 -1.49 4.24
N VAL A 58 5.73 -1.18 5.28
CA VAL A 58 7.11 -0.78 5.10
C VAL A 58 7.88 -1.82 4.28
N LEU A 59 7.34 -3.04 4.26
CA LEU A 59 7.94 -4.14 3.51
C LEU A 59 7.87 -3.90 2.00
N TYR A 60 7.13 -2.87 1.59
CA TYR A 60 6.99 -2.56 0.16
C TYR A 60 7.70 -1.25 -0.19
N TYR A 61 8.06 -0.46 0.82
CA TYR A 61 8.70 0.82 0.58
C TYR A 61 10.22 0.68 0.54
N TYR A 62 10.77 -0.26 1.30
CA TYR A 62 12.21 -0.46 1.31
C TYR A 62 12.68 -1.15 0.02
N LEU A 63 11.72 -1.60 -0.78
CA LEU A 63 12.02 -2.25 -2.06
C LEU A 63 11.82 -1.24 -3.19
N THR A 64 10.87 -0.34 -2.98
CA THR A 64 10.57 0.70 -3.96
C THR A 64 11.67 1.75 -3.97
N LYS A 65 12.33 1.93 -2.83
CA LYS A 65 13.40 2.91 -2.70
C LYS A 65 14.77 2.26 -2.92
N LYS A 66 14.83 0.94 -2.78
CA LYS A 66 16.08 0.21 -2.98
C LYS A 66 16.65 0.46 -4.38
N ASN A 67 15.78 0.80 -5.32
CA ASN A 67 16.21 1.07 -6.69
C ASN A 67 15.80 2.47 -7.15
N GLU A 68 14.77 3.03 -6.53
CA GLU A 68 14.31 4.37 -6.90
C GLU A 68 14.88 5.43 -5.97
N ASN A 69 15.11 5.05 -4.72
CA ASN A 69 15.66 5.98 -3.73
C ASN A 69 14.71 7.16 -3.51
N TYR A 70 13.71 6.97 -2.66
CA TYR A 70 12.75 8.02 -2.35
C TYR A 70 12.13 7.81 -0.98
N LYS A 71 12.31 8.78 -0.10
CA LYS A 71 11.76 8.70 1.25
C LYS A 71 11.09 10.01 1.65
N ASN A 4 -24.60 8.16 -2.37
CA ASN A 4 -24.62 7.73 -0.98
C ASN A 4 -24.40 8.91 -0.04
N GLY A 5 -24.20 8.61 1.24
CA GLY A 5 -23.97 9.66 2.22
C GLY A 5 -22.51 9.77 2.62
N LEU A 6 -21.62 9.39 1.72
CA LEU A 6 -20.19 9.45 1.98
C LEU A 6 -19.82 8.57 3.18
N MET A 7 -19.35 7.36 2.89
CA MET A 7 -18.96 6.43 3.94
C MET A 7 -17.84 5.51 3.47
N ALA A 8 -16.98 5.11 4.39
CA ALA A 8 -15.86 4.24 4.06
C ALA A 8 -16.35 2.90 3.52
N ASP A 9 -15.44 2.15 2.91
CA ASP A 9 -15.79 0.84 2.34
C ASP A 9 -14.54 0.16 1.76
N PRO A 10 -13.82 -0.61 2.61
CA PRO A 10 -12.61 -1.31 2.17
C PRO A 10 -12.85 -2.16 0.93
N MET A 11 -12.07 -1.90 -0.11
CA MET A 11 -12.19 -2.63 -1.37
C MET A 11 -10.85 -3.17 -1.81
N LYS A 12 -10.06 -2.35 -2.48
CA LYS A 12 -8.74 -2.78 -2.95
C LYS A 12 -7.97 -3.47 -1.85
N VAL A 13 -7.95 -4.80 -1.91
CA VAL A 13 -7.26 -5.59 -0.93
C VAL A 13 -7.47 -7.08 -1.21
N TYR A 14 -8.72 -7.41 -1.52
CA TYR A 14 -9.13 -8.77 -1.87
C TYR A 14 -8.07 -9.44 -2.72
N LYS A 15 -7.41 -8.66 -3.58
CA LYS A 15 -6.36 -9.17 -4.45
C LYS A 15 -4.98 -8.86 -3.85
N ASP A 16 -4.92 -7.77 -3.09
CA ASP A 16 -3.68 -7.34 -2.46
C ASP A 16 -3.15 -8.41 -1.50
N ARG A 17 -4.02 -9.31 -1.06
CA ARG A 17 -3.63 -10.37 -0.13
C ARG A 17 -2.34 -11.07 -0.58
N GLN A 18 -2.10 -11.07 -1.89
CA GLN A 18 -0.90 -11.69 -2.44
C GLN A 18 0.15 -10.64 -2.73
N VAL A 19 0.15 -9.60 -1.90
CA VAL A 19 1.10 -8.50 -2.03
C VAL A 19 1.97 -8.40 -0.78
N MET A 20 1.40 -8.75 0.37
CA MET A 20 2.15 -8.70 1.62
C MET A 20 3.52 -9.34 1.44
N ASN A 21 3.61 -10.27 0.47
CA ASN A 21 4.85 -10.96 0.18
C ASN A 21 5.22 -10.83 -1.29
N MET A 22 4.71 -9.80 -1.95
CA MET A 22 5.00 -9.57 -3.37
C MET A 22 4.13 -8.46 -3.93
N TRP A 23 4.59 -7.22 -3.80
CA TRP A 23 3.87 -6.08 -4.33
C TRP A 23 4.31 -5.85 -5.77
N SER A 24 3.49 -6.33 -6.69
CA SER A 24 3.78 -6.21 -8.12
C SER A 24 3.87 -4.76 -8.57
N GLU A 25 4.64 -4.50 -9.62
CA GLU A 25 4.79 -3.16 -10.15
C GLU A 25 3.42 -2.52 -10.37
N GLN A 26 2.44 -3.37 -10.69
CA GLN A 26 1.08 -2.90 -10.91
C GLN A 26 0.34 -2.78 -9.59
N GLU A 27 0.71 -3.63 -8.63
CA GLU A 27 0.10 -3.61 -7.32
C GLU A 27 0.60 -2.41 -6.55
N LYS A 28 1.92 -2.23 -6.54
CA LYS A 28 2.53 -1.08 -5.88
C LYS A 28 1.93 0.19 -6.46
N GLU A 29 1.31 0.07 -7.63
CA GLU A 29 0.68 1.20 -8.29
C GLU A 29 -0.46 1.74 -7.45
N THR A 30 -1.03 0.89 -6.60
CA THR A 30 -2.15 1.33 -5.76
C THR A 30 -1.67 1.84 -4.41
N PHE A 31 -0.81 1.08 -3.75
CA PHE A 31 -0.28 1.47 -2.45
C PHE A 31 0.78 2.55 -2.60
N ARG A 32 1.53 2.50 -3.71
CA ARG A 32 2.56 3.48 -3.95
C ARG A 32 1.97 4.78 -4.50
N GLU A 33 0.78 4.68 -5.11
CA GLU A 33 0.12 5.85 -5.68
C GLU A 33 -0.67 6.59 -4.62
N LYS A 34 -1.28 5.84 -3.70
CA LYS A 34 -2.05 6.44 -2.64
C LYS A 34 -1.11 7.05 -1.61
N PHE A 35 -0.04 6.35 -1.28
CA PHE A 35 0.94 6.85 -0.34
C PHE A 35 1.59 8.08 -0.92
N MET A 36 1.67 8.11 -2.26
CA MET A 36 2.20 9.26 -2.95
C MET A 36 1.12 10.34 -2.96
N GLN A 37 -0.12 9.87 -2.97
CA GLN A 37 -1.29 10.74 -2.96
C GLN A 37 -1.43 11.38 -1.59
N HIS A 38 -1.12 10.59 -0.57
CA HIS A 38 -1.20 11.02 0.81
C HIS A 38 0.20 11.20 1.40
N PRO A 39 0.72 12.45 1.36
CA PRO A 39 2.05 12.77 1.87
C PRO A 39 2.43 12.02 3.15
N LYS A 40 3.15 10.91 2.98
CA LYS A 40 3.60 10.09 4.10
C LYS A 40 2.52 9.92 5.15
N ASN A 41 1.78 8.83 5.07
CA ASN A 41 0.71 8.56 6.02
C ASN A 41 0.66 7.08 6.41
N PHE A 42 0.53 6.22 5.40
CA PHE A 42 0.45 4.78 5.62
C PHE A 42 -0.82 4.41 6.37
N GLY A 43 -1.64 5.41 6.68
CA GLY A 43 -2.89 5.17 7.38
C GLY A 43 -4.02 4.94 6.41
N LEU A 44 -4.09 5.77 5.37
CA LEU A 44 -5.13 5.62 4.37
C LEU A 44 -4.90 4.36 3.56
N ILE A 45 -3.69 4.23 3.02
CA ILE A 45 -3.35 3.06 2.25
C ILE A 45 -3.63 1.81 3.06
N ALA A 46 -3.06 1.78 4.26
CA ALA A 46 -3.27 0.67 5.17
C ALA A 46 -4.75 0.52 5.51
N SER A 47 -5.55 1.50 5.07
CA SER A 47 -6.99 1.49 5.33
C SER A 47 -7.74 0.85 4.17
N PHE A 48 -7.30 1.13 2.94
CA PHE A 48 -7.95 0.56 1.76
C PHE A 48 -7.43 -0.85 1.50
N LEU A 49 -6.14 -1.07 1.78
CA LEU A 49 -5.53 -2.39 1.62
C LEU A 49 -5.20 -2.98 2.99
N GLU A 50 -6.20 -2.91 3.88
CA GLU A 50 -6.09 -3.40 5.26
C GLU A 50 -5.06 -4.52 5.44
N ARG A 51 -5.06 -5.47 4.52
CA ARG A 51 -4.13 -6.59 4.59
C ARG A 51 -2.70 -6.12 4.88
N LYS A 52 -2.42 -4.87 4.51
CA LYS A 52 -1.11 -4.28 4.72
C LYS A 52 -1.16 -3.21 5.80
N THR A 53 -0.50 -3.47 6.92
CA THR A 53 -0.46 -2.53 8.02
C THR A 53 0.54 -1.40 7.74
N VAL A 54 0.53 -0.37 8.56
CA VAL A 54 1.44 0.75 8.37
C VAL A 54 2.89 0.29 8.47
N ALA A 55 3.24 -0.32 9.59
CA ALA A 55 4.59 -0.82 9.80
C ALA A 55 4.88 -2.03 8.91
N GLU A 56 3.81 -2.67 8.43
CA GLU A 56 3.95 -3.84 7.58
C GLU A 56 4.07 -3.43 6.11
N CYS A 57 3.52 -2.27 5.77
CA CYS A 57 3.58 -1.77 4.40
C CYS A 57 5.00 -1.34 4.05
N VAL A 58 5.79 -1.02 5.08
CA VAL A 58 7.17 -0.63 4.90
C VAL A 58 7.93 -1.69 4.10
N LEU A 59 7.42 -2.92 4.14
CA LEU A 59 8.03 -4.03 3.42
C LEU A 59 7.94 -3.86 1.91
N TYR A 60 7.22 -2.85 1.46
CA TYR A 60 7.08 -2.60 0.02
C TYR A 60 7.88 -1.37 -0.43
N TYR A 61 8.58 -0.73 0.51
CA TYR A 61 9.37 0.46 0.17
C TYR A 61 10.86 0.12 0.12
N TYR A 62 11.34 -0.63 1.11
CA TYR A 62 12.74 -1.00 1.16
C TYR A 62 13.00 -2.33 0.45
N LEU A 63 11.93 -2.94 -0.07
CA LEU A 63 12.06 -4.19 -0.80
C LEU A 63 12.02 -3.92 -2.30
N THR A 64 11.15 -2.98 -2.68
CA THR A 64 11.01 -2.59 -4.08
C THR A 64 12.26 -1.86 -4.55
N LYS A 65 12.94 -1.20 -3.62
CA LYS A 65 14.17 -0.46 -3.93
C LYS A 65 15.40 -1.29 -3.61
N LYS A 66 15.19 -2.54 -3.20
CA LYS A 66 16.32 -3.43 -2.89
C LYS A 66 16.75 -4.18 -4.15
N ASN A 67 16.81 -3.45 -5.26
CA ASN A 67 17.21 -4.02 -6.54
C ASN A 67 17.11 -2.96 -7.64
N GLU A 68 16.18 -2.03 -7.48
CA GLU A 68 15.99 -0.96 -8.47
C GLU A 68 16.46 0.38 -7.92
N ASN A 69 16.35 0.54 -6.60
CA ASN A 69 16.76 1.78 -5.94
C ASN A 69 15.95 2.95 -6.47
N TYR A 70 14.85 3.26 -5.79
CA TYR A 70 13.99 4.37 -6.18
C TYR A 70 13.23 4.92 -4.99
N LYS A 71 13.48 6.18 -4.67
CA LYS A 71 12.82 6.84 -3.54
C LYS A 71 12.56 8.31 -3.84
N ASN A 4 -21.02 9.84 13.20
CA ASN A 4 -19.98 9.58 12.22
C ASN A 4 -20.56 9.51 10.81
N GLY A 5 -19.77 9.93 9.83
CA GLY A 5 -20.22 9.91 8.45
C GLY A 5 -19.09 9.98 7.46
N LEU A 6 -18.51 8.82 7.14
CA LEU A 6 -17.39 8.77 6.19
C LEU A 6 -17.85 8.17 4.86
N MET A 7 -18.47 7.00 4.92
CA MET A 7 -18.95 6.33 3.71
C MET A 7 -17.80 6.00 2.78
N ALA A 8 -17.53 4.71 2.59
CA ALA A 8 -16.46 4.27 1.72
C ALA A 8 -16.71 2.85 1.21
N ASP A 9 -16.01 2.47 0.15
CA ASP A 9 -16.16 1.15 -0.43
C ASP A 9 -14.80 0.51 -0.68
N PRO A 10 -14.22 -0.13 0.35
CA PRO A 10 -12.91 -0.79 0.24
C PRO A 10 -12.85 -1.77 -0.93
N MET A 11 -11.80 -1.65 -1.73
CA MET A 11 -11.62 -2.53 -2.89
C MET A 11 -10.24 -3.15 -2.88
N LYS A 12 -9.24 -2.42 -3.39
CA LYS A 12 -7.88 -2.93 -3.44
C LYS A 12 -7.49 -3.59 -2.13
N VAL A 13 -7.57 -4.91 -2.11
CA VAL A 13 -7.22 -5.69 -0.94
C VAL A 13 -7.42 -7.17 -1.21
N TYR A 14 -8.60 -7.49 -1.74
CA TYR A 14 -8.97 -8.85 -2.13
C TYR A 14 -7.80 -9.57 -2.78
N LYS A 15 -7.13 -8.86 -3.67
CA LYS A 15 -5.97 -9.41 -4.38
C LYS A 15 -4.68 -8.99 -3.70
N ASP A 16 -4.75 -7.91 -2.92
CA ASP A 16 -3.60 -7.39 -2.20
C ASP A 16 -3.10 -8.40 -1.17
N ARG A 17 -3.94 -9.37 -0.83
CA ARG A 17 -3.57 -10.39 0.15
C ARG A 17 -2.30 -11.13 -0.27
N GLN A 18 -2.08 -11.23 -1.57
CA GLN A 18 -0.88 -11.89 -2.09
C GLN A 18 0.17 -10.86 -2.46
N VAL A 19 0.16 -9.76 -1.72
CA VAL A 19 1.10 -8.66 -1.92
C VAL A 19 2.04 -8.55 -0.74
N MET A 20 1.54 -8.90 0.44
CA MET A 20 2.35 -8.86 1.65
C MET A 20 3.73 -9.49 1.39
N ASN A 21 3.77 -10.40 0.42
CA ASN A 21 5.00 -11.08 0.05
C ASN A 21 5.26 -10.95 -1.46
N MET A 22 4.69 -9.91 -2.07
CA MET A 22 4.88 -9.68 -3.51
C MET A 22 3.98 -8.54 -4.01
N TRP A 23 4.47 -7.32 -3.92
CA TRP A 23 3.73 -6.16 -4.40
C TRP A 23 3.99 -5.97 -5.89
N SER A 24 3.05 -6.42 -6.70
CA SER A 24 3.18 -6.35 -8.15
C SER A 24 3.28 -4.90 -8.62
N GLU A 25 3.97 -4.71 -9.74
CA GLU A 25 4.12 -3.37 -10.32
C GLU A 25 2.77 -2.68 -10.43
N GLN A 26 1.73 -3.49 -10.62
CA GLN A 26 0.38 -2.97 -10.72
C GLN A 26 -0.25 -2.82 -9.33
N GLU A 27 0.18 -3.68 -8.41
CA GLU A 27 -0.32 -3.63 -7.05
C GLU A 27 0.27 -2.43 -6.33
N LYS A 28 1.60 -2.34 -6.32
CA LYS A 28 2.27 -1.21 -5.71
C LYS A 28 1.73 0.08 -6.32
N GLU A 29 1.13 -0.05 -7.49
CA GLU A 29 0.58 1.10 -8.18
C GLU A 29 -0.55 1.74 -7.37
N THR A 30 -1.17 0.96 -6.50
CA THR A 30 -2.27 1.49 -5.68
C THR A 30 -1.79 1.97 -4.32
N PHE A 31 -0.92 1.20 -3.67
CA PHE A 31 -0.40 1.57 -2.37
C PHE A 31 0.74 2.57 -2.52
N ARG A 32 1.48 2.46 -3.62
CA ARG A 32 2.58 3.38 -3.87
C ARG A 32 2.06 4.69 -4.45
N GLU A 33 0.87 4.64 -5.06
CA GLU A 33 0.27 5.84 -5.64
C GLU A 33 -0.54 6.59 -4.59
N LYS A 34 -1.14 5.84 -3.65
CA LYS A 34 -1.92 6.45 -2.60
C LYS A 34 -0.99 7.07 -1.56
N PHE A 35 0.05 6.34 -1.19
CA PHE A 35 1.02 6.84 -0.24
C PHE A 35 1.71 8.04 -0.83
N MET A 36 1.83 8.03 -2.16
CA MET A 36 2.41 9.15 -2.87
C MET A 36 1.37 10.28 -2.89
N GLN A 37 0.10 9.87 -2.90
CA GLN A 37 -1.02 10.80 -2.88
C GLN A 37 -1.14 11.42 -1.51
N HIS A 38 -0.86 10.60 -0.50
CA HIS A 38 -0.94 11.03 0.89
C HIS A 38 0.46 11.15 1.48
N PRO A 39 0.99 12.39 1.56
CA PRO A 39 2.34 12.65 2.09
C PRO A 39 2.60 11.95 3.42
N LYS A 40 3.33 10.83 3.36
CA LYS A 40 3.67 10.06 4.55
C LYS A 40 2.48 9.91 5.50
N ASN A 41 1.76 8.81 5.39
CA ASN A 41 0.61 8.55 6.25
C ASN A 41 0.49 7.08 6.58
N PHE A 42 0.42 6.25 5.54
CA PHE A 42 0.28 4.80 5.72
C PHE A 42 -1.02 4.47 6.45
N GLY A 43 -1.84 5.49 6.74
CA GLY A 43 -3.10 5.26 7.41
C GLY A 43 -4.21 5.04 6.42
N LEU A 44 -4.19 5.82 5.34
CA LEU A 44 -5.19 5.69 4.30
C LEU A 44 -4.93 4.44 3.48
N ILE A 45 -3.69 4.27 3.06
CA ILE A 45 -3.32 3.10 2.27
C ILE A 45 -3.57 1.85 3.09
N ALA A 46 -2.97 1.78 4.26
CA ALA A 46 -3.16 0.66 5.16
C ALA A 46 -4.63 0.52 5.53
N SER A 47 -5.44 1.53 5.16
CA SER A 47 -6.86 1.50 5.46
C SER A 47 -7.66 0.94 4.29
N PHE A 48 -7.21 1.23 3.07
CA PHE A 48 -7.90 0.73 1.89
C PHE A 48 -7.46 -0.69 1.55
N LEU A 49 -6.21 -1.01 1.88
CA LEU A 49 -5.67 -2.35 1.66
C LEU A 49 -5.36 -3.02 3.00
N GLU A 50 -6.38 -3.04 3.86
CA GLU A 50 -6.29 -3.60 5.21
C GLU A 50 -5.28 -4.74 5.32
N ARG A 51 -5.25 -5.61 4.31
CA ARG A 51 -4.32 -6.74 4.31
C ARG A 51 -2.91 -6.29 4.68
N LYS A 52 -2.62 -5.01 4.44
CA LYS A 52 -1.32 -4.44 4.75
C LYS A 52 -1.44 -3.41 5.88
N THR A 53 -0.38 -3.27 6.65
CA THR A 53 -0.37 -2.32 7.76
C THR A 53 0.66 -1.22 7.53
N VAL A 54 0.64 -0.20 8.38
CA VAL A 54 1.58 0.92 8.26
C VAL A 54 3.02 0.43 8.44
N ALA A 55 3.32 -0.13 9.60
CA ALA A 55 4.66 -0.63 9.88
C ALA A 55 4.94 -1.91 9.10
N GLU A 56 3.92 -2.45 8.43
CA GLU A 56 4.07 -3.67 7.65
C GLU A 56 4.14 -3.37 6.15
N CYS A 57 3.69 -2.19 5.74
CA CYS A 57 3.72 -1.82 4.34
C CYS A 57 5.08 -1.28 3.94
N VAL A 58 5.81 -0.73 4.92
CA VAL A 58 7.16 -0.20 4.66
C VAL A 58 7.96 -1.20 3.85
N LEU A 59 7.68 -2.48 4.06
CA LEU A 59 8.37 -3.54 3.35
C LEU A 59 8.39 -3.26 1.85
N TYR A 60 7.25 -2.83 1.33
CA TYR A 60 7.11 -2.53 -0.09
C TYR A 60 7.79 -1.22 -0.47
N TYR A 61 8.25 -0.48 0.53
CA TYR A 61 8.91 0.80 0.28
C TYR A 61 10.40 0.62 0.03
N TYR A 62 10.94 -0.55 0.40
CA TYR A 62 12.35 -0.82 0.19
C TYR A 62 12.56 -1.77 -0.98
N LEU A 63 11.48 -2.41 -1.42
CA LEU A 63 11.55 -3.32 -2.55
C LEU A 63 11.24 -2.58 -3.86
N THR A 64 10.61 -1.41 -3.72
CA THR A 64 10.27 -0.60 -4.87
C THR A 64 11.48 0.20 -5.34
N LYS A 65 12.36 0.52 -4.41
CA LYS A 65 13.57 1.28 -4.71
C LYS A 65 14.74 0.36 -5.02
N LYS A 66 14.65 -0.89 -4.59
CA LYS A 66 15.72 -1.86 -4.82
C LYS A 66 16.03 -1.98 -6.31
N ASN A 67 15.06 -1.64 -7.15
CA ASN A 67 15.24 -1.73 -8.60
C ASN A 67 14.97 -0.38 -9.27
N GLU A 68 14.15 0.45 -8.65
CA GLU A 68 13.82 1.76 -9.22
C GLU A 68 14.73 2.85 -8.65
N ASN A 69 15.16 2.66 -7.41
CA ASN A 69 16.04 3.63 -6.76
C ASN A 69 15.35 4.99 -6.64
N TYR A 70 14.51 5.14 -5.62
CA TYR A 70 13.79 6.38 -5.39
C TYR A 70 13.43 6.54 -3.92
N LYS A 71 13.95 7.60 -3.31
CA LYS A 71 13.68 7.87 -1.90
C LYS A 71 13.51 9.36 -1.65
N ASN A 4 -20.88 6.70 0.64
CA ASN A 4 -20.61 5.88 1.82
C ASN A 4 -21.05 4.44 1.60
N GLY A 5 -20.08 3.53 1.59
CA GLY A 5 -20.38 2.13 1.39
C GLY A 5 -21.15 1.52 2.55
N LEU A 6 -21.53 0.26 2.40
CA LEU A 6 -22.27 -0.44 3.45
C LEU A 6 -21.73 -1.85 3.65
N MET A 7 -21.52 -2.57 2.56
CA MET A 7 -21.00 -3.93 2.62
C MET A 7 -19.53 -3.97 2.20
N ALA A 8 -19.28 -3.73 0.92
CA ALA A 8 -17.92 -3.74 0.39
C ALA A 8 -17.40 -2.32 0.19
N ASP A 9 -16.97 -1.69 1.28
CA ASP A 9 -16.44 -0.33 1.23
C ASP A 9 -15.08 -0.30 0.53
N PRO A 10 -14.08 -1.00 1.09
CA PRO A 10 -12.74 -1.05 0.51
C PRO A 10 -12.68 -1.88 -0.77
N MET A 11 -11.63 -1.66 -1.55
CA MET A 11 -11.46 -2.38 -2.80
C MET A 11 -10.06 -2.97 -2.89
N LYS A 12 -9.10 -2.18 -3.33
CA LYS A 12 -7.72 -2.66 -3.45
C LYS A 12 -7.29 -3.34 -2.16
N VAL A 13 -7.33 -4.66 -2.17
CA VAL A 13 -6.95 -5.45 -1.01
C VAL A 13 -7.10 -6.94 -1.32
N TYR A 14 -8.24 -7.28 -1.89
CA TYR A 14 -8.56 -8.63 -2.31
C TYR A 14 -7.36 -9.29 -2.98
N LYS A 15 -6.55 -8.48 -3.66
CA LYS A 15 -5.35 -8.97 -4.34
C LYS A 15 -4.14 -8.80 -3.45
N ASP A 16 -4.19 -7.79 -2.57
CA ASP A 16 -3.10 -7.51 -1.65
C ASP A 16 -2.69 -8.76 -0.87
N ARG A 17 -3.65 -9.67 -0.67
CA ARG A 17 -3.38 -10.90 0.05
C ARG A 17 -2.14 -11.60 -0.51
N GLN A 18 -1.93 -11.45 -1.81
CA GLN A 18 -0.77 -12.03 -2.47
C GLN A 18 0.24 -10.93 -2.79
N VAL A 19 0.24 -9.91 -1.95
CA VAL A 19 1.13 -8.77 -2.10
C VAL A 19 2.04 -8.65 -0.89
N MET A 20 1.52 -9.03 0.28
CA MET A 20 2.31 -8.97 1.51
C MET A 20 3.70 -9.56 1.28
N ASN A 21 3.78 -10.47 0.30
CA ASN A 21 5.05 -11.10 -0.05
C ASN A 21 5.36 -10.93 -1.54
N MET A 22 4.79 -9.89 -2.14
CA MET A 22 5.00 -9.61 -3.56
C MET A 22 4.05 -8.54 -4.06
N TRP A 23 4.42 -7.28 -3.87
CA TRP A 23 3.61 -6.17 -4.34
C TRP A 23 3.85 -5.97 -5.82
N SER A 24 2.91 -6.44 -6.61
CA SER A 24 3.00 -6.36 -8.07
C SER A 24 3.12 -4.92 -8.54
N GLU A 25 3.81 -4.73 -9.67
CA GLU A 25 3.98 -3.39 -10.23
C GLU A 25 2.62 -2.69 -10.33
N GLN A 26 1.57 -3.50 -10.51
CA GLN A 26 0.22 -2.98 -10.60
C GLN A 26 -0.39 -2.84 -9.21
N GLU A 27 0.04 -3.69 -8.29
CA GLU A 27 -0.45 -3.65 -6.93
C GLU A 27 0.18 -2.48 -6.21
N LYS A 28 1.50 -2.46 -6.16
CA LYS A 28 2.23 -1.35 -5.55
C LYS A 28 1.77 -0.04 -6.19
N GLU A 29 1.20 -0.15 -7.38
CA GLU A 29 0.71 1.00 -8.10
C GLU A 29 -0.39 1.70 -7.33
N THR A 30 -1.13 0.96 -6.51
CA THR A 30 -2.21 1.56 -5.74
C THR A 30 -1.73 2.07 -4.39
N PHE A 31 -1.03 1.22 -3.64
CA PHE A 31 -0.52 1.60 -2.33
C PHE A 31 0.63 2.59 -2.47
N ARG A 32 1.38 2.49 -3.56
CA ARG A 32 2.50 3.39 -3.80
C ARG A 32 2.01 4.71 -4.39
N GLU A 33 0.95 4.66 -5.18
CA GLU A 33 0.40 5.86 -5.80
C GLU A 33 -0.42 6.64 -4.79
N LYS A 34 -1.12 5.92 -3.91
CA LYS A 34 -1.92 6.56 -2.89
C LYS A 34 -1.02 7.32 -1.92
N PHE A 35 0.11 6.71 -1.59
CA PHE A 35 1.07 7.34 -0.69
C PHE A 35 1.62 8.58 -1.36
N MET A 36 1.65 8.56 -2.69
CA MET A 36 2.10 9.71 -3.44
C MET A 36 0.96 10.72 -3.49
N GLN A 37 -0.26 10.19 -3.36
CA GLN A 37 -1.47 11.00 -3.35
C GLN A 37 -1.64 11.70 -2.01
N HIS A 38 -1.54 10.91 -0.96
CA HIS A 38 -1.68 11.40 0.40
C HIS A 38 -0.30 11.64 1.03
N PRO A 39 -0.12 12.79 1.71
CA PRO A 39 1.16 13.12 2.36
C PRO A 39 1.67 11.97 3.23
N LYS A 40 2.91 12.08 3.67
CA LYS A 40 3.52 11.03 4.50
C LYS A 40 2.56 10.62 5.63
N ASN A 41 1.81 9.55 5.38
CA ASN A 41 0.85 9.04 6.37
C ASN A 41 1.04 7.56 6.61
N PHE A 42 0.91 6.75 5.56
CA PHE A 42 1.05 5.31 5.67
C PHE A 42 -0.12 4.71 6.44
N GLY A 43 -1.09 5.55 6.82
CA GLY A 43 -2.26 5.09 7.52
C GLY A 43 -3.41 4.85 6.57
N LEU A 44 -3.51 5.71 5.56
CA LEU A 44 -4.55 5.57 4.55
C LEU A 44 -4.24 4.39 3.65
N ILE A 45 -3.05 4.41 3.08
CA ILE A 45 -2.62 3.34 2.20
C ILE A 45 -2.67 2.01 2.93
N ALA A 46 -2.33 2.05 4.21
CA ALA A 46 -2.39 0.85 5.03
C ALA A 46 -3.79 0.68 5.59
N SER A 47 -4.75 1.42 5.02
CA SER A 47 -6.13 1.36 5.46
C SER A 47 -7.05 0.89 4.34
N PHE A 48 -6.73 1.25 3.10
CA PHE A 48 -7.57 0.82 1.97
C PHE A 48 -7.28 -0.64 1.63
N LEU A 49 -6.10 -1.11 2.01
CA LEU A 49 -5.70 -2.51 1.78
C LEU A 49 -5.54 -3.19 3.13
N GLU A 50 -6.52 -2.95 4.00
CA GLU A 50 -6.58 -3.49 5.37
C GLU A 50 -5.78 -4.77 5.55
N ARG A 51 -5.89 -5.69 4.58
CA ARG A 51 -5.16 -6.95 4.65
C ARG A 51 -3.72 -6.73 5.10
N LYS A 52 -3.19 -5.55 4.77
CA LYS A 52 -1.83 -5.19 5.14
C LYS A 52 -1.82 -4.35 6.42
N THR A 53 -0.73 -3.64 6.66
CA THR A 53 -0.60 -2.81 7.85
C THR A 53 0.34 -1.64 7.59
N VAL A 54 0.30 -0.64 8.47
CA VAL A 54 1.17 0.52 8.32
C VAL A 54 2.63 0.12 8.46
N ALA A 55 2.95 -0.59 9.53
CA ALA A 55 4.30 -1.04 9.76
C ALA A 55 4.65 -2.21 8.83
N GLU A 56 3.62 -2.92 8.39
CA GLU A 56 3.79 -4.05 7.49
C GLU A 56 3.97 -3.57 6.05
N CYS A 57 3.37 -2.43 5.73
CA CYS A 57 3.47 -1.87 4.39
C CYS A 57 4.91 -1.50 4.08
N VAL A 58 5.70 -1.26 5.13
CA VAL A 58 7.11 -0.92 4.97
C VAL A 58 7.80 -2.00 4.12
N LEU A 59 7.22 -3.19 4.09
CA LEU A 59 7.77 -4.29 3.33
C LEU A 59 7.68 -4.03 1.82
N TYR A 60 7.03 -2.94 1.43
CA TYR A 60 6.88 -2.57 0.03
C TYR A 60 7.59 -1.26 -0.28
N TYR A 61 8.02 -0.55 0.78
CA TYR A 61 8.69 0.73 0.61
C TYR A 61 10.20 0.54 0.48
N TYR A 62 10.74 -0.50 1.11
CA TYR A 62 12.16 -0.75 1.03
C TYR A 62 12.55 -1.19 -0.39
N LEU A 63 11.55 -1.55 -1.18
CA LEU A 63 11.78 -1.94 -2.58
C LEU A 63 11.66 -0.72 -3.47
N THR A 64 10.78 0.20 -3.07
CA THR A 64 10.54 1.43 -3.81
C THR A 64 11.79 2.31 -3.80
N LYS A 65 12.47 2.36 -2.66
CA LYS A 65 13.67 3.19 -2.55
C LYS A 65 14.94 2.36 -2.67
N LYS A 66 14.79 1.09 -3.04
CA LYS A 66 15.93 0.20 -3.22
C LYS A 66 16.56 0.40 -4.59
N ASN A 67 15.73 0.81 -5.55
CA ASN A 67 16.20 1.04 -6.91
C ASN A 67 15.89 2.46 -7.37
N GLU A 68 15.20 3.23 -6.54
CA GLU A 68 14.84 4.60 -6.89
C GLU A 68 15.47 5.59 -5.92
N ASN A 69 15.58 5.20 -4.65
CA ASN A 69 16.17 6.06 -3.63
C ASN A 69 15.34 7.34 -3.48
N TYR A 70 14.65 7.46 -2.35
CA TYR A 70 13.83 8.63 -2.09
C TYR A 70 13.23 8.57 -0.68
N LYS A 71 13.40 9.65 0.07
CA LYS A 71 12.87 9.72 1.43
C LYS A 71 12.74 11.17 1.89
N ASN A 4 -28.98 3.74 -5.95
CA ASN A 4 -28.01 4.08 -4.90
C ASN A 4 -27.12 2.88 -4.58
N GLY A 5 -27.67 1.68 -4.76
CA GLY A 5 -26.92 0.47 -4.49
C GLY A 5 -25.64 0.38 -5.31
N LEU A 6 -24.56 0.95 -4.79
CA LEU A 6 -23.28 0.93 -5.48
C LEU A 6 -22.14 0.76 -4.48
N MET A 7 -21.91 1.79 -3.66
CA MET A 7 -20.85 1.76 -2.67
C MET A 7 -19.48 1.58 -3.33
N ALA A 8 -19.00 2.63 -3.98
CA ALA A 8 -17.71 2.60 -4.65
C ALA A 8 -16.57 2.84 -3.66
N ASP A 9 -15.72 1.83 -3.47
CA ASP A 9 -14.60 1.95 -2.55
C ASP A 9 -13.78 0.65 -2.52
N PRO A 10 -14.40 -0.48 -2.17
CA PRO A 10 -13.71 -1.78 -2.11
C PRO A 10 -13.03 -2.13 -3.42
N MET A 11 -11.73 -2.41 -3.36
CA MET A 11 -10.97 -2.75 -4.56
C MET A 11 -9.64 -3.38 -4.19
N LYS A 12 -8.89 -2.69 -3.34
CA LYS A 12 -7.60 -3.18 -2.89
C LYS A 12 -7.68 -3.77 -1.50
N VAL A 13 -7.49 -5.09 -1.44
CA VAL A 13 -7.52 -5.87 -0.20
C VAL A 13 -8.30 -7.16 -0.45
N TYR A 14 -8.14 -7.69 -1.65
CA TYR A 14 -8.81 -8.90 -2.10
C TYR A 14 -7.93 -9.61 -3.11
N LYS A 15 -7.38 -8.83 -4.03
CA LYS A 15 -6.50 -9.35 -5.06
C LYS A 15 -5.05 -9.00 -4.71
N ASP A 16 -4.87 -8.32 -3.58
CA ASP A 16 -3.54 -7.92 -3.13
C ASP A 16 -3.09 -8.71 -1.89
N ARG A 17 -3.91 -9.67 -1.46
CA ARG A 17 -3.57 -10.49 -0.30
C ARG A 17 -2.24 -11.20 -0.52
N GLN A 18 -1.83 -11.31 -1.78
CA GLN A 18 -0.56 -11.92 -2.12
C GLN A 18 0.46 -10.83 -2.40
N VAL A 19 0.29 -9.71 -1.72
CA VAL A 19 1.18 -8.57 -1.85
C VAL A 19 2.02 -8.42 -0.61
N MET A 20 1.47 -8.81 0.54
CA MET A 20 2.20 -8.74 1.80
C MET A 20 3.61 -9.29 1.63
N ASN A 21 3.77 -10.18 0.64
CA ASN A 21 5.06 -10.78 0.34
C ASN A 21 5.38 -10.67 -1.15
N MET A 22 4.82 -9.66 -1.81
CA MET A 22 5.05 -9.44 -3.24
C MET A 22 4.13 -8.37 -3.79
N TRP A 23 4.53 -7.12 -3.69
CA TRP A 23 3.74 -6.02 -4.22
C TRP A 23 4.11 -5.81 -5.69
N SER A 24 3.26 -6.33 -6.56
CA SER A 24 3.48 -6.25 -8.00
C SER A 24 3.54 -4.81 -8.47
N GLU A 25 4.28 -4.57 -9.56
CA GLU A 25 4.41 -3.23 -10.12
C GLU A 25 3.03 -2.60 -10.29
N GLN A 26 2.04 -3.45 -10.54
CA GLN A 26 0.67 -3.00 -10.71
C GLN A 26 -0.02 -2.85 -9.36
N GLU A 27 0.39 -3.69 -8.40
CA GLU A 27 -0.17 -3.65 -7.08
C GLU A 27 0.37 -2.43 -6.34
N LYS A 28 1.69 -2.27 -6.37
CA LYS A 28 2.32 -1.10 -5.76
C LYS A 28 1.69 0.16 -6.33
N GLU A 29 1.06 0.01 -7.48
CA GLU A 29 0.40 1.13 -8.14
C GLU A 29 -0.74 1.67 -7.32
N THR A 30 -1.31 0.85 -6.44
CA THR A 30 -2.41 1.30 -5.60
C THR A 30 -1.91 1.86 -4.27
N PHE A 31 -1.08 1.10 -3.58
CA PHE A 31 -0.52 1.53 -2.31
C PHE A 31 0.49 2.65 -2.51
N ARG A 32 1.23 2.59 -3.61
CA ARG A 32 2.23 3.61 -3.90
C ARG A 32 1.55 4.88 -4.42
N GLU A 33 0.38 4.71 -5.03
CA GLU A 33 -0.36 5.85 -5.57
C GLU A 33 -1.03 6.63 -4.45
N LYS A 34 -1.61 5.91 -3.50
CA LYS A 34 -2.27 6.56 -2.38
C LYS A 34 -1.24 7.23 -1.48
N PHE A 35 -0.12 6.55 -1.27
CA PHE A 35 0.94 7.11 -0.45
C PHE A 35 1.48 8.35 -1.14
N MET A 36 1.46 8.32 -2.47
CA MET A 36 1.88 9.46 -3.25
C MET A 36 0.77 10.49 -3.20
N GLN A 37 -0.46 9.98 -3.05
CA GLN A 37 -1.66 10.80 -2.95
C GLN A 37 -1.69 11.50 -1.60
N HIS A 38 -1.23 10.78 -0.59
CA HIS A 38 -1.20 11.28 0.77
C HIS A 38 0.24 11.52 1.22
N PRO A 39 0.71 12.78 1.15
CA PRO A 39 2.08 13.15 1.52
C PRO A 39 2.60 12.41 2.76
N LYS A 40 3.29 11.31 2.52
CA LYS A 40 3.88 10.50 3.59
C LYS A 40 2.92 10.35 4.77
N ASN A 41 2.22 9.23 4.82
CA ASN A 41 1.28 8.97 5.91
C ASN A 41 1.33 7.51 6.33
N PHE A 42 1.06 6.61 5.38
CA PHE A 42 1.07 5.17 5.66
C PHE A 42 -0.14 4.76 6.50
N GLY A 43 -0.92 5.75 6.95
CA GLY A 43 -2.10 5.46 7.74
C GLY A 43 -3.32 5.21 6.87
N LEU A 44 -3.45 6.00 5.80
CA LEU A 44 -4.59 5.82 4.90
C LEU A 44 -4.41 4.57 4.06
N ILE A 45 -3.25 4.44 3.42
CA ILE A 45 -2.98 3.28 2.60
C ILE A 45 -3.25 2.01 3.38
N ALA A 46 -2.71 1.96 4.58
CA ALA A 46 -2.90 0.82 5.48
C ALA A 46 -4.37 0.73 5.91
N SER A 47 -5.19 1.66 5.43
CA SER A 47 -6.60 1.69 5.77
C SER A 47 -7.45 1.10 4.65
N PHE A 48 -7.04 1.31 3.39
CA PHE A 48 -7.79 0.77 2.26
C PHE A 48 -7.36 -0.67 1.97
N LEU A 49 -6.06 -0.93 2.07
CA LEU A 49 -5.54 -2.28 1.84
C LEU A 49 -5.32 -2.97 3.18
N GLU A 50 -6.38 -2.98 3.99
CA GLU A 50 -6.38 -3.58 5.33
C GLU A 50 -5.49 -4.82 5.42
N ARG A 51 -5.41 -5.59 4.33
CA ARG A 51 -4.60 -6.80 4.32
C ARG A 51 -3.21 -6.50 4.91
N LYS A 52 -2.78 -5.26 4.75
CA LYS A 52 -1.49 -4.82 5.27
C LYS A 52 -1.68 -3.56 6.12
N THR A 53 -0.63 -3.18 6.86
CA THR A 53 -0.70 -2.00 7.71
C THR A 53 0.57 -1.17 7.59
N VAL A 54 0.67 -0.12 8.41
CA VAL A 54 1.82 0.76 8.40
C VAL A 54 3.11 -0.02 8.65
N ALA A 55 3.02 -1.04 9.49
CA ALA A 55 4.18 -1.87 9.81
C ALA A 55 4.43 -2.91 8.72
N GLU A 56 3.35 -3.34 8.07
CA GLU A 56 3.47 -4.33 7.00
C GLU A 56 3.72 -3.67 5.65
N CYS A 57 3.44 -2.38 5.56
CA CYS A 57 3.65 -1.64 4.32
C CYS A 57 5.13 -1.34 4.12
N VAL A 58 5.88 -1.31 5.22
CA VAL A 58 7.30 -1.06 5.16
C VAL A 58 7.99 -2.09 4.27
N LEU A 59 7.32 -3.23 4.08
CA LEU A 59 7.84 -4.31 3.26
C LEU A 59 7.69 -3.99 1.77
N TYR A 60 7.10 -2.83 1.48
CA TYR A 60 6.90 -2.40 0.09
C TYR A 60 7.65 -1.11 -0.20
N TYR A 61 8.10 -0.43 0.86
CA TYR A 61 8.81 0.84 0.71
C TYR A 61 10.30 0.62 0.50
N TYR A 62 10.86 -0.44 1.09
CA TYR A 62 12.29 -0.71 0.94
C TYR A 62 12.58 -1.36 -0.41
N LEU A 63 11.53 -1.60 -1.19
CA LEU A 63 11.68 -2.20 -2.52
C LEU A 63 11.52 -1.13 -3.59
N THR A 64 10.74 -0.09 -3.27
CA THR A 64 10.51 1.01 -4.20
C THR A 64 11.54 2.12 -4.02
N LYS A 65 12.39 2.00 -3.01
CA LYS A 65 13.41 3.02 -2.76
C LYS A 65 14.81 2.45 -2.99
N LYS A 66 14.99 1.18 -2.69
CA LYS A 66 16.28 0.53 -2.87
C LYS A 66 16.69 0.54 -4.34
N ASN A 67 15.71 0.73 -5.23
CA ASN A 67 15.97 0.75 -6.67
C ASN A 67 15.44 2.01 -7.34
N GLU A 68 14.60 2.77 -6.64
CA GLU A 68 14.04 3.99 -7.20
C GLU A 68 14.49 5.22 -6.42
N ASN A 69 14.77 5.04 -5.14
CA ASN A 69 15.22 6.14 -4.29
C ASN A 69 14.12 7.19 -4.15
N TYR A 70 13.81 7.55 -2.91
CA TYR A 70 12.78 8.54 -2.64
C TYR A 70 12.70 8.83 -1.15
N LYS A 71 12.64 10.11 -0.81
CA LYS A 71 12.56 10.53 0.59
C LYS A 71 11.39 11.47 0.81
N ASN A 4 -15.43 -4.34 11.41
CA ASN A 4 -14.77 -3.33 10.59
C ASN A 4 -15.72 -2.78 9.54
N GLY A 5 -16.41 -3.67 8.83
CA GLY A 5 -17.35 -3.24 7.81
C GLY A 5 -18.36 -4.30 7.48
N LEU A 6 -19.31 -3.97 6.60
CA LEU A 6 -20.36 -4.91 6.20
C LEU A 6 -21.00 -4.47 4.90
N MET A 7 -21.63 -3.30 4.91
CA MET A 7 -22.29 -2.77 3.72
C MET A 7 -21.42 -1.72 3.03
N ALA A 8 -20.10 -1.91 3.13
CA ALA A 8 -19.15 -0.98 2.51
C ALA A 8 -17.72 -1.47 2.68
N ASP A 9 -17.24 -2.24 1.70
CA ASP A 9 -15.90 -2.78 1.73
C ASP A 9 -15.01 -2.10 0.68
N PRO A 10 -13.70 -2.01 0.95
CA PRO A 10 -12.75 -1.38 0.02
C PRO A 10 -12.54 -2.22 -1.23
N MET A 11 -11.52 -1.87 -2.00
CA MET A 11 -11.20 -2.59 -3.24
C MET A 11 -9.78 -3.13 -3.18
N LYS A 12 -8.81 -2.30 -3.55
CA LYS A 12 -7.41 -2.73 -3.54
C LYS A 12 -7.08 -3.39 -2.21
N VAL A 13 -7.20 -4.70 -2.19
CA VAL A 13 -6.96 -5.47 -1.00
C VAL A 13 -7.14 -6.94 -1.33
N TYR A 14 -8.22 -7.22 -2.04
CA TYR A 14 -8.55 -8.56 -2.49
C TYR A 14 -7.34 -9.23 -3.15
N LYS A 15 -6.41 -8.41 -3.65
CA LYS A 15 -5.20 -8.91 -4.28
C LYS A 15 -4.03 -8.74 -3.33
N ASP A 16 -4.13 -7.76 -2.43
CA ASP A 16 -3.08 -7.50 -1.46
C ASP A 16 -2.70 -8.76 -0.70
N ARG A 17 -3.64 -9.70 -0.63
CA ARG A 17 -3.40 -10.96 0.06
C ARG A 17 -2.13 -11.62 -0.45
N GLN A 18 -1.91 -11.52 -1.75
CA GLN A 18 -0.71 -12.08 -2.37
C GLN A 18 0.29 -10.96 -2.65
N VAL A 19 0.23 -9.93 -1.83
CA VAL A 19 1.10 -8.77 -1.95
C VAL A 19 1.97 -8.66 -0.72
N MET A 20 1.44 -9.08 0.43
CA MET A 20 2.20 -9.04 1.67
C MET A 20 3.61 -9.58 1.45
N ASN A 21 3.75 -10.44 0.45
CA ASN A 21 5.03 -11.04 0.10
C ASN A 21 5.33 -10.87 -1.38
N MET A 22 4.76 -9.84 -1.99
CA MET A 22 4.97 -9.57 -3.42
C MET A 22 4.01 -8.51 -3.94
N TRP A 23 4.38 -7.25 -3.77
CA TRP A 23 3.56 -6.14 -4.25
C TRP A 23 3.81 -5.97 -5.73
N SER A 24 2.86 -6.47 -6.53
CA SER A 24 2.96 -6.40 -7.98
C SER A 24 3.06 -4.97 -8.47
N GLU A 25 3.76 -4.78 -9.60
CA GLU A 25 3.92 -3.47 -10.19
C GLU A 25 2.55 -2.78 -10.30
N GLN A 26 1.51 -3.59 -10.46
CA GLN A 26 0.16 -3.08 -10.57
C GLN A 26 -0.44 -2.91 -9.17
N GLU A 27 -0.01 -3.75 -8.24
CA GLU A 27 -0.49 -3.69 -6.88
C GLU A 27 0.12 -2.48 -6.20
N LYS A 28 1.45 -2.45 -6.15
CA LYS A 28 2.15 -1.31 -5.56
C LYS A 28 1.67 -0.03 -6.22
N GLU A 29 1.10 -0.17 -7.41
CA GLU A 29 0.57 0.96 -8.15
C GLU A 29 -0.54 1.65 -7.39
N THR A 30 -1.24 0.91 -6.53
CA THR A 30 -2.34 1.49 -5.76
C THR A 30 -1.87 2.05 -4.43
N PHE A 31 -1.12 1.25 -3.68
CA PHE A 31 -0.60 1.67 -2.39
C PHE A 31 0.51 2.69 -2.55
N ARG A 32 1.26 2.58 -3.65
CA ARG A 32 2.35 3.50 -3.91
C ARG A 32 1.81 4.83 -4.45
N GLU A 33 0.65 4.77 -5.11
CA GLU A 33 0.03 5.97 -5.67
C GLU A 33 -0.71 6.75 -4.58
N LYS A 34 -1.40 6.03 -3.70
CA LYS A 34 -2.13 6.67 -2.62
C LYS A 34 -1.16 7.37 -1.70
N PHE A 35 -0.02 6.74 -1.44
CA PHE A 35 0.99 7.33 -0.58
C PHE A 35 1.54 8.57 -1.26
N MET A 36 1.56 8.54 -2.58
CA MET A 36 1.99 9.69 -3.35
C MET A 36 0.88 10.73 -3.29
N GLN A 37 -0.35 10.23 -3.12
CA GLN A 37 -1.54 11.06 -3.02
C GLN A 37 -1.60 11.72 -1.65
N HIS A 38 -1.28 10.93 -0.64
CA HIS A 38 -1.29 11.37 0.74
C HIS A 38 0.13 11.69 1.21
N PRO A 39 0.44 12.98 1.46
CA PRO A 39 1.77 13.41 1.89
C PRO A 39 2.24 12.74 3.17
N LYS A 40 3.08 11.72 3.03
CA LYS A 40 3.63 10.99 4.17
C LYS A 40 2.55 10.68 5.22
N ASN A 41 2.04 9.46 5.20
CA ASN A 41 1.02 9.04 6.15
C ASN A 41 1.17 7.58 6.51
N PHE A 42 1.03 6.71 5.52
CA PHE A 42 1.14 5.27 5.73
C PHE A 42 0.00 4.75 6.61
N GLY A 43 -0.97 5.61 6.90
CA GLY A 43 -2.10 5.22 7.71
C GLY A 43 -3.32 4.94 6.85
N LEU A 44 -3.43 5.67 5.74
CA LEU A 44 -4.54 5.49 4.82
C LEU A 44 -4.26 4.33 3.89
N ILE A 45 -3.10 4.34 3.26
CA ILE A 45 -2.72 3.28 2.35
C ILE A 45 -2.80 1.94 3.04
N ALA A 46 -2.43 1.91 4.31
CA ALA A 46 -2.51 0.70 5.10
C ALA A 46 -3.93 0.51 5.63
N SER A 47 -4.86 1.29 5.09
CA SER A 47 -6.25 1.22 5.51
C SER A 47 -7.16 0.77 4.37
N PHE A 48 -6.83 1.16 3.13
CA PHE A 48 -7.64 0.76 1.99
C PHE A 48 -7.35 -0.68 1.58
N LEU A 49 -6.16 -1.16 1.94
CA LEU A 49 -5.76 -2.53 1.63
C LEU A 49 -5.58 -3.33 2.92
N GLU A 50 -6.58 -3.19 3.80
CA GLU A 50 -6.64 -3.86 5.10
C GLU A 50 -5.67 -5.03 5.24
N ARG A 51 -5.66 -5.93 4.26
CA ARG A 51 -4.78 -7.09 4.29
C ARG A 51 -3.37 -6.70 4.72
N LYS A 52 -3.00 -5.45 4.45
CA LYS A 52 -1.70 -4.94 4.80
C LYS A 52 -1.79 -4.09 6.07
N THR A 53 -0.76 -3.29 6.34
CA THR A 53 -0.74 -2.43 7.51
C THR A 53 0.31 -1.34 7.36
N VAL A 54 0.34 -0.41 8.31
CA VAL A 54 1.29 0.69 8.26
C VAL A 54 2.72 0.17 8.44
N ALA A 55 2.94 -0.60 9.50
CA ALA A 55 4.25 -1.17 9.77
C ALA A 55 4.53 -2.32 8.81
N GLU A 56 3.46 -2.95 8.33
CA GLU A 56 3.60 -4.06 7.40
C GLU A 56 3.81 -3.55 5.98
N CYS A 57 3.31 -2.34 5.70
CA CYS A 57 3.47 -1.73 4.39
C CYS A 57 4.93 -1.43 4.11
N VAL A 58 5.71 -1.27 5.18
CA VAL A 58 7.14 -1.00 5.05
C VAL A 58 7.80 -2.08 4.19
N LEU A 59 7.14 -3.23 4.08
CA LEU A 59 7.65 -4.33 3.29
C LEU A 59 7.54 -4.05 1.80
N TYR A 60 6.96 -2.90 1.45
CA TYR A 60 6.81 -2.50 0.06
C TYR A 60 7.53 -1.18 -0.21
N TYR A 61 8.00 -0.54 0.86
CA TYR A 61 8.69 0.74 0.74
C TYR A 61 10.19 0.53 0.54
N TYR A 62 10.71 -0.58 1.05
CA TYR A 62 12.14 -0.86 0.90
C TYR A 62 12.45 -1.36 -0.50
N LEU A 63 11.41 -1.57 -1.31
CA LEU A 63 11.59 -2.02 -2.68
C LEU A 63 11.38 -0.86 -3.65
N THR A 64 10.50 0.06 -3.25
CA THR A 64 10.20 1.23 -4.07
C THR A 64 11.21 2.35 -3.81
N LYS A 65 11.87 2.30 -2.66
CA LYS A 65 12.86 3.33 -2.32
C LYS A 65 14.28 2.85 -2.63
N LYS A 66 14.47 1.54 -2.64
CA LYS A 66 15.78 0.95 -2.92
C LYS A 66 16.26 1.32 -4.32
N ASN A 67 15.31 1.68 -5.20
CA ASN A 67 15.65 2.04 -6.57
C ASN A 67 15.19 3.45 -6.92
N GLU A 68 14.29 4.02 -6.11
CA GLU A 68 13.80 5.36 -6.36
C GLU A 68 14.29 6.35 -5.31
N ASN A 69 14.62 5.85 -4.13
CA ASN A 69 15.11 6.69 -3.04
C ASN A 69 14.06 7.73 -2.67
N TYR A 70 13.08 7.32 -1.87
CA TYR A 70 12.02 8.22 -1.45
C TYR A 70 11.23 7.61 -0.28
N LYS A 71 11.13 8.36 0.82
CA LYS A 71 10.41 7.89 1.99
C LYS A 71 9.93 9.06 2.83
N ASN A 4 -11.54 3.34 15.08
CA ASN A 4 -11.16 3.98 13.83
C ASN A 4 -11.47 3.09 12.63
N GLY A 5 -12.32 3.58 11.74
CA GLY A 5 -12.68 2.81 10.56
C GLY A 5 -13.91 1.94 10.80
N LEU A 6 -15.08 2.57 10.84
CA LEU A 6 -16.32 1.84 11.05
C LEU A 6 -17.40 2.30 10.07
N MET A 7 -16.97 2.67 8.87
CA MET A 7 -17.90 3.13 7.83
C MET A 7 -17.36 2.81 6.45
N ALA A 8 -18.20 2.23 5.61
CA ALA A 8 -17.81 1.88 4.25
C ALA A 8 -16.63 0.90 4.25
N ASP A 9 -16.90 -0.34 3.85
CA ASP A 9 -15.87 -1.37 3.81
C ASP A 9 -14.84 -1.06 2.72
N PRO A 10 -13.60 -1.55 2.88
CA PRO A 10 -12.53 -1.32 1.91
C PRO A 10 -12.76 -2.10 0.61
N MET A 11 -11.95 -1.78 -0.40
CA MET A 11 -12.06 -2.45 -1.70
C MET A 11 -10.72 -3.01 -2.12
N LYS A 12 -9.89 -2.17 -2.74
CA LYS A 12 -8.57 -2.61 -3.19
C LYS A 12 -7.85 -3.36 -2.08
N VAL A 13 -7.86 -4.68 -2.18
CA VAL A 13 -7.21 -5.53 -1.18
C VAL A 13 -7.42 -6.99 -1.53
N TYR A 14 -8.66 -7.31 -1.86
CA TYR A 14 -9.07 -8.65 -2.27
C TYR A 14 -8.07 -9.26 -3.25
N LYS A 15 -7.42 -8.41 -4.04
CA LYS A 15 -6.44 -8.86 -5.03
C LYS A 15 -5.02 -8.48 -4.61
N ASP A 16 -4.86 -7.99 -3.40
CA ASP A 16 -3.56 -7.58 -2.89
C ASP A 16 -3.10 -8.47 -1.73
N ARG A 17 -3.96 -9.37 -1.27
CA ARG A 17 -3.61 -10.27 -0.18
C ARG A 17 -2.32 -11.00 -0.48
N GLN A 18 -2.01 -11.14 -1.77
CA GLN A 18 -0.78 -11.78 -2.20
C GLN A 18 0.28 -10.73 -2.50
N VAL A 19 0.21 -9.65 -1.75
CA VAL A 19 1.15 -8.54 -1.88
C VAL A 19 2.05 -8.47 -0.66
N MET A 20 1.51 -8.87 0.50
CA MET A 20 2.28 -8.87 1.73
C MET A 20 3.65 -9.49 1.50
N ASN A 21 3.73 -10.37 0.50
CA ASN A 21 4.99 -11.04 0.16
C ASN A 21 5.30 -10.88 -1.31
N MET A 22 4.76 -9.83 -1.94
CA MET A 22 5.01 -9.57 -3.36
C MET A 22 4.11 -8.46 -3.88
N TRP A 23 4.54 -7.22 -3.69
CA TRP A 23 3.80 -6.07 -4.19
C TRP A 23 4.11 -5.89 -5.67
N SER A 24 3.23 -6.41 -6.50
CA SER A 24 3.41 -6.35 -7.94
C SER A 24 3.53 -4.92 -8.44
N GLU A 25 4.27 -4.73 -9.52
CA GLU A 25 4.46 -3.40 -10.10
C GLU A 25 3.11 -2.72 -10.29
N GLN A 26 2.07 -3.54 -10.49
CA GLN A 26 0.72 -3.03 -10.67
C GLN A 26 0.04 -2.89 -9.32
N GLU A 27 0.43 -3.74 -8.37
CA GLU A 27 -0.14 -3.69 -7.04
C GLU A 27 0.43 -2.49 -6.30
N LYS A 28 1.75 -2.42 -6.23
CA LYS A 28 2.42 -1.29 -5.59
C LYS A 28 1.92 0.01 -6.22
N GLU A 29 1.36 -0.11 -7.42
CA GLU A 29 0.83 1.05 -8.12
C GLU A 29 -0.31 1.69 -7.35
N THR A 30 -1.02 0.90 -6.56
CA THR A 30 -2.14 1.41 -5.79
C THR A 30 -1.70 1.94 -4.42
N PHE A 31 -0.94 1.14 -3.69
CA PHE A 31 -0.46 1.55 -2.38
C PHE A 31 0.62 2.61 -2.50
N ARG A 32 1.41 2.53 -3.58
CA ARG A 32 2.47 3.49 -3.81
C ARG A 32 1.89 4.80 -4.35
N GLU A 33 0.78 4.70 -5.07
CA GLU A 33 0.12 5.86 -5.64
C GLU A 33 -0.69 6.60 -4.58
N LYS A 34 -1.30 5.84 -3.68
CA LYS A 34 -2.10 6.43 -2.62
C LYS A 34 -1.17 7.15 -1.65
N PHE A 35 -0.03 6.53 -1.35
CA PHE A 35 0.95 7.12 -0.46
C PHE A 35 1.48 8.38 -1.10
N MET A 36 1.55 8.36 -2.44
CA MET A 36 1.96 9.52 -3.18
C MET A 36 0.82 10.53 -3.17
N GLN A 37 -0.40 9.99 -3.08
CA GLN A 37 -1.61 10.79 -3.03
C GLN A 37 -1.73 11.45 -1.66
N HIS A 38 -1.33 10.70 -0.65
CA HIS A 38 -1.39 11.15 0.73
C HIS A 38 0.02 11.45 1.25
N PRO A 39 0.43 12.74 1.22
CA PRO A 39 1.76 13.17 1.67
C PRO A 39 2.25 12.44 2.93
N LYS A 40 3.02 11.37 2.72
CA LYS A 40 3.58 10.58 3.81
C LYS A 40 2.57 10.36 4.93
N ASN A 41 1.92 9.21 4.91
CA ASN A 41 0.93 8.88 5.93
C ASN A 41 1.02 7.41 6.35
N PHE A 42 0.89 6.52 5.37
CA PHE A 42 0.95 5.08 5.62
C PHE A 42 -0.26 4.61 6.44
N GLY A 43 -1.15 5.53 6.76
CA GLY A 43 -2.34 5.18 7.52
C GLY A 43 -3.51 4.88 6.61
N LEU A 44 -3.69 5.71 5.58
CA LEU A 44 -4.77 5.51 4.63
C LEU A 44 -4.51 4.28 3.78
N ILE A 45 -3.32 4.23 3.19
CA ILE A 45 -2.95 3.11 2.34
C ILE A 45 -3.14 1.81 3.10
N ALA A 46 -2.60 1.77 4.31
CA ALA A 46 -2.74 0.60 5.16
C ALA A 46 -4.19 0.42 5.61
N SER A 47 -5.08 1.29 5.11
CA SER A 47 -6.49 1.23 5.46
C SER A 47 -7.33 0.69 4.30
N PHE A 48 -6.96 1.03 3.08
CA PHE A 48 -7.72 0.56 1.91
C PHE A 48 -7.32 -0.88 1.56
N LEU A 49 -6.10 -1.25 1.93
CA LEU A 49 -5.60 -2.60 1.68
C LEU A 49 -5.34 -3.31 3.02
N GLU A 50 -6.37 -3.31 3.86
CA GLU A 50 -6.34 -3.91 5.20
C GLU A 50 -5.34 -5.06 5.32
N ARG A 51 -5.30 -5.93 4.31
CA ARG A 51 -4.38 -7.06 4.32
C ARG A 51 -2.99 -6.63 4.77
N LYS A 52 -2.67 -5.37 4.51
CA LYS A 52 -1.38 -4.81 4.90
C LYS A 52 -1.52 -3.94 6.14
N THR A 53 -0.51 -3.12 6.41
CA THR A 53 -0.53 -2.24 7.56
C THR A 53 0.52 -1.14 7.43
N VAL A 54 0.56 -0.23 8.39
CA VAL A 54 1.52 0.86 8.37
C VAL A 54 2.94 0.32 8.54
N ALA A 55 3.14 -0.46 9.61
CA ALA A 55 4.44 -1.05 9.88
C ALA A 55 4.71 -2.21 8.93
N GLU A 56 3.63 -2.80 8.41
CA GLU A 56 3.74 -3.91 7.48
C GLU A 56 3.98 -3.41 6.06
N CYS A 57 3.49 -2.21 5.77
CA CYS A 57 3.66 -1.62 4.45
C CYS A 57 5.12 -1.31 4.19
N VAL A 58 5.89 -1.13 5.27
CA VAL A 58 7.32 -0.85 5.15
C VAL A 58 8.00 -1.92 4.31
N LEU A 59 7.35 -3.09 4.23
CA LEU A 59 7.89 -4.21 3.47
C LEU A 59 7.81 -3.93 1.97
N TYR A 60 7.18 -2.83 1.58
CA TYR A 60 7.04 -2.46 0.18
C TYR A 60 7.79 -1.17 -0.14
N TYR A 61 8.31 -0.51 0.91
CA TYR A 61 9.02 0.75 0.73
C TYR A 61 10.53 0.52 0.59
N TYR A 62 11.03 -0.54 1.22
CA TYR A 62 12.46 -0.83 1.14
C TYR A 62 12.80 -1.63 -0.12
N LEU A 63 11.77 -1.96 -0.90
CA LEU A 63 11.97 -2.69 -2.15
C LEU A 63 11.62 -1.80 -3.34
N THR A 64 11.10 -0.61 -3.05
CA THR A 64 10.72 0.33 -4.09
C THR A 64 11.61 1.57 -4.05
N LYS A 65 12.14 1.89 -2.87
CA LYS A 65 12.99 3.07 -2.73
C LYS A 65 14.42 2.69 -2.37
N LYS A 66 14.57 1.68 -1.52
CA LYS A 66 15.90 1.23 -1.10
C LYS A 66 16.73 0.79 -2.31
N ASN A 67 16.06 0.48 -3.41
CA ASN A 67 16.74 0.04 -4.62
C ASN A 67 16.45 0.97 -5.81
N GLU A 68 15.48 1.88 -5.64
CA GLU A 68 15.13 2.79 -6.72
C GLU A 68 15.45 4.24 -6.33
N ASN A 69 15.18 4.59 -5.07
CA ASN A 69 15.43 5.93 -4.58
C ASN A 69 14.54 6.95 -5.29
N TYR A 70 13.25 6.90 -4.98
CA TYR A 70 12.30 7.81 -5.58
C TYR A 70 11.44 8.47 -4.51
N LYS A 71 10.25 8.89 -4.88
CA LYS A 71 9.33 9.53 -3.96
C LYS A 71 7.93 8.95 -4.10
N ASN A 4 -15.25 5.29 -2.24
CA ASN A 4 -16.67 5.06 -1.98
C ASN A 4 -16.94 3.59 -1.68
N GLY A 5 -17.90 3.34 -0.80
CA GLY A 5 -18.23 1.97 -0.44
C GLY A 5 -19.68 1.82 -0.02
N LEU A 6 -20.23 0.63 -0.23
CA LEU A 6 -21.62 0.35 0.13
C LEU A 6 -21.77 0.16 1.63
N MET A 7 -20.80 -0.52 2.24
CA MET A 7 -20.81 -0.78 3.67
C MET A 7 -19.42 -1.17 4.16
N ALA A 8 -18.77 -2.08 3.45
CA ALA A 8 -17.44 -2.53 3.82
C ALA A 8 -16.40 -1.44 3.59
N ASP A 9 -15.63 -1.12 4.62
CA ASP A 9 -14.60 -0.10 4.53
C ASP A 9 -13.43 -0.58 3.68
N PRO A 10 -12.76 -1.66 4.09
CA PRO A 10 -11.62 -2.21 3.36
C PRO A 10 -12.04 -2.91 2.07
N MET A 11 -11.47 -2.46 0.96
CA MET A 11 -11.78 -3.04 -0.34
C MET A 11 -10.52 -3.42 -1.09
N LYS A 12 -9.91 -2.45 -1.76
CA LYS A 12 -8.69 -2.71 -2.52
C LYS A 12 -7.70 -3.52 -1.70
N VAL A 13 -7.64 -4.80 -1.98
CA VAL A 13 -6.75 -5.71 -1.30
C VAL A 13 -6.94 -7.13 -1.81
N TYR A 14 -8.20 -7.49 -1.96
CA TYR A 14 -8.62 -8.78 -2.48
C TYR A 14 -7.82 -9.16 -3.72
N LYS A 15 -7.49 -8.15 -4.53
CA LYS A 15 -6.73 -8.37 -5.76
C LYS A 15 -5.23 -8.22 -5.53
N ASP A 16 -4.84 -8.12 -4.27
CA ASP A 16 -3.43 -7.97 -3.91
C ASP A 16 -3.13 -8.63 -2.57
N ARG A 17 -3.80 -9.75 -2.30
CA ARG A 17 -3.59 -10.47 -1.06
C ARG A 17 -2.25 -11.21 -1.09
N GLN A 18 -1.69 -11.33 -2.29
CA GLN A 18 -0.41 -11.99 -2.48
C GLN A 18 0.68 -10.95 -2.69
N VAL A 19 0.42 -9.76 -2.16
CA VAL A 19 1.34 -8.64 -2.25
C VAL A 19 2.06 -8.46 -0.92
N MET A 20 1.36 -8.77 0.16
CA MET A 20 1.93 -8.65 1.50
C MET A 20 3.36 -9.21 1.52
N ASN A 21 3.62 -10.18 0.64
CA ASN A 21 4.93 -10.80 0.52
C ASN A 21 5.43 -10.74 -0.92
N MET A 22 4.97 -9.72 -1.66
CA MET A 22 5.35 -9.54 -3.06
C MET A 22 4.45 -8.53 -3.74
N TRP A 23 4.65 -7.26 -3.43
CA TRP A 23 3.85 -6.20 -4.02
C TRP A 23 4.23 -6.04 -5.48
N SER A 24 3.32 -6.44 -6.35
CA SER A 24 3.56 -6.38 -7.78
C SER A 24 3.55 -4.94 -8.28
N GLU A 25 4.31 -4.69 -9.34
CA GLU A 25 4.38 -3.35 -9.92
C GLU A 25 2.98 -2.79 -10.13
N GLN A 26 2.03 -3.69 -10.35
CA GLN A 26 0.64 -3.30 -10.56
C GLN A 26 -0.08 -3.12 -9.23
N GLU A 27 0.34 -3.90 -8.22
CA GLU A 27 -0.27 -3.80 -6.91
C GLU A 27 0.28 -2.57 -6.20
N LYS A 28 1.60 -2.44 -6.19
CA LYS A 28 2.24 -1.27 -5.59
C LYS A 28 1.69 -0.02 -6.25
N GLU A 29 1.12 -0.19 -7.44
CA GLU A 29 0.53 0.92 -8.17
C GLU A 29 -0.60 1.56 -7.38
N THR A 30 -1.23 0.78 -6.50
CA THR A 30 -2.34 1.30 -5.71
C THR A 30 -1.85 1.89 -4.37
N PHE A 31 -1.04 1.12 -3.65
CA PHE A 31 -0.52 1.56 -2.36
C PHE A 31 0.56 2.60 -2.56
N ARG A 32 1.29 2.50 -3.67
CA ARG A 32 2.36 3.44 -3.97
C ARG A 32 1.79 4.72 -4.57
N GLU A 33 0.65 4.62 -5.26
CA GLU A 33 0.02 5.77 -5.87
C GLU A 33 -0.73 6.59 -4.83
N LYS A 34 -1.34 5.89 -3.87
CA LYS A 34 -2.07 6.56 -2.81
C LYS A 34 -1.11 7.29 -1.89
N PHE A 35 0.02 6.66 -1.60
CA PHE A 35 1.02 7.25 -0.75
C PHE A 35 1.58 8.48 -1.44
N MET A 36 1.59 8.44 -2.77
CA MET A 36 2.04 9.57 -3.55
C MET A 36 0.93 10.62 -3.53
N GLN A 37 -0.30 10.12 -3.36
CA GLN A 37 -1.49 10.95 -3.29
C GLN A 37 -1.56 11.66 -1.94
N HIS A 38 -1.27 10.90 -0.89
CA HIS A 38 -1.30 11.39 0.47
C HIS A 38 0.11 11.79 0.93
N PRO A 39 0.30 13.06 1.32
CA PRO A 39 1.60 13.56 1.77
C PRO A 39 2.17 12.82 2.98
N LYS A 40 2.95 11.78 2.70
CA LYS A 40 3.58 10.96 3.75
C LYS A 40 2.63 10.70 4.92
N ASN A 41 2.02 9.52 4.93
CA ASN A 41 1.10 9.14 6.00
C ASN A 41 1.25 7.66 6.35
N PHE A 42 0.95 6.80 5.39
CA PHE A 42 1.03 5.36 5.59
C PHE A 42 -0.16 4.84 6.41
N GLY A 43 -0.98 5.75 6.91
CA GLY A 43 -2.14 5.36 7.68
C GLY A 43 -3.32 5.05 6.79
N LEU A 44 -3.41 5.76 5.67
CA LEU A 44 -4.50 5.54 4.72
C LEU A 44 -4.19 4.34 3.84
N ILE A 45 -3.01 4.37 3.22
CA ILE A 45 -2.60 3.28 2.34
C ILE A 45 -2.65 1.96 3.09
N ALA A 46 -2.30 2.02 4.36
CA ALA A 46 -2.33 0.83 5.20
C ALA A 46 -3.73 0.63 5.77
N SER A 47 -4.70 1.37 5.21
CA SER A 47 -6.07 1.28 5.67
C SER A 47 -7.01 0.84 4.54
N PHE A 48 -6.69 1.22 3.30
CA PHE A 48 -7.54 0.84 2.17
C PHE A 48 -7.25 -0.60 1.75
N LEU A 49 -6.08 -1.10 2.11
CA LEU A 49 -5.69 -2.47 1.77
C LEU A 49 -5.48 -3.28 3.05
N GLU A 50 -6.43 -3.13 3.98
CA GLU A 50 -6.44 -3.81 5.28
C GLU A 50 -5.35 -4.88 5.43
N ARG A 51 -5.35 -5.85 4.52
CA ARG A 51 -4.36 -6.94 4.56
C ARG A 51 -2.96 -6.42 4.87
N LYS A 52 -2.72 -5.16 4.49
CA LYS A 52 -1.42 -4.54 4.74
C LYS A 52 -1.54 -3.47 5.83
N THR A 53 -0.81 -3.66 6.92
CA THR A 53 -0.83 -2.71 8.02
C THR A 53 0.22 -1.62 7.82
N VAL A 54 0.13 -0.55 8.60
CA VAL A 54 1.08 0.55 8.49
C VAL A 54 2.51 0.05 8.73
N ALA A 55 2.63 -0.94 9.61
CA ALA A 55 3.94 -1.51 9.93
C ALA A 55 4.31 -2.57 8.90
N GLU A 56 3.29 -3.21 8.33
CA GLU A 56 3.50 -4.24 7.31
C GLU A 56 3.76 -3.60 5.95
N CYS A 57 3.23 -2.41 5.75
CA CYS A 57 3.42 -1.68 4.49
C CYS A 57 4.89 -1.37 4.29
N VAL A 58 5.63 -1.29 5.40
CA VAL A 58 7.06 -1.02 5.34
C VAL A 58 7.77 -2.08 4.50
N LEU A 59 7.10 -3.22 4.31
CA LEU A 59 7.66 -4.31 3.53
C LEU A 59 7.53 -4.03 2.02
N TYR A 60 6.99 -2.86 1.67
CA TYR A 60 6.83 -2.45 0.29
C TYR A 60 7.59 -1.15 0.02
N TYR A 61 8.07 -0.50 1.09
CA TYR A 61 8.78 0.76 0.95
C TYR A 61 10.29 0.56 0.83
N TYR A 62 10.81 -0.52 1.41
CA TYR A 62 12.24 -0.78 1.35
C TYR A 62 12.64 -1.35 -0.01
N LEU A 63 11.64 -1.63 -0.85
CA LEU A 63 11.90 -2.15 -2.19
C LEU A 63 11.67 -1.06 -3.23
N THR A 64 10.77 -0.13 -2.91
CA THR A 64 10.47 0.98 -3.80
C THR A 64 11.41 2.15 -3.58
N LYS A 65 12.03 2.20 -2.39
CA LYS A 65 12.96 3.27 -2.07
C LYS A 65 14.40 2.83 -2.29
N LYS A 66 14.64 1.53 -2.37
CA LYS A 66 15.97 1.00 -2.59
C LYS A 66 16.55 1.51 -3.91
N ASN A 67 15.67 1.78 -4.87
CA ASN A 67 16.09 2.27 -6.18
C ASN A 67 15.52 3.66 -6.46
N GLU A 68 14.44 4.02 -5.77
CA GLU A 68 13.81 5.32 -5.96
C GLU A 68 14.22 6.31 -4.86
N ASN A 69 14.77 5.77 -3.77
CA ASN A 69 15.21 6.60 -2.64
C ASN A 69 14.16 7.66 -2.29
N TYR A 70 12.98 7.20 -1.90
CA TYR A 70 11.90 8.10 -1.53
C TYR A 70 11.11 7.52 -0.35
N LYS A 71 9.87 7.93 -0.25
CA LYS A 71 8.99 7.46 0.82
C LYS A 71 7.68 6.95 0.26
N ASN A 4 -17.89 14.59 -2.18
CA ASN A 4 -17.13 13.39 -2.50
C ASN A 4 -17.55 12.23 -1.59
N GLY A 5 -17.27 12.38 -0.30
CA GLY A 5 -17.61 11.34 0.65
C GLY A 5 -16.41 10.55 1.13
N LEU A 6 -16.54 9.91 2.28
CA LEU A 6 -15.46 9.12 2.85
C LEU A 6 -15.38 7.74 2.20
N MET A 7 -16.53 7.23 1.78
CA MET A 7 -16.59 5.92 1.14
C MET A 7 -16.11 4.83 2.09
N ALA A 8 -17.04 4.09 2.67
CA ALA A 8 -16.70 3.02 3.60
C ALA A 8 -16.61 1.68 2.86
N ASP A 9 -16.54 0.59 3.63
CA ASP A 9 -16.45 -0.74 3.05
C ASP A 9 -15.18 -0.89 2.22
N PRO A 10 -14.08 -1.34 2.84
CA PRO A 10 -12.79 -1.52 2.15
C PRO A 10 -12.94 -2.34 0.87
N MET A 11 -12.12 -2.03 -0.12
CA MET A 11 -12.15 -2.74 -1.39
C MET A 11 -10.77 -3.25 -1.77
N LYS A 12 -9.97 -2.39 -2.39
CA LYS A 12 -8.62 -2.77 -2.79
C LYS A 12 -7.89 -3.45 -1.65
N VAL A 13 -7.80 -4.77 -1.74
CA VAL A 13 -7.12 -5.56 -0.73
C VAL A 13 -7.27 -7.04 -1.06
N TYR A 14 -8.50 -7.41 -1.41
CA TYR A 14 -8.84 -8.78 -1.80
C TYR A 14 -7.74 -9.39 -2.67
N LYS A 15 -7.09 -8.54 -3.47
CA LYS A 15 -6.02 -9.01 -4.35
C LYS A 15 -4.65 -8.74 -3.72
N ASP A 16 -4.60 -7.75 -2.84
CA ASP A 16 -3.36 -7.38 -2.17
C ASP A 16 -2.88 -8.48 -1.23
N ARG A 17 -3.74 -9.46 -0.94
CA ARG A 17 -3.37 -10.56 -0.05
C ARG A 17 -2.09 -11.25 -0.54
N GLN A 18 -1.90 -11.25 -1.86
CA GLN A 18 -0.72 -11.86 -2.45
C GLN A 18 0.31 -10.79 -2.79
N VAL A 19 0.33 -9.75 -1.96
CA VAL A 19 1.25 -8.64 -2.14
C VAL A 19 2.14 -8.48 -0.91
N MET A 20 1.61 -8.83 0.25
CA MET A 20 2.38 -8.73 1.49
C MET A 20 3.76 -9.34 1.30
N ASN A 21 3.86 -10.28 0.36
CA ASN A 21 5.12 -10.95 0.06
C ASN A 21 5.51 -10.78 -1.40
N MET A 22 4.96 -9.74 -2.04
CA MET A 22 5.25 -9.46 -3.45
C MET A 22 4.33 -8.39 -4.00
N TRP A 23 4.72 -7.13 -3.86
CA TRP A 23 3.93 -6.03 -4.39
C TRP A 23 4.35 -5.80 -5.83
N SER A 24 3.53 -6.30 -6.74
CA SER A 24 3.80 -6.20 -8.18
C SER A 24 3.89 -4.74 -8.62
N GLU A 25 4.69 -4.49 -9.66
CA GLU A 25 4.85 -3.15 -10.19
C GLU A 25 3.47 -2.51 -10.42
N GLN A 26 2.50 -3.36 -10.73
CA GLN A 26 1.13 -2.90 -10.96
C GLN A 26 0.40 -2.77 -9.63
N GLU A 27 0.76 -3.62 -8.68
CA GLU A 27 0.15 -3.59 -7.37
C GLU A 27 0.64 -2.37 -6.61
N LYS A 28 1.95 -2.15 -6.65
CA LYS A 28 2.54 -0.97 -6.01
C LYS A 28 1.87 0.28 -6.55
N GLU A 29 1.21 0.14 -7.70
CA GLU A 29 0.52 1.24 -8.33
C GLU A 29 -0.60 1.77 -7.44
N THR A 30 -1.14 0.90 -6.60
CA THR A 30 -2.24 1.31 -5.72
C THR A 30 -1.71 1.86 -4.39
N PHE A 31 -0.86 1.08 -3.73
CA PHE A 31 -0.30 1.49 -2.45
C PHE A 31 0.72 2.60 -2.64
N ARG A 32 1.42 2.60 -3.77
CA ARG A 32 2.42 3.61 -4.03
C ARG A 32 1.76 4.89 -4.57
N GLU A 33 0.57 4.74 -5.17
CA GLU A 33 -0.12 5.90 -5.72
C GLU A 33 -0.90 6.62 -4.63
N LYS A 34 -1.41 5.88 -3.67
CA LYS A 34 -2.15 6.48 -2.58
C LYS A 34 -1.19 7.15 -1.62
N PHE A 35 -0.08 6.47 -1.34
CA PHE A 35 0.94 7.02 -0.47
C PHE A 35 1.51 8.27 -1.11
N MET A 36 1.53 8.26 -2.43
CA MET A 36 1.98 9.42 -3.18
C MET A 36 0.88 10.46 -3.15
N GLN A 37 -0.36 9.96 -3.09
CA GLN A 37 -1.55 10.81 -3.00
C GLN A 37 -1.62 11.46 -1.64
N HIS A 38 -1.21 10.70 -0.63
CA HIS A 38 -1.23 11.15 0.75
C HIS A 38 0.20 11.37 1.25
N PRO A 39 0.70 12.62 1.17
CA PRO A 39 2.05 12.98 1.61
C PRO A 39 2.51 12.25 2.87
N LYS A 40 3.24 11.15 2.67
CA LYS A 40 3.76 10.35 3.78
C LYS A 40 2.74 10.18 4.90
N ASN A 41 2.02 9.07 4.87
CA ASN A 41 1.01 8.79 5.89
C ASN A 41 1.03 7.32 6.30
N PHE A 42 0.87 6.43 5.32
CA PHE A 42 0.86 5.00 5.58
C PHE A 42 -0.38 4.60 6.38
N GLY A 43 -1.22 5.58 6.72
CA GLY A 43 -2.44 5.30 7.44
C GLY A 43 -3.60 5.04 6.52
N LEU A 44 -3.76 5.90 5.51
CA LEU A 44 -4.85 5.73 4.55
C LEU A 44 -4.63 4.47 3.75
N ILE A 45 -3.45 4.33 3.16
CA ILE A 45 -3.14 3.16 2.38
C ILE A 45 -3.40 1.92 3.20
N ALA A 46 -2.80 1.87 4.39
CA ALA A 46 -3.00 0.77 5.31
C ALA A 46 -4.47 0.65 5.70
N SER A 47 -5.27 1.63 5.27
CA SER A 47 -6.70 1.65 5.57
C SER A 47 -7.50 1.00 4.45
N PHE A 48 -7.10 1.24 3.20
CA PHE A 48 -7.81 0.67 2.06
C PHE A 48 -7.30 -0.74 1.80
N LEU A 49 -6.02 -0.99 2.06
CA LEU A 49 -5.43 -2.31 1.88
C LEU A 49 -5.07 -2.91 3.24
N GLU A 50 -6.06 -2.93 4.14
CA GLU A 50 -5.90 -3.44 5.49
C GLU A 50 -4.92 -4.61 5.59
N ARG A 51 -4.99 -5.52 4.62
CA ARG A 51 -4.10 -6.69 4.60
C ARG A 51 -2.66 -6.28 4.87
N LYS A 52 -2.32 -5.05 4.49
CA LYS A 52 -0.98 -4.52 4.70
C LYS A 52 -1.04 -3.24 5.52
N THR A 53 -1.16 -3.41 6.84
CA THR A 53 -1.23 -2.28 7.75
C THR A 53 -0.03 -1.35 7.58
N VAL A 54 -0.01 -0.27 8.37
CA VAL A 54 1.09 0.69 8.30
C VAL A 54 2.44 0.02 8.47
N ALA A 55 2.56 -0.84 9.48
CA ALA A 55 3.80 -1.56 9.74
C ALA A 55 4.01 -2.65 8.69
N GLU A 56 2.92 -3.12 8.09
CA GLU A 56 2.99 -4.16 7.08
C GLU A 56 3.34 -3.58 5.71
N CYS A 57 3.00 -2.31 5.50
CA CYS A 57 3.29 -1.64 4.24
C CYS A 57 4.79 -1.43 4.08
N VAL A 58 5.51 -1.42 5.20
CA VAL A 58 6.95 -1.25 5.17
C VAL A 58 7.60 -2.35 4.33
N LEU A 59 6.85 -3.42 4.09
CA LEU A 59 7.33 -4.55 3.31
C LEU A 59 7.29 -4.26 1.81
N TYR A 60 6.94 -3.03 1.45
CA TYR A 60 6.88 -2.60 0.05
C TYR A 60 7.80 -1.42 -0.21
N TYR A 61 8.30 -0.79 0.87
CA TYR A 61 9.16 0.37 0.75
C TYR A 61 10.65 -0.02 0.73
N TYR A 62 11.00 -1.13 1.36
CA TYR A 62 12.39 -1.56 1.39
C TYR A 62 12.81 -2.21 0.06
N LEU A 63 11.84 -2.38 -0.83
CA LEU A 63 12.12 -2.98 -2.14
C LEU A 63 12.12 -1.90 -3.22
N THR A 64 11.34 -0.84 -2.98
CA THR A 64 11.26 0.27 -3.91
C THR A 64 12.37 1.28 -3.65
N LYS A 65 12.90 1.28 -2.44
CA LYS A 65 13.98 2.20 -2.08
C LYS A 65 15.34 1.53 -2.20
N LYS A 66 15.37 0.21 -2.09
CA LYS A 66 16.62 -0.54 -2.19
C LYS A 66 17.28 -0.34 -3.54
N ASN A 67 16.47 -0.02 -4.56
CA ASN A 67 16.98 0.19 -5.91
C ASN A 67 16.69 1.60 -6.42
N GLU A 68 15.81 2.32 -5.73
CA GLU A 68 15.46 3.68 -6.14
C GLU A 68 15.99 4.71 -5.16
N ASN A 69 16.22 4.30 -3.91
CA ASN A 69 16.73 5.20 -2.88
C ASN A 69 15.78 6.38 -2.69
N TYR A 70 14.71 6.15 -1.93
CA TYR A 70 13.73 7.19 -1.66
C TYR A 70 12.78 6.78 -0.54
N LYS A 71 12.65 7.62 0.47
CA LYS A 71 11.77 7.33 1.60
C LYS A 71 10.96 8.57 1.98
N ASN A 4 -24.97 7.61 5.40
CA ASN A 4 -23.60 7.17 5.22
C ASN A 4 -22.88 8.01 4.17
N GLY A 5 -21.58 7.78 4.02
CA GLY A 5 -20.80 8.54 3.06
C GLY A 5 -19.38 8.80 3.52
N LEU A 6 -19.21 8.89 4.84
CA LEU A 6 -17.89 9.13 5.42
C LEU A 6 -16.93 7.98 5.11
N MET A 7 -17.39 6.76 5.37
CA MET A 7 -16.58 5.58 5.13
C MET A 7 -16.21 5.47 3.65
N ALA A 8 -15.51 4.40 3.29
CA ALA A 8 -15.09 4.17 1.91
C ALA A 8 -15.50 2.79 1.42
N ASP A 9 -15.07 2.44 0.23
CA ASP A 9 -15.39 1.14 -0.36
C ASP A 9 -14.14 0.28 -0.49
N PRO A 10 -13.85 -0.56 0.52
CA PRO A 10 -12.68 -1.43 0.51
C PRO A 10 -12.57 -2.25 -0.78
N MET A 11 -11.55 -1.96 -1.57
CA MET A 11 -11.33 -2.65 -2.83
C MET A 11 -9.92 -3.19 -2.90
N LYS A 12 -8.97 -2.35 -3.34
CA LYS A 12 -7.58 -2.78 -3.45
C LYS A 12 -7.15 -3.46 -2.16
N VAL A 13 -7.25 -4.76 -2.16
CA VAL A 13 -6.92 -5.57 -1.02
C VAL A 13 -7.12 -7.04 -1.35
N TYR A 14 -8.25 -7.30 -2.00
CA TYR A 14 -8.62 -8.63 -2.45
C TYR A 14 -7.46 -9.28 -3.22
N LYS A 15 -6.56 -8.45 -3.74
CA LYS A 15 -5.40 -8.96 -4.47
C LYS A 15 -4.12 -8.75 -3.64
N ASP A 16 -4.19 -7.80 -2.72
CA ASP A 16 -3.05 -7.50 -1.85
C ASP A 16 -2.66 -8.72 -1.02
N ARG A 17 -3.59 -9.66 -0.87
CA ARG A 17 -3.33 -10.87 -0.10
C ARG A 17 -2.05 -11.55 -0.60
N GLN A 18 -1.79 -11.43 -1.89
CA GLN A 18 -0.59 -12.00 -2.49
C GLN A 18 0.41 -10.88 -2.79
N VAL A 19 0.33 -9.84 -1.96
CA VAL A 19 1.21 -8.68 -2.10
C VAL A 19 2.06 -8.53 -0.85
N MET A 20 1.51 -8.90 0.29
CA MET A 20 2.24 -8.82 1.56
C MET A 20 3.65 -9.39 1.37
N ASN A 21 3.79 -10.29 0.41
CA ASN A 21 5.07 -10.92 0.11
C ASN A 21 5.40 -10.77 -1.38
N MET A 22 4.85 -9.75 -2.01
CA MET A 22 5.09 -9.49 -3.43
C MET A 22 4.13 -8.43 -3.98
N TRP A 23 4.46 -7.18 -3.76
CA TRP A 23 3.63 -6.08 -4.25
C TRP A 23 3.88 -5.91 -5.73
N SER A 24 2.91 -6.36 -6.52
CA SER A 24 3.00 -6.31 -7.97
C SER A 24 3.08 -4.88 -8.47
N GLU A 25 3.78 -4.67 -9.58
CA GLU A 25 3.91 -3.34 -10.17
C GLU A 25 2.54 -2.68 -10.29
N GLN A 26 1.51 -3.52 -10.44
CA GLN A 26 0.15 -3.04 -10.55
C GLN A 26 -0.49 -2.88 -9.16
N GLU A 27 -0.06 -3.72 -8.23
CA GLU A 27 -0.56 -3.67 -6.87
C GLU A 27 0.07 -2.49 -6.16
N LYS A 28 1.39 -2.46 -6.13
CA LYS A 28 2.12 -1.35 -5.53
C LYS A 28 1.66 -0.05 -6.17
N GLU A 29 1.08 -0.16 -7.35
CA GLU A 29 0.59 1.00 -8.08
C GLU A 29 -0.52 1.70 -7.30
N THR A 30 -1.24 0.95 -6.48
CA THR A 30 -2.33 1.53 -5.70
C THR A 30 -1.85 2.08 -4.36
N PHE A 31 -1.11 1.26 -3.61
CA PHE A 31 -0.59 1.68 -2.31
C PHE A 31 0.52 2.71 -2.49
N ARG A 32 1.28 2.57 -3.58
CA ARG A 32 2.37 3.50 -3.85
C ARG A 32 1.84 4.81 -4.43
N GLU A 33 0.72 4.73 -5.15
CA GLU A 33 0.11 5.92 -5.74
C GLU A 33 -0.67 6.70 -4.70
N LYS A 34 -1.35 6.00 -3.82
CA LYS A 34 -2.12 6.65 -2.76
C LYS A 34 -1.18 7.37 -1.81
N PHE A 35 -0.04 6.74 -1.52
CA PHE A 35 0.95 7.33 -0.64
C PHE A 35 1.46 8.60 -1.27
N MET A 36 1.53 8.59 -2.59
CA MET A 36 1.95 9.76 -3.32
C MET A 36 0.82 10.78 -3.26
N GLN A 37 -0.40 10.26 -3.14
CA GLN A 37 -1.61 11.05 -3.02
C GLN A 37 -1.69 11.68 -1.64
N HIS A 38 -1.29 10.89 -0.65
CA HIS A 38 -1.31 11.31 0.73
C HIS A 38 0.11 11.61 1.23
N PRO A 39 0.48 12.91 1.23
CA PRO A 39 1.82 13.35 1.65
C PRO A 39 2.33 12.63 2.89
N LYS A 40 3.08 11.55 2.67
CA LYS A 40 3.66 10.76 3.76
C LYS A 40 2.66 10.55 4.91
N ASN A 41 2.07 9.37 4.95
CA ASN A 41 1.11 9.04 6.00
C ASN A 41 1.22 7.57 6.40
N PHE A 42 1.10 6.69 5.41
CA PHE A 42 1.18 5.25 5.65
C PHE A 42 0.04 4.77 6.56
N GLY A 43 -0.93 5.66 6.81
CA GLY A 43 -2.06 5.30 7.64
C GLY A 43 -3.28 5.01 6.80
N LEU A 44 -3.39 5.70 5.67
CA LEU A 44 -4.51 5.50 4.75
C LEU A 44 -4.23 4.32 3.84
N ILE A 45 -3.06 4.34 3.21
CA ILE A 45 -2.67 3.28 2.30
C ILE A 45 -2.69 1.95 3.02
N ALA A 46 -2.38 1.99 4.30
CA ALA A 46 -2.40 0.78 5.12
C ALA A 46 -3.81 0.56 5.67
N SER A 47 -4.78 1.30 5.11
CA SER A 47 -6.17 1.19 5.55
C SER A 47 -7.07 0.74 4.41
N PHE A 48 -6.76 1.12 3.17
CA PHE A 48 -7.58 0.71 2.04
C PHE A 48 -7.28 -0.74 1.64
N LEU A 49 -6.10 -1.21 2.01
CA LEU A 49 -5.68 -2.58 1.72
C LEU A 49 -5.56 -3.36 3.02
N GLU A 50 -6.56 -3.16 3.88
CA GLU A 50 -6.66 -3.80 5.20
C GLU A 50 -5.71 -4.98 5.41
N ARG A 51 -5.70 -5.91 4.46
CA ARG A 51 -4.83 -7.08 4.54
C ARG A 51 -3.42 -6.70 4.99
N LYS A 52 -3.04 -5.47 4.67
CA LYS A 52 -1.72 -4.95 5.03
C LYS A 52 -1.84 -4.04 6.27
N THR A 53 -0.83 -3.21 6.48
CA THR A 53 -0.84 -2.30 7.62
C THR A 53 0.27 -1.25 7.48
N VAL A 54 0.31 -0.30 8.41
CA VAL A 54 1.31 0.75 8.37
C VAL A 54 2.69 0.18 8.61
N ALA A 55 2.77 -0.77 9.54
CA ALA A 55 4.04 -1.43 9.86
C ALA A 55 4.32 -2.55 8.88
N GLU A 56 3.25 -3.11 8.31
CA GLU A 56 3.37 -4.20 7.35
C GLU A 56 3.63 -3.64 5.95
N CYS A 57 3.17 -2.41 5.70
CA CYS A 57 3.35 -1.78 4.40
C CYS A 57 4.82 -1.45 4.18
N VAL A 58 5.58 -1.37 5.27
CA VAL A 58 7.01 -1.10 5.19
C VAL A 58 7.70 -2.17 4.35
N LEU A 59 7.01 -3.29 4.15
CA LEU A 59 7.56 -4.39 3.37
C LEU A 59 7.50 -4.09 1.87
N TYR A 60 6.99 -2.91 1.52
CA TYR A 60 6.90 -2.50 0.12
C TYR A 60 7.68 -1.20 -0.12
N TYR A 61 8.19 -0.60 0.96
CA TYR A 61 8.93 0.64 0.87
C TYR A 61 10.44 0.41 0.84
N TYR A 62 10.90 -0.66 1.49
CA TYR A 62 12.32 -0.97 1.52
C TYR A 62 12.76 -1.65 0.22
N LEU A 63 11.80 -1.92 -0.66
CA LEU A 63 12.09 -2.55 -1.95
C LEU A 63 11.90 -1.55 -3.08
N THR A 64 11.34 -0.38 -2.74
CA THR A 64 11.10 0.66 -3.73
C THR A 64 12.03 1.85 -3.53
N LYS A 65 12.53 2.03 -2.31
CA LYS A 65 13.41 3.14 -2.02
C LYS A 65 14.78 2.67 -1.53
N LYS A 66 14.79 1.66 -0.67
CA LYS A 66 16.04 1.13 -0.14
C LYS A 66 16.96 0.67 -1.26
N ASN A 67 16.39 0.39 -2.43
CA ASN A 67 17.17 -0.07 -3.58
C ASN A 67 16.97 0.84 -4.79
N GLU A 68 16.09 1.83 -4.67
CA GLU A 68 15.83 2.75 -5.78
C GLU A 68 16.17 4.19 -5.39
N ASN A 69 15.86 4.55 -4.15
CA ASN A 69 16.12 5.90 -3.65
C ASN A 69 15.31 6.92 -4.43
N TYR A 70 14.10 7.20 -3.95
CA TYR A 70 13.22 8.17 -4.61
C TYR A 70 12.40 8.94 -3.59
N LYS A 71 12.66 10.24 -3.48
CA LYS A 71 11.94 11.09 -2.54
C LYS A 71 11.78 12.50 -3.09
N ASN A 4 -18.28 -4.65 16.83
CA ASN A 4 -18.30 -3.43 16.05
C ASN A 4 -17.13 -2.52 16.44
N GLY A 5 -16.76 -1.62 15.53
CA GLY A 5 -15.67 -0.71 15.79
C GLY A 5 -14.88 -0.36 14.54
N LEU A 6 -14.61 -1.37 13.71
CA LEU A 6 -13.87 -1.17 12.48
C LEU A 6 -14.61 -0.22 11.54
N MET A 7 -15.88 -0.55 11.26
CA MET A 7 -16.70 0.27 10.38
C MET A 7 -16.08 0.36 8.99
N ALA A 8 -16.73 1.11 8.11
CA ALA A 8 -16.24 1.30 6.74
C ALA A 8 -16.19 -0.04 6.01
N ASP A 9 -15.78 0.01 4.74
CA ASP A 9 -15.67 -1.20 3.93
C ASP A 9 -14.65 -1.01 2.81
N PRO A 10 -13.37 -1.25 3.10
CA PRO A 10 -12.29 -1.10 2.11
C PRO A 10 -12.58 -1.86 0.83
N MET A 11 -11.81 -1.57 -0.22
CA MET A 11 -11.97 -2.24 -1.51
C MET A 11 -10.66 -2.82 -1.99
N LYS A 12 -9.84 -2.00 -2.62
CA LYS A 12 -8.54 -2.46 -3.12
C LYS A 12 -7.80 -3.25 -2.04
N VAL A 13 -7.85 -4.56 -2.16
CA VAL A 13 -7.21 -5.45 -1.20
C VAL A 13 -7.46 -6.90 -1.56
N TYR A 14 -8.72 -7.18 -1.88
CA TYR A 14 -9.18 -8.50 -2.29
C TYR A 14 -8.21 -9.13 -3.29
N LYS A 15 -7.54 -8.29 -4.08
CA LYS A 15 -6.59 -8.77 -5.08
C LYS A 15 -5.15 -8.42 -4.71
N ASP A 16 -4.96 -7.90 -3.50
CA ASP A 16 -3.64 -7.52 -3.02
C ASP A 16 -3.19 -8.38 -1.84
N ARG A 17 -4.09 -9.24 -1.35
CA ARG A 17 -3.75 -10.12 -0.22
C ARG A 17 -2.48 -10.89 -0.52
N GLN A 18 -2.17 -11.06 -1.79
CA GLN A 18 -0.96 -11.76 -2.21
C GLN A 18 0.15 -10.75 -2.49
N VAL A 19 0.09 -9.64 -1.77
CA VAL A 19 1.08 -8.57 -1.89
C VAL A 19 1.99 -8.54 -0.68
N MET A 20 1.44 -8.93 0.47
CA MET A 20 2.21 -8.96 1.71
C MET A 20 3.57 -9.63 1.48
N ASN A 21 3.63 -10.50 0.47
CA ASN A 21 4.85 -11.20 0.14
C ASN A 21 5.20 -11.05 -1.35
N MET A 22 4.67 -10.00 -1.97
CA MET A 22 4.92 -9.74 -3.39
C MET A 22 4.05 -8.59 -3.91
N TRP A 23 4.53 -7.38 -3.74
CA TRP A 23 3.81 -6.20 -4.21
C TRP A 23 4.09 -6.02 -5.70
N SER A 24 3.16 -6.51 -6.51
CA SER A 24 3.29 -6.44 -7.96
C SER A 24 3.42 -5.01 -8.44
N GLU A 25 4.14 -4.82 -9.55
CA GLU A 25 4.33 -3.48 -10.12
C GLU A 25 2.98 -2.77 -10.25
N GLN A 26 1.94 -3.56 -10.43
CA GLN A 26 0.59 -3.03 -10.56
C GLN A 26 -0.06 -2.89 -9.19
N GLU A 27 0.34 -3.78 -8.27
CA GLU A 27 -0.18 -3.74 -6.92
C GLU A 27 0.44 -2.58 -6.17
N LYS A 28 1.76 -2.56 -6.10
CA LYS A 28 2.48 -1.46 -5.45
C LYS A 28 2.05 -0.14 -6.08
N GLU A 29 1.49 -0.22 -7.28
CA GLU A 29 1.01 0.95 -7.99
C GLU A 29 -0.13 1.62 -7.24
N THR A 30 -0.86 0.86 -6.44
CA THR A 30 -1.98 1.42 -5.69
C THR A 30 -1.56 1.91 -4.31
N PHE A 31 -0.80 1.10 -3.59
CA PHE A 31 -0.35 1.47 -2.26
C PHE A 31 0.79 2.50 -2.34
N ARG A 32 1.58 2.42 -3.41
CA ARG A 32 2.68 3.34 -3.61
C ARG A 32 2.19 4.66 -4.20
N GLU A 33 1.10 4.59 -4.98
CA GLU A 33 0.53 5.78 -5.61
C GLU A 33 -0.35 6.53 -4.63
N LYS A 34 -1.05 5.80 -3.76
CA LYS A 34 -1.90 6.42 -2.77
C LYS A 34 -1.06 7.22 -1.80
N PHE A 35 0.07 6.66 -1.42
CA PHE A 35 0.99 7.32 -0.51
C PHE A 35 1.52 8.57 -1.19
N MET A 36 1.66 8.48 -2.51
CA MET A 36 2.09 9.63 -3.28
C MET A 36 0.94 10.63 -3.33
N GLN A 37 -0.27 10.08 -3.24
CA GLN A 37 -1.50 10.86 -3.24
C GLN A 37 -1.67 11.54 -1.89
N HIS A 38 -1.32 10.79 -0.85
CA HIS A 38 -1.43 11.28 0.51
C HIS A 38 -0.06 11.60 1.08
N PRO A 39 0.30 12.91 1.13
CA PRO A 39 1.60 13.36 1.64
C PRO A 39 2.02 12.70 2.95
N LYS A 40 2.68 11.55 2.84
CA LYS A 40 3.15 10.81 4.00
C LYS A 40 2.03 10.55 5.01
N ASN A 41 1.70 9.29 5.21
CA ASN A 41 0.66 8.90 6.15
C ASN A 41 0.70 7.40 6.44
N PHE A 42 0.52 6.60 5.40
CA PHE A 42 0.53 5.15 5.53
C PHE A 42 -0.77 4.64 6.13
N GLY A 43 -1.43 5.46 6.93
CA GLY A 43 -2.68 5.07 7.54
C GLY A 43 -3.73 4.76 6.50
N LEU A 44 -3.90 5.67 5.53
CA LEU A 44 -4.87 5.46 4.48
C LEU A 44 -4.48 4.26 3.63
N ILE A 45 -3.26 4.29 3.11
CA ILE A 45 -2.76 3.20 2.29
C ILE A 45 -2.88 1.89 3.04
N ALA A 46 -2.46 1.90 4.30
CA ALA A 46 -2.56 0.73 5.14
C ALA A 46 -3.99 0.53 5.63
N SER A 47 -4.92 1.33 5.08
CA SER A 47 -6.31 1.25 5.46
C SER A 47 -7.17 0.75 4.31
N PHE A 48 -6.81 1.12 3.07
CA PHE A 48 -7.58 0.67 1.91
C PHE A 48 -7.22 -0.78 1.55
N LEU A 49 -6.05 -1.23 2.02
CA LEU A 49 -5.60 -2.60 1.77
C LEU A 49 -5.30 -3.30 3.10
N GLU A 50 -6.28 -3.26 4.00
CA GLU A 50 -6.18 -3.85 5.33
C GLU A 50 -5.25 -5.06 5.38
N ARG A 51 -5.32 -5.93 4.37
CA ARG A 51 -4.49 -7.12 4.31
C ARG A 51 -3.03 -6.78 4.63
N LYS A 52 -2.65 -5.54 4.37
CA LYS A 52 -1.30 -5.07 4.63
C LYS A 52 -1.28 -4.16 5.85
N THR A 53 -0.31 -4.38 6.74
CA THR A 53 -0.20 -3.58 7.95
C THR A 53 0.47 -2.24 7.65
N VAL A 54 0.34 -1.30 8.57
CA VAL A 54 0.94 0.03 8.40
C VAL A 54 2.46 -0.07 8.46
N ALA A 55 2.98 -0.43 9.63
CA ALA A 55 4.42 -0.57 9.82
C ALA A 55 4.97 -1.67 8.94
N GLU A 56 4.12 -2.65 8.62
CA GLU A 56 4.52 -3.76 7.77
C GLU A 56 4.55 -3.34 6.31
N CYS A 57 3.69 -2.39 5.96
CA CYS A 57 3.62 -1.90 4.58
C CYS A 57 4.97 -1.34 4.15
N VAL A 58 5.72 -0.79 5.11
CA VAL A 58 7.04 -0.25 4.82
C VAL A 58 7.90 -1.27 4.10
N LEU A 59 7.56 -2.55 4.27
CA LEU A 59 8.30 -3.63 3.64
C LEU A 59 8.27 -3.52 2.12
N TYR A 60 7.34 -2.72 1.59
CA TYR A 60 7.20 -2.54 0.15
C TYR A 60 7.84 -1.24 -0.33
N TYR A 61 8.28 -0.40 0.59
CA TYR A 61 8.87 0.89 0.22
C TYR A 61 10.38 0.80 0.07
N TYR A 62 11.02 -0.11 0.80
CA TYR A 62 12.47 -0.23 0.73
C TYR A 62 12.90 -1.17 -0.38
N LEU A 63 12.01 -2.03 -0.83
CA LEU A 63 12.32 -2.98 -1.90
C LEU A 63 11.86 -2.45 -3.26
N THR A 64 11.19 -1.30 -3.23
CA THR A 64 10.70 -0.66 -4.45
C THR A 64 11.58 0.51 -4.84
N LYS A 65 12.30 1.06 -3.85
CA LYS A 65 13.18 2.19 -4.08
C LYS A 65 14.63 1.73 -4.23
N LYS A 66 14.93 0.55 -3.71
CA LYS A 66 16.29 0.01 -3.79
C LYS A 66 16.72 -0.16 -5.24
N ASN A 67 15.74 -0.25 -6.15
CA ASN A 67 16.03 -0.41 -7.57
C ASN A 67 15.49 0.74 -8.40
N GLU A 68 14.46 1.41 -7.88
CA GLU A 68 13.86 2.53 -8.60
C GLU A 68 14.38 3.87 -8.05
N ASN A 69 14.59 3.91 -6.73
CA ASN A 69 15.08 5.12 -6.09
C ASN A 69 14.07 6.26 -6.22
N TYR A 70 12.83 5.99 -5.79
CA TYR A 70 11.77 6.98 -5.86
C TYR A 70 11.47 7.56 -4.48
N LYS A 71 12.51 7.71 -3.68
CA LYS A 71 12.36 8.26 -2.34
C LYS A 71 11.78 9.66 -2.37
N ASN A 4 -23.86 2.80 15.66
CA ASN A 4 -23.03 2.79 14.47
C ASN A 4 -21.76 3.61 14.69
N GLY A 5 -20.69 3.22 14.02
CA GLY A 5 -19.43 3.93 14.14
C GLY A 5 -18.25 3.10 13.69
N LEU A 6 -18.39 2.42 12.55
CA LEU A 6 -17.32 1.59 12.03
C LEU A 6 -17.33 1.60 10.49
N MET A 7 -17.71 2.74 9.92
CA MET A 7 -17.78 2.88 8.47
C MET A 7 -16.38 2.93 7.87
N ALA A 8 -15.80 1.76 7.62
CA ALA A 8 -14.46 1.68 7.05
C ALA A 8 -14.23 0.33 6.39
N ASP A 9 -15.25 -0.17 5.70
CA ASP A 9 -15.16 -1.46 5.02
C ASP A 9 -14.07 -1.44 3.95
N PRO A 10 -12.96 -2.17 4.17
CA PRO A 10 -11.85 -2.22 3.21
C PRO A 10 -12.23 -2.96 1.93
N MET A 11 -11.65 -2.53 0.82
CA MET A 11 -11.93 -3.14 -0.48
C MET A 11 -10.63 -3.48 -1.19
N LYS A 12 -10.07 -2.51 -1.90
CA LYS A 12 -8.82 -2.73 -2.63
C LYS A 12 -7.80 -3.40 -1.74
N VAL A 13 -7.76 -4.72 -1.85
CA VAL A 13 -6.87 -5.53 -1.04
C VAL A 13 -7.06 -7.00 -1.40
N TYR A 14 -8.33 -7.37 -1.50
CA TYR A 14 -8.74 -8.73 -1.87
C TYR A 14 -7.99 -9.22 -3.11
N LYS A 15 -7.47 -8.28 -3.91
CA LYS A 15 -6.75 -8.62 -5.12
C LYS A 15 -5.24 -8.56 -4.89
N ASP A 16 -4.82 -7.83 -3.85
CA ASP A 16 -3.41 -7.69 -3.53
C ASP A 16 -3.06 -8.37 -2.21
N ARG A 17 -3.76 -9.47 -1.93
CA ARG A 17 -3.50 -10.22 -0.69
C ARG A 17 -2.19 -11.00 -0.82
N GLN A 18 -1.73 -11.17 -2.05
CA GLN A 18 -0.48 -11.86 -2.32
C GLN A 18 0.61 -10.83 -2.57
N VAL A 19 0.41 -9.66 -1.98
CA VAL A 19 1.34 -8.56 -2.10
C VAL A 19 2.18 -8.45 -0.84
N MET A 20 1.59 -8.82 0.29
CA MET A 20 2.29 -8.78 1.56
C MET A 20 3.71 -9.36 1.42
N ASN A 21 3.86 -10.26 0.44
CA ASN A 21 5.15 -10.88 0.18
C ASN A 21 5.53 -10.75 -1.30
N MET A 22 5.00 -9.71 -1.95
CA MET A 22 5.29 -9.46 -3.37
C MET A 22 4.37 -8.37 -3.93
N TRP A 23 4.78 -7.12 -3.76
CA TRP A 23 4.01 -6.01 -4.29
C TRP A 23 4.37 -5.79 -5.76
N SER A 24 3.51 -6.30 -6.62
CA SER A 24 3.72 -6.20 -8.06
C SER A 24 3.71 -4.76 -8.55
N GLU A 25 4.38 -4.51 -9.66
CA GLU A 25 4.42 -3.16 -10.24
C GLU A 25 3.03 -2.58 -10.36
N GLN A 26 2.06 -3.47 -10.60
CA GLN A 26 0.66 -3.06 -10.72
C GLN A 26 0.02 -2.96 -9.35
N GLU A 27 0.49 -3.79 -8.43
CA GLU A 27 -0.03 -3.78 -7.07
C GLU A 27 0.49 -2.56 -6.35
N LYS A 28 1.81 -2.43 -6.29
CA LYS A 28 2.43 -1.26 -5.67
C LYS A 28 1.85 0.01 -6.29
N GLU A 29 1.29 -0.14 -7.48
CA GLU A 29 0.69 0.97 -8.20
C GLU A 29 -0.48 1.56 -7.42
N THR A 30 -1.10 0.76 -6.56
CA THR A 30 -2.24 1.25 -5.79
C THR A 30 -1.80 1.81 -4.44
N PHE A 31 -0.96 1.07 -3.72
CA PHE A 31 -0.49 1.50 -2.43
C PHE A 31 0.58 2.57 -2.58
N ARG A 32 1.37 2.47 -3.65
CA ARG A 32 2.41 3.45 -3.90
C ARG A 32 1.79 4.73 -4.46
N GLU A 33 0.63 4.61 -5.11
CA GLU A 33 -0.04 5.76 -5.68
C GLU A 33 -0.75 6.56 -4.60
N LYS A 34 -1.41 5.85 -3.69
CA LYS A 34 -2.12 6.49 -2.60
C LYS A 34 -1.13 7.11 -1.63
N PHE A 35 -0.05 6.38 -1.35
CA PHE A 35 0.98 6.88 -0.45
C PHE A 35 1.62 8.10 -1.09
N MET A 36 1.67 8.10 -2.41
CA MET A 36 2.19 9.23 -3.14
C MET A 36 1.13 10.31 -3.15
N GLN A 37 -0.13 9.85 -3.11
CA GLN A 37 -1.30 10.72 -3.08
C GLN A 37 -1.39 11.40 -1.72
N HIS A 38 -1.03 10.64 -0.70
CA HIS A 38 -1.06 11.11 0.68
C HIS A 38 0.36 11.29 1.21
N PRO A 39 0.89 12.52 1.15
CA PRO A 39 2.25 12.84 1.61
C PRO A 39 2.67 12.08 2.86
N LYS A 40 3.35 10.96 2.66
CA LYS A 40 3.84 10.12 3.76
C LYS A 40 2.81 9.99 4.87
N ASN A 41 2.04 8.90 4.83
CA ASN A 41 1.02 8.66 5.84
C ASN A 41 0.98 7.20 6.25
N PHE A 42 0.78 6.33 5.27
CA PHE A 42 0.70 4.89 5.53
C PHE A 42 -0.57 4.54 6.30
N GLY A 43 -1.35 5.56 6.66
CA GLY A 43 -2.58 5.34 7.38
C GLY A 43 -3.75 5.11 6.44
N LEU A 44 -3.88 5.99 5.44
CA LEU A 44 -4.95 5.84 4.47
C LEU A 44 -4.78 4.56 3.68
N ILE A 45 -3.61 4.40 3.09
CA ILE A 45 -3.32 3.21 2.31
C ILE A 45 -3.59 1.98 3.15
N ALA A 46 -3.00 1.96 4.33
CA ALA A 46 -3.19 0.86 5.27
C ALA A 46 -4.67 0.72 5.63
N SER A 47 -5.47 1.72 5.22
CA SER A 47 -6.90 1.70 5.49
C SER A 47 -7.67 1.05 4.36
N PHE A 48 -7.23 1.28 3.12
CA PHE A 48 -7.89 0.71 1.96
C PHE A 48 -7.37 -0.70 1.67
N LEU A 49 -6.15 -1.00 2.16
CA LEU A 49 -5.55 -2.32 1.98
C LEU A 49 -5.12 -2.88 3.34
N GLU A 50 -6.06 -2.92 4.27
CA GLU A 50 -5.83 -3.42 5.63
C GLU A 50 -4.84 -4.58 5.67
N ARG A 51 -4.93 -5.49 4.69
CA ARG A 51 -4.04 -6.65 4.64
C ARG A 51 -2.58 -6.22 4.81
N LYS A 52 -2.29 -4.98 4.42
CA LYS A 52 -0.94 -4.44 4.53
C LYS A 52 -0.94 -3.17 5.38
N THR A 53 -1.12 -3.33 6.69
CA THR A 53 -1.15 -2.19 7.60
C THR A 53 0.10 -1.32 7.46
N VAL A 54 0.15 -0.23 8.23
CA VAL A 54 1.29 0.68 8.19
C VAL A 54 2.60 -0.08 8.39
N ALA A 55 2.74 -0.72 9.55
CA ALA A 55 3.94 -1.47 9.87
C ALA A 55 4.15 -2.62 8.88
N GLU A 56 3.05 -3.10 8.30
CA GLU A 56 3.11 -4.20 7.34
C GLU A 56 3.34 -3.69 5.93
N CYS A 57 3.28 -2.38 5.74
CA CYS A 57 3.48 -1.78 4.43
C CYS A 57 4.94 -1.41 4.23
N VAL A 58 5.67 -1.24 5.34
CA VAL A 58 7.08 -0.90 5.27
C VAL A 58 7.84 -1.93 4.41
N LEU A 59 7.25 -3.12 4.28
CA LEU A 59 7.85 -4.18 3.49
C LEU A 59 7.80 -3.86 1.99
N TYR A 60 7.13 -2.76 1.63
CA TYR A 60 7.02 -2.36 0.24
C TYR A 60 7.72 -1.03 -0.02
N TYR A 61 8.19 -0.38 1.06
CA TYR A 61 8.86 0.90 0.95
C TYR A 61 10.36 0.74 0.85
N TYR A 62 10.90 -0.32 1.44
CA TYR A 62 12.35 -0.54 1.40
C TYR A 62 12.75 -1.30 0.13
N LEU A 63 11.76 -1.65 -0.69
CA LEU A 63 12.03 -2.35 -1.95
C LEU A 63 11.69 -1.45 -3.13
N THR A 64 11.09 -0.29 -2.83
CA THR A 64 10.72 0.67 -3.86
C THR A 64 11.57 1.92 -3.77
N LYS A 65 12.07 2.23 -2.57
CA LYS A 65 12.88 3.42 -2.39
C LYS A 65 14.31 3.07 -1.97
N LYS A 66 14.46 2.08 -1.10
CA LYS A 66 15.77 1.67 -0.64
C LYS A 66 16.67 1.28 -1.81
N ASN A 67 16.05 0.93 -2.94
CA ASN A 67 16.79 0.52 -4.13
C ASN A 67 16.49 1.42 -5.33
N GLU A 68 15.55 2.36 -5.16
CA GLU A 68 15.18 3.26 -6.24
C GLU A 68 15.44 4.72 -5.86
N ASN A 69 15.12 5.06 -4.62
CA ASN A 69 15.31 6.42 -4.12
C ASN A 69 14.45 7.40 -4.89
N TYR A 70 13.14 7.28 -4.75
CA TYR A 70 12.20 8.16 -5.44
C TYR A 70 11.37 8.96 -4.43
N LYS A 71 11.99 9.35 -3.34
CA LYS A 71 11.31 10.12 -2.30
C LYS A 71 11.23 11.60 -2.68
N ASN A 4 -14.33 9.59 8.54
CA ASN A 4 -13.43 8.65 7.91
C ASN A 4 -13.41 8.84 6.40
N GLY A 5 -13.59 10.08 5.96
CA GLY A 5 -13.59 10.38 4.54
C GLY A 5 -14.98 10.33 3.94
N LEU A 6 -15.07 10.59 2.63
CA LEU A 6 -16.36 10.58 1.95
C LEU A 6 -17.02 9.22 2.04
N MET A 7 -16.41 8.22 1.41
CA MET A 7 -16.94 6.86 1.43
C MET A 7 -16.08 5.95 2.30
N ALA A 8 -14.87 5.69 1.84
CA ALA A 8 -13.94 4.83 2.57
C ALA A 8 -14.52 3.44 2.79
N ASP A 9 -14.51 2.63 1.72
CA ASP A 9 -15.03 1.28 1.80
C ASP A 9 -13.94 0.25 1.55
N PRO A 10 -14.01 -0.92 2.22
CA PRO A 10 -13.02 -1.98 2.07
C PRO A 10 -13.14 -2.71 0.73
N MET A 11 -12.33 -2.29 -0.24
CA MET A 11 -12.34 -2.89 -1.56
C MET A 11 -10.94 -3.31 -1.97
N LYS A 12 -10.18 -2.37 -2.52
CA LYS A 12 -8.82 -2.68 -2.95
C LYS A 12 -8.05 -3.35 -1.83
N VAL A 13 -7.92 -4.67 -1.95
CA VAL A 13 -7.21 -5.46 -0.96
C VAL A 13 -7.25 -6.93 -1.34
N TYR A 14 -8.42 -7.35 -1.79
CA TYR A 14 -8.68 -8.71 -2.23
C TYR A 14 -7.54 -9.19 -3.14
N LYS A 15 -6.93 -8.25 -3.87
CA LYS A 15 -5.84 -8.58 -4.78
C LYS A 15 -4.48 -8.25 -4.16
N ASP A 16 -4.48 -7.95 -2.87
CA ASP A 16 -3.27 -7.60 -2.14
C ASP A 16 -2.75 -8.78 -1.33
N ARG A 17 -3.62 -9.75 -1.07
CA ARG A 17 -3.24 -10.93 -0.29
C ARG A 17 -1.94 -11.55 -0.82
N GLN A 18 -1.72 -11.41 -2.12
CA GLN A 18 -0.52 -11.94 -2.74
C GLN A 18 0.49 -10.81 -2.98
N VAL A 19 0.46 -9.83 -2.07
CA VAL A 19 1.36 -8.69 -2.14
C VAL A 19 2.25 -8.64 -0.91
N MET A 20 1.71 -9.09 0.22
CA MET A 20 2.48 -9.11 1.47
C MET A 20 3.87 -9.69 1.22
N ASN A 21 3.98 -10.54 0.19
CA ASN A 21 5.24 -11.16 -0.16
C ASN A 21 5.56 -10.94 -1.64
N MET A 22 5.00 -9.89 -2.22
CA MET A 22 5.25 -9.58 -3.63
C MET A 22 4.32 -8.46 -4.12
N TRP A 23 4.77 -7.22 -3.96
CA TRP A 23 4.00 -6.08 -4.42
C TRP A 23 4.28 -5.84 -5.89
N SER A 24 3.36 -6.31 -6.73
CA SER A 24 3.51 -6.20 -8.17
C SER A 24 3.48 -4.75 -8.62
N GLU A 25 4.18 -4.46 -9.72
CA GLU A 25 4.22 -3.11 -10.26
C GLU A 25 2.81 -2.53 -10.37
N GLN A 26 1.85 -3.43 -10.58
CA GLN A 26 0.46 -3.03 -10.70
C GLN A 26 -0.18 -2.94 -9.32
N GLU A 27 0.28 -3.77 -8.39
CA GLU A 27 -0.23 -3.77 -7.04
C GLU A 27 0.33 -2.57 -6.30
N LYS A 28 1.65 -2.45 -6.28
CA LYS A 28 2.30 -1.31 -5.65
C LYS A 28 1.74 -0.03 -6.26
N GLU A 29 1.17 -0.17 -7.45
CA GLU A 29 0.59 0.97 -8.15
C GLU A 29 -0.54 1.58 -7.33
N THR A 30 -1.15 0.79 -6.46
CA THR A 30 -2.24 1.29 -5.64
C THR A 30 -1.76 1.80 -4.28
N PHE A 31 -0.92 1.02 -3.61
CA PHE A 31 -0.40 1.42 -2.31
C PHE A 31 0.73 2.43 -2.46
N ARG A 32 1.44 2.36 -3.59
CA ARG A 32 2.53 3.28 -3.85
C ARG A 32 2.00 4.58 -4.44
N GLU A 33 0.81 4.52 -5.05
CA GLU A 33 0.22 5.70 -5.66
C GLU A 33 -0.57 6.49 -4.62
N LYS A 34 -1.17 5.79 -3.67
CA LYS A 34 -1.94 6.44 -2.62
C LYS A 34 -0.99 7.03 -1.59
N PHE A 35 0.04 6.28 -1.24
CA PHE A 35 1.01 6.76 -0.27
C PHE A 35 1.73 7.95 -0.87
N MET A 36 1.83 7.95 -2.19
CA MET A 36 2.42 9.07 -2.89
C MET A 36 1.41 10.20 -2.93
N GLN A 37 0.14 9.80 -2.95
CA GLN A 37 -0.99 10.72 -2.94
C GLN A 37 -1.11 11.38 -1.58
N HIS A 38 -0.84 10.57 -0.56
CA HIS A 38 -0.92 11.01 0.82
C HIS A 38 0.48 11.11 1.43
N PRO A 39 1.09 12.32 1.37
CA PRO A 39 2.44 12.56 1.88
C PRO A 39 2.72 11.86 3.21
N LYS A 40 3.40 10.73 3.14
CA LYS A 40 3.76 9.95 4.33
C LYS A 40 2.59 9.85 5.31
N ASN A 41 1.84 8.77 5.21
CA ASN A 41 0.69 8.56 6.09
C ASN A 41 0.55 7.09 6.48
N PHE A 42 0.47 6.24 5.47
CA PHE A 42 0.30 4.81 5.68
C PHE A 42 -1.00 4.50 6.42
N GLY A 43 -1.79 5.55 6.67
CA GLY A 43 -3.06 5.37 7.35
C GLY A 43 -4.19 5.16 6.37
N LEU A 44 -4.19 5.95 5.29
CA LEU A 44 -5.20 5.83 4.26
C LEU A 44 -4.98 4.55 3.47
N ILE A 45 -3.75 4.34 3.04
CA ILE A 45 -3.41 3.15 2.29
C ILE A 45 -3.73 1.92 3.13
N ALA A 46 -3.13 1.86 4.31
CA ALA A 46 -3.39 0.77 5.24
C ALA A 46 -4.88 0.70 5.59
N SER A 47 -5.63 1.72 5.18
CA SER A 47 -7.06 1.77 5.44
C SER A 47 -7.85 1.17 4.28
N PHE A 48 -7.40 1.42 3.05
CA PHE A 48 -8.10 0.88 1.89
C PHE A 48 -7.65 -0.56 1.62
N LEU A 49 -6.41 -0.86 1.99
CA LEU A 49 -5.87 -2.22 1.81
C LEU A 49 -5.54 -2.81 3.18
N GLU A 50 -6.54 -2.77 4.07
CA GLU A 50 -6.43 -3.26 5.45
C GLU A 50 -5.53 -4.49 5.57
N ARG A 51 -5.59 -5.38 4.58
CA ARG A 51 -4.77 -6.59 4.60
C ARG A 51 -3.32 -6.25 4.97
N LYS A 52 -2.90 -5.03 4.66
CA LYS A 52 -1.57 -4.57 4.96
C LYS A 52 -1.57 -3.73 6.23
N THR A 53 -0.53 -2.92 6.43
CA THR A 53 -0.44 -2.07 7.62
C THR A 53 0.61 -0.98 7.42
N VAL A 54 0.65 -0.03 8.34
CA VAL A 54 1.61 1.06 8.26
C VAL A 54 3.03 0.53 8.45
N ALA A 55 3.27 -0.11 9.58
CA ALA A 55 4.58 -0.67 9.87
C ALA A 55 4.80 -1.98 9.11
N GLU A 56 3.77 -2.43 8.39
CA GLU A 56 3.86 -3.66 7.62
C GLU A 56 3.96 -3.38 6.12
N CYS A 57 3.45 -2.23 5.69
CA CYS A 57 3.50 -1.88 4.28
C CYS A 57 4.89 -1.35 3.91
N VAL A 58 5.59 -0.80 4.90
CA VAL A 58 6.94 -0.28 4.65
C VAL A 58 7.78 -1.32 3.94
N LEU A 59 7.47 -2.59 4.20
CA LEU A 59 8.20 -3.69 3.58
C LEU A 59 8.29 -3.50 2.07
N TYR A 60 7.29 -2.84 1.50
CA TYR A 60 7.24 -2.61 0.07
C TYR A 60 8.04 -1.36 -0.34
N TYR A 61 8.56 -0.63 0.65
CA TYR A 61 9.32 0.59 0.37
C TYR A 61 10.77 0.24 0.01
N TYR A 62 11.39 -0.62 0.80
CA TYR A 62 12.75 -1.03 0.53
C TYR A 62 12.77 -2.11 -0.55
N LEU A 63 11.57 -2.50 -1.01
CA LEU A 63 11.42 -3.51 -2.05
C LEU A 63 11.40 -2.83 -3.42
N THR A 64 10.59 -1.78 -3.52
CA THR A 64 10.46 -1.03 -4.77
C THR A 64 11.74 -0.28 -5.12
N LYS A 65 12.61 -0.09 -4.13
CA LYS A 65 13.86 0.61 -4.36
C LYS A 65 15.04 -0.36 -4.46
N LYS A 66 14.90 -1.53 -3.85
CA LYS A 66 15.94 -2.54 -3.88
C LYS A 66 16.23 -2.99 -5.30
N ASN A 67 15.24 -2.83 -6.19
CA ASN A 67 15.40 -3.24 -7.59
C ASN A 67 15.20 -2.06 -8.54
N GLU A 68 14.64 -0.96 -8.04
CA GLU A 68 14.40 0.21 -8.87
C GLU A 68 15.34 1.36 -8.50
N ASN A 69 15.62 1.48 -7.21
CA ASN A 69 16.50 2.53 -6.72
C ASN A 69 15.96 3.91 -7.08
N TYR A 70 14.85 4.29 -6.44
CA TYR A 70 14.23 5.58 -6.71
C TYR A 70 14.64 6.61 -5.66
N LYS A 71 15.90 6.53 -5.23
CA LYS A 71 16.43 7.45 -4.23
C LYS A 71 16.55 8.86 -4.81
N ASN A 4 -17.84 8.04 -2.30
CA ASN A 4 -17.44 7.30 -1.11
C ASN A 4 -18.65 6.92 -0.27
N GLY A 5 -19.53 7.89 -0.04
CA GLY A 5 -20.73 7.62 0.75
C GLY A 5 -20.59 8.09 2.18
N LEU A 6 -21.42 7.55 3.06
CA LEU A 6 -21.39 7.91 4.47
C LEU A 6 -20.36 7.07 5.22
N MET A 7 -20.18 5.84 4.77
CA MET A 7 -19.22 4.93 5.41
C MET A 7 -18.20 4.42 4.39
N ALA A 8 -17.02 4.05 4.88
CA ALA A 8 -15.96 3.55 4.03
C ALA A 8 -16.40 2.29 3.28
N ASP A 9 -15.49 1.73 2.50
CA ASP A 9 -15.78 0.52 1.73
C ASP A 9 -14.49 -0.17 1.29
N PRO A 10 -13.85 -0.95 2.19
CA PRO A 10 -12.61 -1.65 1.88
C PRO A 10 -12.73 -2.49 0.61
N MET A 11 -11.89 -2.20 -0.37
CA MET A 11 -11.89 -2.93 -1.63
C MET A 11 -10.50 -3.40 -1.99
N LYS A 12 -9.72 -2.52 -2.63
CA LYS A 12 -8.35 -2.86 -3.03
C LYS A 12 -7.61 -3.49 -1.86
N VAL A 13 -7.64 -4.81 -1.82
CA VAL A 13 -7.02 -5.56 -0.76
C VAL A 13 -7.24 -7.05 -0.99
N TYR A 14 -8.47 -7.37 -1.37
CA TYR A 14 -8.88 -8.74 -1.68
C TYR A 14 -7.84 -9.42 -2.59
N LYS A 15 -7.08 -8.62 -3.34
CA LYS A 15 -6.05 -9.14 -4.22
C LYS A 15 -4.66 -8.82 -3.68
N ASP A 16 -4.60 -7.84 -2.79
CA ASP A 16 -3.34 -7.43 -2.18
C ASP A 16 -2.83 -8.48 -1.18
N ARG A 17 -3.64 -9.49 -0.90
CA ARG A 17 -3.25 -10.54 0.03
C ARG A 17 -2.00 -11.25 -0.47
N GLN A 18 -1.81 -11.26 -1.78
CA GLN A 18 -0.64 -11.89 -2.40
C GLN A 18 0.37 -10.82 -2.78
N VAL A 19 0.41 -9.77 -1.97
CA VAL A 19 1.32 -8.65 -2.19
C VAL A 19 2.24 -8.46 -0.99
N MET A 20 1.73 -8.79 0.19
CA MET A 20 2.53 -8.68 1.41
C MET A 20 3.92 -9.30 1.19
N ASN A 21 3.99 -10.26 0.25
CA ASN A 21 5.24 -10.92 -0.08
C ASN A 21 5.56 -10.76 -1.56
N MET A 22 4.96 -9.74 -2.19
CA MET A 22 5.18 -9.48 -3.61
C MET A 22 4.25 -8.38 -4.13
N TRP A 23 4.64 -7.13 -3.94
CA TRP A 23 3.85 -6.00 -4.42
C TRP A 23 4.16 -5.79 -5.90
N SER A 24 3.27 -6.29 -6.73
CA SER A 24 3.43 -6.21 -8.17
C SER A 24 3.49 -4.76 -8.64
N GLU A 25 4.22 -4.53 -9.74
CA GLU A 25 4.36 -3.19 -10.30
C GLU A 25 2.98 -2.55 -10.45
N GLN A 26 1.97 -3.40 -10.67
CA GLN A 26 0.60 -2.94 -10.82
C GLN A 26 -0.06 -2.80 -9.45
N GLU A 27 0.36 -3.65 -8.51
CA GLU A 27 -0.17 -3.61 -7.17
C GLU A 27 0.40 -2.41 -6.44
N LYS A 28 1.72 -2.33 -6.40
CA LYS A 28 2.39 -1.20 -5.77
C LYS A 28 1.87 0.09 -6.39
N GLU A 29 1.28 -0.02 -7.56
CA GLU A 29 0.74 1.13 -8.26
C GLU A 29 -0.40 1.77 -7.46
N THR A 30 -1.09 0.98 -6.66
CA THR A 30 -2.19 1.51 -5.86
C THR A 30 -1.71 2.05 -4.51
N PHE A 31 -0.93 1.26 -3.80
CA PHE A 31 -0.41 1.66 -2.50
C PHE A 31 0.68 2.72 -2.67
N ARG A 32 1.47 2.59 -3.73
CA ARG A 32 2.53 3.55 -4.00
C ARG A 32 1.95 4.85 -4.55
N GLU A 33 0.76 4.76 -5.14
CA GLU A 33 0.09 5.93 -5.70
C GLU A 33 -0.69 6.66 -4.62
N LYS A 34 -1.28 5.91 -3.70
CA LYS A 34 -2.04 6.49 -2.62
C LYS A 34 -1.08 7.11 -1.62
N PHE A 35 -0.01 6.40 -1.31
CA PHE A 35 0.99 6.90 -0.38
C PHE A 35 1.65 8.12 -1.00
N MET A 36 1.70 8.13 -2.33
CA MET A 36 2.22 9.27 -3.06
C MET A 36 1.16 10.35 -3.05
N GLN A 37 -0.10 9.91 -3.04
CA GLN A 37 -1.25 10.79 -3.00
C GLN A 37 -1.35 11.44 -1.63
N HIS A 38 -1.01 10.66 -0.62
CA HIS A 38 -1.05 11.09 0.77
C HIS A 38 0.37 11.25 1.32
N PRO A 39 0.92 12.48 1.23
CA PRO A 39 2.29 12.78 1.71
C PRO A 39 2.65 12.05 2.99
N LYS A 40 3.37 10.94 2.84
CA LYS A 40 3.81 10.14 3.99
C LYS A 40 2.72 9.99 5.04
N ASN A 41 2.00 8.88 4.98
CA ASN A 41 0.93 8.62 5.94
C ASN A 41 0.88 7.15 6.33
N PHE A 42 0.73 6.28 5.33
CA PHE A 42 0.65 4.84 5.58
C PHE A 42 -0.63 4.49 6.33
N GLY A 43 -1.43 5.51 6.65
CA GLY A 43 -2.68 5.28 7.36
C GLY A 43 -3.83 5.04 6.40
N LEU A 44 -3.96 5.93 5.41
CA LEU A 44 -5.02 5.80 4.42
C LEU A 44 -4.82 4.53 3.62
N ILE A 45 -3.63 4.37 3.06
CA ILE A 45 -3.31 3.20 2.29
C ILE A 45 -3.58 1.96 3.11
N ALA A 46 -3.02 1.94 4.31
CA ALA A 46 -3.24 0.85 5.24
C ALA A 46 -4.72 0.70 5.57
N SER A 47 -5.51 1.68 5.15
CA SER A 47 -6.95 1.67 5.39
C SER A 47 -7.69 1.00 4.23
N PHE A 48 -7.24 1.26 3.01
CA PHE A 48 -7.88 0.67 1.84
C PHE A 48 -7.33 -0.74 1.59
N LEU A 49 -6.09 -0.97 2.01
CA LEU A 49 -5.47 -2.30 1.87
C LEU A 49 -5.08 -2.84 3.25
N GLU A 50 -6.05 -2.85 4.15
CA GLU A 50 -5.87 -3.32 5.53
C GLU A 50 -4.90 -4.49 5.63
N ARG A 51 -4.98 -5.42 4.68
CA ARG A 51 -4.10 -6.60 4.69
C ARG A 51 -2.64 -6.19 4.90
N LYS A 52 -2.31 -4.97 4.48
CA LYS A 52 -0.96 -4.45 4.61
C LYS A 52 -0.96 -3.16 5.42
N THR A 53 -1.14 -3.29 6.73
CA THR A 53 -1.17 -2.12 7.62
C THR A 53 0.08 -1.28 7.46
N VAL A 54 0.18 -0.21 8.25
CA VAL A 54 1.32 0.69 8.21
C VAL A 54 2.62 -0.07 8.39
N ALA A 55 2.75 -0.75 9.53
CA ALA A 55 3.95 -1.53 9.82
C ALA A 55 4.11 -2.69 8.84
N GLU A 56 3.00 -3.11 8.24
CA GLU A 56 3.02 -4.22 7.29
C GLU A 56 3.25 -3.72 5.87
N CYS A 57 3.20 -2.40 5.67
CA CYS A 57 3.42 -1.82 4.36
C CYS A 57 4.90 -1.50 4.15
N VAL A 58 5.64 -1.34 5.25
CA VAL A 58 7.06 -1.05 5.17
C VAL A 58 7.76 -2.08 4.28
N LEU A 59 7.15 -3.27 4.18
CA LEU A 59 7.71 -4.33 3.36
C LEU A 59 7.65 -3.99 1.88
N TYR A 60 7.00 -2.87 1.55
CA TYR A 60 6.88 -2.44 0.17
C TYR A 60 7.63 -1.13 -0.07
N TYR A 61 8.00 -0.45 1.01
CA TYR A 61 8.69 0.83 0.90
C TYR A 61 10.20 0.63 0.82
N TYR A 62 10.70 -0.44 1.44
CA TYR A 62 12.13 -0.71 1.41
C TYR A 62 12.56 -1.30 0.06
N LEU A 63 11.57 -1.54 -0.80
CA LEU A 63 11.85 -2.09 -2.13
C LEU A 63 11.78 -0.97 -3.17
N THR A 64 11.05 0.10 -2.85
CA THR A 64 10.92 1.24 -3.76
C THR A 64 11.93 2.33 -3.42
N LYS A 65 12.69 2.14 -2.35
CA LYS A 65 13.69 3.12 -1.94
C LYS A 65 15.10 2.58 -2.14
N LYS A 66 15.24 1.26 -2.12
CA LYS A 66 16.53 0.62 -2.30
C LYS A 66 17.08 0.92 -3.69
N ASN A 67 16.18 1.20 -4.64
CA ASN A 67 16.58 1.49 -6.01
C ASN A 67 16.15 2.90 -6.44
N GLU A 68 15.27 3.52 -5.66
CA GLU A 68 14.79 4.86 -5.98
C GLU A 68 15.34 5.89 -4.99
N ASN A 69 15.76 5.42 -3.82
CA ASN A 69 16.29 6.30 -2.79
C ASN A 69 15.24 7.31 -2.35
N TYR A 70 14.51 6.97 -1.29
CA TYR A 70 13.48 7.85 -0.77
C TYR A 70 13.16 7.51 0.70
N LYS A 71 13.31 8.50 1.57
CA LYS A 71 13.05 8.31 2.99
C LYS A 71 11.92 9.22 3.47
N ASN A 4 -24.41 15.79 -2.05
CA ASN A 4 -23.01 15.42 -1.86
C ASN A 4 -22.89 14.14 -1.03
N GLY A 5 -21.79 13.41 -1.24
CA GLY A 5 -21.58 12.17 -0.51
C GLY A 5 -20.97 11.09 -1.37
N LEU A 6 -19.74 10.72 -1.07
CA LEU A 6 -19.04 9.68 -1.82
C LEU A 6 -18.33 8.71 -0.88
N MET A 7 -19.08 7.77 -0.32
CA MET A 7 -18.53 6.78 0.59
C MET A 7 -17.70 5.74 -0.17
N ALA A 8 -16.47 5.53 0.28
CA ALA A 8 -15.59 4.56 -0.36
C ALA A 8 -15.54 3.26 0.43
N ASP A 9 -15.66 2.13 -0.28
CA ASP A 9 -15.63 0.82 0.35
C ASP A 9 -14.29 0.14 0.13
N PRO A 10 -13.98 -0.90 0.93
CA PRO A 10 -12.72 -1.64 0.81
C PRO A 10 -12.66 -2.48 -0.47
N MET A 11 -11.71 -2.16 -1.34
CA MET A 11 -11.54 -2.87 -2.59
C MET A 11 -10.11 -3.35 -2.75
N LYS A 12 -9.24 -2.48 -3.27
CA LYS A 12 -7.83 -2.84 -3.45
C LYS A 12 -7.29 -3.46 -2.18
N VAL A 13 -7.32 -4.78 -2.15
CA VAL A 13 -6.87 -5.54 -1.01
C VAL A 13 -7.03 -7.02 -1.29
N TYR A 14 -8.20 -7.34 -1.85
CA TYR A 14 -8.53 -8.70 -2.24
C TYR A 14 -7.40 -9.34 -3.04
N LYS A 15 -6.55 -8.50 -3.64
CA LYS A 15 -5.40 -8.98 -4.40
C LYS A 15 -4.12 -8.79 -3.61
N ASP A 16 -4.15 -7.86 -2.66
CA ASP A 16 -2.99 -7.55 -1.83
C ASP A 16 -2.58 -8.76 -0.99
N ARG A 17 -3.50 -9.72 -0.83
CA ARG A 17 -3.20 -10.92 -0.06
C ARG A 17 -1.90 -11.57 -0.53
N GLN A 18 -1.64 -11.46 -1.83
CA GLN A 18 -0.43 -11.99 -2.40
C GLN A 18 0.54 -10.87 -2.72
N VAL A 19 0.44 -9.80 -1.93
CA VAL A 19 1.29 -8.63 -2.08
C VAL A 19 2.13 -8.44 -0.84
N MET A 20 1.57 -8.82 0.32
CA MET A 20 2.31 -8.70 1.58
C MET A 20 3.73 -9.23 1.41
N ASN A 21 3.90 -10.15 0.46
CA ASN A 21 5.20 -10.74 0.18
C ASN A 21 5.53 -10.61 -1.31
N MET A 22 4.95 -9.62 -1.97
CA MET A 22 5.17 -9.38 -3.40
C MET A 22 4.19 -8.36 -3.95
N TRP A 23 4.47 -7.09 -3.73
CA TRP A 23 3.63 -6.02 -4.25
C TRP A 23 3.87 -5.87 -5.73
N SER A 24 2.93 -6.36 -6.51
CA SER A 24 3.04 -6.32 -7.97
C SER A 24 3.13 -4.89 -8.48
N GLU A 25 3.83 -4.71 -9.60
CA GLU A 25 3.97 -3.39 -10.19
C GLU A 25 2.61 -2.72 -10.33
N GLN A 26 1.58 -3.55 -10.49
CA GLN A 26 0.22 -3.05 -10.61
C GLN A 26 -0.41 -2.88 -9.23
N GLU A 27 0.02 -3.72 -8.28
CA GLU A 27 -0.49 -3.64 -6.93
C GLU A 27 0.13 -2.44 -6.24
N LYS A 28 1.45 -2.39 -6.19
CA LYS A 28 2.14 -1.26 -5.60
C LYS A 28 1.67 0.03 -6.25
N GLU A 29 1.09 -0.10 -7.45
CA GLU A 29 0.59 1.04 -8.19
C GLU A 29 -0.53 1.74 -7.43
N THR A 30 -1.28 0.99 -6.63
CA THR A 30 -2.39 1.57 -5.88
C THR A 30 -1.91 2.14 -4.55
N PHE A 31 -1.17 1.36 -3.78
CA PHE A 31 -0.66 1.79 -2.49
C PHE A 31 0.43 2.84 -2.68
N ARG A 32 1.23 2.67 -3.72
CA ARG A 32 2.29 3.62 -4.01
C ARG A 32 1.71 4.92 -4.56
N GLU A 33 0.55 4.81 -5.22
CA GLU A 33 -0.12 5.98 -5.78
C GLU A 33 -0.82 6.76 -4.68
N LYS A 34 -1.45 6.03 -3.76
CA LYS A 34 -2.13 6.67 -2.65
C LYS A 34 -1.11 7.22 -1.69
N PHE A 35 -0.04 6.47 -1.47
CA PHE A 35 1.03 6.90 -0.60
C PHE A 35 1.71 8.11 -1.20
N MET A 36 1.73 8.16 -2.53
CA MET A 36 2.28 9.30 -3.23
C MET A 36 1.26 10.43 -3.16
N GLN A 37 -0.01 10.03 -2.99
CA GLN A 37 -1.13 10.95 -2.88
C GLN A 37 -1.17 11.56 -1.49
N HIS A 38 -0.87 10.72 -0.50
CA HIS A 38 -0.89 11.13 0.89
C HIS A 38 0.53 11.24 1.45
N PRO A 39 0.95 12.44 1.87
CA PRO A 39 2.29 12.69 2.41
C PRO A 39 2.76 11.61 3.38
N LYS A 40 3.44 10.59 2.85
CA LYS A 40 3.97 9.48 3.66
C LYS A 40 3.00 9.08 4.78
N ASN A 41 1.71 9.18 4.50
CA ASN A 41 0.69 8.83 5.48
C ASN A 41 0.89 7.41 6.01
N PHE A 42 0.63 6.43 5.15
CA PHE A 42 0.77 5.02 5.51
C PHE A 42 -0.44 4.56 6.34
N GLY A 43 -1.21 5.51 6.86
CA GLY A 43 -2.39 5.20 7.62
C GLY A 43 -3.60 5.07 6.73
N LEU A 44 -3.60 5.83 5.65
CA LEU A 44 -4.70 5.79 4.69
C LEU A 44 -4.56 4.58 3.78
N ILE A 45 -3.39 4.44 3.17
CA ILE A 45 -3.13 3.33 2.29
C ILE A 45 -3.38 2.03 3.03
N ALA A 46 -2.91 1.98 4.27
CA ALA A 46 -3.10 0.82 5.12
C ALA A 46 -4.58 0.70 5.52
N SER A 47 -5.39 1.64 5.05
CA SER A 47 -6.82 1.64 5.36
C SER A 47 -7.63 1.08 4.19
N PHE A 48 -7.21 1.37 2.96
CA PHE A 48 -7.93 0.87 1.79
C PHE A 48 -7.53 -0.57 1.50
N LEU A 49 -6.31 -0.95 1.92
CA LEU A 49 -5.82 -2.31 1.73
C LEU A 49 -5.52 -2.93 3.10
N GLU A 50 -6.51 -2.83 3.99
CA GLU A 50 -6.43 -3.33 5.37
C GLU A 50 -5.49 -4.52 5.51
N ARG A 51 -5.55 -5.45 4.57
CA ARG A 51 -4.70 -6.63 4.60
C ARG A 51 -3.26 -6.26 4.96
N LYS A 52 -2.88 -5.03 4.63
CA LYS A 52 -1.54 -4.53 4.90
C LYS A 52 -1.57 -3.53 6.06
N THR A 53 -0.68 -3.73 7.02
CA THR A 53 -0.60 -2.84 8.18
C THR A 53 0.38 -1.69 7.90
N VAL A 54 0.29 -0.64 8.71
CA VAL A 54 1.16 0.51 8.54
C VAL A 54 2.63 0.10 8.70
N ALA A 55 2.87 -0.85 9.59
CA ALA A 55 4.22 -1.35 9.82
C ALA A 55 4.59 -2.40 8.78
N GLU A 56 3.57 -3.12 8.30
CA GLU A 56 3.78 -4.16 7.30
C GLU A 56 3.93 -3.53 5.92
N CYS A 57 3.37 -2.34 5.74
CA CYS A 57 3.47 -1.64 4.47
C CYS A 57 4.92 -1.27 4.18
N VAL A 58 5.72 -1.18 5.23
CA VAL A 58 7.13 -0.85 5.09
C VAL A 58 7.83 -1.89 4.21
N LEU A 59 7.17 -3.03 4.02
CA LEU A 59 7.73 -4.11 3.21
C LEU A 59 7.55 -3.82 1.71
N TYR A 60 7.00 -2.66 1.38
CA TYR A 60 6.79 -2.25 0.00
C TYR A 60 7.51 -0.92 -0.29
N TYR A 61 8.03 -0.29 0.77
CA TYR A 61 8.70 0.99 0.64
C TYR A 61 10.20 0.82 0.42
N TYR A 62 10.78 -0.26 0.94
CA TYR A 62 12.21 -0.48 0.79
C TYR A 62 12.54 -1.07 -0.58
N LEU A 63 11.50 -1.36 -1.37
CA LEU A 63 11.70 -1.90 -2.71
C LEU A 63 11.34 -0.87 -3.77
N THR A 64 10.70 0.21 -3.34
CA THR A 64 10.30 1.30 -4.23
C THR A 64 11.24 2.48 -4.07
N LYS A 65 11.95 2.53 -2.94
CA LYS A 65 12.88 3.61 -2.66
C LYS A 65 14.32 3.19 -2.96
N LYS A 66 14.60 1.90 -2.77
CA LYS A 66 15.93 1.37 -3.02
C LYS A 66 16.32 1.54 -4.48
N ASN A 67 15.33 1.74 -5.35
CA ASN A 67 15.59 1.90 -6.77
C ASN A 67 15.03 3.22 -7.30
N GLU A 68 14.18 3.88 -6.53
CA GLU A 68 13.58 5.14 -6.95
C GLU A 68 14.02 6.30 -6.05
N ASN A 69 14.47 5.98 -4.84
CA ASN A 69 14.91 6.99 -3.90
C ASN A 69 13.80 8.01 -3.64
N TYR A 70 12.94 7.69 -2.68
CA TYR A 70 11.82 8.57 -2.34
C TYR A 70 11.09 8.07 -1.10
N LYS A 71 10.87 8.97 -0.15
CA LYS A 71 10.17 8.62 1.08
C LYS A 71 9.31 9.77 1.57
N ASN A 4 -23.32 -2.75 9.04
CA ASN A 4 -22.34 -3.54 8.29
C ASN A 4 -21.01 -2.82 8.21
N GLY A 5 -20.69 -2.06 9.25
CA GLY A 5 -19.43 -1.33 9.29
C GLY A 5 -18.38 -2.02 10.13
N LEU A 6 -18.47 -3.34 10.22
CA LEU A 6 -17.52 -4.13 11.01
C LEU A 6 -17.02 -5.33 10.22
N MET A 7 -17.95 -6.05 9.59
CA MET A 7 -17.60 -7.21 8.79
C MET A 7 -16.85 -6.82 7.53
N ALA A 8 -17.33 -5.77 6.87
CA ALA A 8 -16.70 -5.28 5.64
C ALA A 8 -16.59 -3.77 5.64
N ASP A 9 -15.77 -3.24 4.74
CA ASP A 9 -15.58 -1.79 4.63
C ASP A 9 -14.61 -1.45 3.50
N PRO A 10 -13.35 -1.93 3.59
CA PRO A 10 -12.34 -1.68 2.57
C PRO A 10 -12.60 -2.45 1.29
N MET A 11 -11.89 -2.10 0.23
CA MET A 11 -12.04 -2.76 -1.06
C MET A 11 -10.68 -3.22 -1.59
N LYS A 12 -9.98 -2.32 -2.26
CA LYS A 12 -8.66 -2.65 -2.81
C LYS A 12 -7.80 -3.32 -1.76
N VAL A 13 -7.74 -4.65 -1.82
CA VAL A 13 -6.96 -5.43 -0.88
C VAL A 13 -7.08 -6.92 -1.18
N TYR A 14 -8.31 -7.34 -1.41
CA TYR A 14 -8.66 -8.72 -1.75
C TYR A 14 -7.63 -9.32 -2.71
N LYS A 15 -7.07 -8.48 -3.57
CA LYS A 15 -6.08 -8.93 -4.55
C LYS A 15 -4.66 -8.74 -4.00
N ASP A 16 -4.51 -7.79 -3.09
CA ASP A 16 -3.22 -7.49 -2.49
C ASP A 16 -2.77 -8.62 -1.55
N ARG A 17 -3.66 -9.57 -1.27
CA ARG A 17 -3.32 -10.69 -0.39
C ARG A 17 -2.04 -11.38 -0.87
N GLN A 18 -1.77 -11.28 -2.17
CA GLN A 18 -0.57 -11.88 -2.74
C GLN A 18 0.47 -10.80 -3.01
N VAL A 19 0.44 -9.77 -2.16
CA VAL A 19 1.35 -8.64 -2.26
C VAL A 19 2.23 -8.56 -1.02
N MET A 20 1.67 -8.98 0.13
CA MET A 20 2.41 -8.98 1.38
C MET A 20 3.80 -9.56 1.17
N ASN A 21 3.92 -10.46 0.20
CA ASN A 21 5.20 -11.09 -0.11
C ASN A 21 5.59 -10.86 -1.57
N MET A 22 5.05 -9.80 -2.17
CA MET A 22 5.34 -9.47 -3.56
C MET A 22 4.43 -8.36 -4.08
N TRP A 23 4.82 -7.12 -3.85
CA TRP A 23 4.03 -5.99 -4.32
C TRP A 23 4.38 -5.73 -5.78
N SER A 24 3.50 -6.21 -6.66
CA SER A 24 3.70 -6.08 -8.10
C SER A 24 3.60 -4.63 -8.56
N GLU A 25 4.28 -4.32 -9.66
CA GLU A 25 4.25 -2.97 -10.22
C GLU A 25 2.82 -2.48 -10.34
N GLN A 26 1.89 -3.41 -10.53
CA GLN A 26 0.48 -3.09 -10.64
C GLN A 26 -0.15 -2.96 -9.26
N GLU A 27 0.30 -3.79 -8.33
CA GLU A 27 -0.20 -3.74 -6.97
C GLU A 27 0.37 -2.52 -6.27
N LYS A 28 1.69 -2.43 -6.23
CA LYS A 28 2.36 -1.27 -5.65
C LYS A 28 1.82 0.00 -6.31
N GLU A 29 1.24 -0.17 -7.49
CA GLU A 29 0.67 0.94 -8.22
C GLU A 29 -0.47 1.58 -7.43
N THR A 30 -1.07 0.82 -6.53
CA THR A 30 -2.19 1.34 -5.74
C THR A 30 -1.71 1.88 -4.40
N PHE A 31 -0.88 1.12 -3.70
CA PHE A 31 -0.37 1.54 -2.40
C PHE A 31 0.74 2.57 -2.57
N ARG A 32 1.47 2.47 -3.67
CA ARG A 32 2.56 3.41 -3.94
C ARG A 32 2.01 4.70 -4.54
N GLU A 33 0.83 4.62 -5.15
CA GLU A 33 0.21 5.79 -5.76
C GLU A 33 -0.62 6.57 -4.74
N LYS A 34 -1.27 5.86 -3.83
CA LYS A 34 -2.06 6.51 -2.80
C LYS A 34 -1.15 7.28 -1.87
N PHE A 35 -0.03 6.67 -1.50
CA PHE A 35 0.94 7.30 -0.64
C PHE A 35 1.45 8.56 -1.32
N MET A 36 1.33 8.57 -2.65
CA MET A 36 1.71 9.72 -3.44
C MET A 36 0.58 10.75 -3.34
N GLN A 37 -0.65 10.22 -3.29
CA GLN A 37 -1.84 11.05 -3.16
C GLN A 37 -1.86 11.68 -1.78
N HIS A 38 -1.44 10.88 -0.81
CA HIS A 38 -1.42 11.29 0.58
C HIS A 38 0.03 11.34 1.09
N PRO A 39 0.78 12.38 0.67
CA PRO A 39 2.18 12.56 1.05
C PRO A 39 2.48 12.22 2.51
N LYS A 40 3.36 11.24 2.70
CA LYS A 40 3.76 10.79 4.03
C LYS A 40 2.56 10.59 4.95
N ASN A 41 2.16 9.34 5.11
CA ASN A 41 1.03 9.01 5.99
C ASN A 41 1.01 7.52 6.31
N PHE A 42 0.88 6.69 5.28
CA PHE A 42 0.84 5.24 5.47
C PHE A 42 -0.44 4.79 6.18
N GLY A 43 -1.16 5.74 6.77
CA GLY A 43 -2.39 5.42 7.45
C GLY A 43 -3.52 5.16 6.48
N LEU A 44 -3.67 6.05 5.50
CA LEU A 44 -4.72 5.89 4.49
C LEU A 44 -4.49 4.63 3.68
N ILE A 45 -3.29 4.52 3.10
CA ILE A 45 -2.96 3.35 2.32
C ILE A 45 -3.19 2.09 3.13
N ALA A 46 -2.60 2.08 4.33
CA ALA A 46 -2.76 0.95 5.25
C ALA A 46 -4.23 0.82 5.68
N SER A 47 -5.07 1.75 5.22
CA SER A 47 -6.49 1.72 5.56
C SER A 47 -7.31 1.10 4.45
N PHE A 48 -6.95 1.36 3.20
CA PHE A 48 -7.69 0.81 2.07
C PHE A 48 -7.23 -0.62 1.76
N LEU A 49 -6.02 -0.96 2.21
CA LEU A 49 -5.49 -2.31 2.00
C LEU A 49 -5.07 -2.93 3.33
N GLU A 50 -6.02 -3.00 4.25
CA GLU A 50 -5.80 -3.55 5.59
C GLU A 50 -4.79 -4.70 5.61
N ARG A 51 -4.90 -5.62 4.65
CA ARG A 51 -3.99 -6.76 4.58
C ARG A 51 -2.54 -6.32 4.74
N LYS A 52 -2.26 -5.10 4.32
CA LYS A 52 -0.92 -4.54 4.43
C LYS A 52 -0.95 -3.25 5.25
N THR A 53 -1.24 -3.38 6.53
CA THR A 53 -1.31 -2.23 7.43
C THR A 53 -0.03 -1.41 7.38
N VAL A 54 0.05 -0.37 8.21
CA VAL A 54 1.22 0.49 8.25
C VAL A 54 2.48 -0.32 8.56
N ALA A 55 2.38 -1.22 9.53
CA ALA A 55 3.50 -2.06 9.91
C ALA A 55 3.75 -3.16 8.88
N GLU A 56 2.67 -3.56 8.20
CA GLU A 56 2.76 -4.61 7.18
C GLU A 56 3.11 -4.01 5.81
N CYS A 57 3.06 -2.69 5.70
CA CYS A 57 3.36 -2.01 4.45
C CYS A 57 4.85 -1.71 4.35
N VAL A 58 5.51 -1.62 5.50
CA VAL A 58 6.95 -1.36 5.53
C VAL A 58 7.69 -2.35 4.64
N LEU A 59 7.07 -3.50 4.41
CA LEU A 59 7.66 -4.53 3.58
C LEU A 59 7.63 -4.14 2.10
N TYR A 60 6.99 -3.01 1.80
CA TYR A 60 6.92 -2.52 0.42
C TYR A 60 7.66 -1.20 0.25
N TYR A 61 8.02 -0.57 1.38
CA TYR A 61 8.71 0.71 1.35
C TYR A 61 10.23 0.52 1.29
N TYR A 62 10.72 -0.59 1.82
CA TYR A 62 12.16 -0.84 1.80
C TYR A 62 12.59 -1.41 0.45
N LEU A 63 11.62 -1.65 -0.42
CA LEU A 63 11.91 -2.16 -1.76
C LEU A 63 11.91 -1.02 -2.76
N THR A 64 10.99 -0.08 -2.57
CA THR A 64 10.89 1.09 -3.44
C THR A 64 12.05 2.05 -3.22
N LYS A 65 12.64 1.99 -2.03
CA LYS A 65 13.77 2.86 -1.69
C LYS A 65 15.09 2.13 -1.85
N LYS A 66 15.03 0.84 -2.20
CA LYS A 66 16.24 0.05 -2.40
C LYS A 66 17.16 0.72 -3.41
N ASN A 67 16.57 1.29 -4.45
CA ASN A 67 17.33 1.98 -5.48
C ASN A 67 17.67 3.40 -5.01
N GLU A 68 16.94 3.88 -4.01
CA GLU A 68 17.16 5.22 -3.46
C GLU A 68 16.58 6.29 -4.38
N ASN A 69 15.26 6.25 -4.58
CA ASN A 69 14.59 7.22 -5.44
C ASN A 69 13.46 7.92 -4.70
N TYR A 70 13.54 7.92 -3.39
CA TYR A 70 12.53 8.56 -2.55
C TYR A 70 12.88 8.42 -1.07
N LYS A 71 12.98 9.54 -0.37
CA LYS A 71 13.30 9.54 1.05
C LYS A 71 12.23 10.27 1.85
N ASN A 4 -23.34 -2.01 10.65
CA ASN A 4 -23.37 -0.56 10.53
C ASN A 4 -22.34 -0.07 9.53
N GLY A 5 -22.78 0.78 8.60
CA GLY A 5 -21.88 1.31 7.59
C GLY A 5 -22.62 1.89 6.40
N LEU A 6 -22.26 3.11 6.02
CA LEU A 6 -22.89 3.78 4.89
C LEU A 6 -22.01 4.90 4.35
N MET A 7 -20.71 4.67 4.37
CA MET A 7 -19.75 5.66 3.88
C MET A 7 -18.86 5.06 2.80
N ALA A 8 -18.00 4.13 3.18
CA ALA A 8 -17.09 3.48 2.24
C ALA A 8 -16.29 2.38 2.92
N ASP A 9 -16.66 1.13 2.65
CA ASP A 9 -15.96 -0.01 3.23
C ASP A 9 -14.73 -0.38 2.42
N PRO A 10 -13.73 -1.00 3.06
CA PRO A 10 -12.48 -1.40 2.39
C PRO A 10 -12.74 -2.24 1.14
N MET A 11 -12.02 -1.93 0.07
CA MET A 11 -12.18 -2.64 -1.19
C MET A 11 -10.83 -3.14 -1.69
N LYS A 12 -10.09 -2.28 -2.39
CA LYS A 12 -8.79 -2.66 -2.91
C LYS A 12 -7.95 -3.35 -1.84
N VAL A 13 -7.93 -4.67 -1.89
CA VAL A 13 -7.18 -5.46 -0.91
C VAL A 13 -7.36 -6.95 -1.20
N TYR A 14 -8.61 -7.33 -1.42
CA TYR A 14 -8.99 -8.71 -1.74
C TYR A 14 -7.97 -9.37 -2.67
N LYS A 15 -7.38 -8.55 -3.55
CA LYS A 15 -6.38 -9.06 -4.50
C LYS A 15 -4.96 -8.77 -4.01
N ASP A 16 -4.84 -7.73 -3.17
CA ASP A 16 -3.54 -7.36 -2.63
C ASP A 16 -3.06 -8.34 -1.56
N ARG A 17 -3.93 -9.25 -1.14
CA ARG A 17 -3.56 -10.24 -0.11
C ARG A 17 -2.29 -10.97 -0.51
N GLN A 18 -2.03 -11.04 -1.82
CA GLN A 18 -0.84 -11.70 -2.32
C GLN A 18 0.23 -10.65 -2.63
N VAL A 19 0.23 -9.59 -1.82
CA VAL A 19 1.18 -8.50 -1.97
C VAL A 19 2.09 -8.45 -0.75
N MET A 20 1.56 -8.84 0.41
CA MET A 20 2.35 -8.84 1.64
C MET A 20 3.71 -9.49 1.41
N ASN A 21 3.78 -10.37 0.41
CA ASN A 21 5.02 -11.05 0.07
C ASN A 21 5.36 -10.88 -1.41
N MET A 22 4.81 -9.85 -2.04
CA MET A 22 5.07 -9.58 -3.46
C MET A 22 4.19 -8.46 -3.98
N TRP A 23 4.67 -7.22 -3.85
CA TRP A 23 3.94 -6.08 -4.36
C TRP A 23 4.30 -5.89 -5.83
N SER A 24 3.43 -6.39 -6.69
CA SER A 24 3.65 -6.33 -8.13
C SER A 24 3.69 -4.89 -8.63
N GLU A 25 4.45 -4.66 -9.70
CA GLU A 25 4.56 -3.33 -10.28
C GLU A 25 3.18 -2.72 -10.48
N GLN A 26 2.19 -3.60 -10.69
CA GLN A 26 0.82 -3.16 -10.88
C GLN A 26 0.11 -3.01 -9.54
N GLU A 27 0.50 -3.83 -8.58
CA GLU A 27 -0.08 -3.78 -7.25
C GLU A 27 0.48 -2.57 -6.52
N LYS A 28 1.79 -2.45 -6.52
CA LYS A 28 2.47 -1.32 -5.90
C LYS A 28 1.91 -0.02 -6.48
N GLU A 29 1.29 -0.14 -7.65
CA GLU A 29 0.71 1.01 -8.32
C GLU A 29 -0.42 1.63 -7.50
N THR A 30 -1.08 0.81 -6.68
CA THR A 30 -2.18 1.31 -5.86
C THR A 30 -1.69 1.86 -4.53
N PHE A 31 -0.86 1.10 -3.84
CA PHE A 31 -0.33 1.50 -2.55
C PHE A 31 0.72 2.59 -2.72
N ARG A 32 1.49 2.49 -3.81
CA ARG A 32 2.53 3.47 -4.08
C ARG A 32 1.91 4.75 -4.63
N GLU A 33 0.72 4.64 -5.21
CA GLU A 33 0.04 5.80 -5.77
C GLU A 33 -0.73 6.53 -4.68
N LYS A 34 -1.28 5.77 -3.74
CA LYS A 34 -2.01 6.36 -2.63
C LYS A 34 -1.03 6.96 -1.64
N PHE A 35 0.04 6.21 -1.35
CA PHE A 35 1.06 6.68 -0.43
C PHE A 35 1.73 7.89 -1.04
N MET A 36 1.77 7.92 -2.36
CA MET A 36 2.32 9.06 -3.07
C MET A 36 1.30 10.19 -3.02
N GLN A 37 0.04 9.78 -2.94
CA GLN A 37 -1.10 10.70 -2.86
C GLN A 37 -1.17 11.30 -1.45
N HIS A 38 -0.90 10.43 -0.48
CA HIS A 38 -0.95 10.80 0.93
C HIS A 38 0.42 10.60 1.57
N PRO A 39 1.34 11.56 1.37
CA PRO A 39 2.70 11.48 1.93
C PRO A 39 2.72 11.52 3.45
N LYS A 40 3.51 10.61 4.05
CA LYS A 40 3.64 10.54 5.50
C LYS A 40 2.42 9.88 6.16
N ASN A 41 1.43 9.50 5.35
CA ASN A 41 0.22 8.86 5.87
C ASN A 41 0.47 7.40 6.21
N PHE A 42 0.37 6.53 5.21
CA PHE A 42 0.54 5.09 5.39
C PHE A 42 -0.70 4.47 6.03
N GLY A 43 -1.49 5.31 6.71
CA GLY A 43 -2.72 4.83 7.32
C GLY A 43 -3.83 4.71 6.31
N LEU A 44 -3.93 5.70 5.42
CA LEU A 44 -4.94 5.69 4.38
C LEU A 44 -4.77 4.46 3.52
N ILE A 45 -3.55 4.24 3.06
CA ILE A 45 -3.24 3.08 2.25
C ILE A 45 -3.54 1.83 3.06
N ALA A 46 -2.93 1.76 4.24
CA ALA A 46 -3.15 0.65 5.15
C ALA A 46 -4.63 0.56 5.52
N SER A 47 -5.40 1.57 5.15
CA SER A 47 -6.82 1.59 5.45
C SER A 47 -7.63 0.98 4.30
N PHE A 48 -7.20 1.23 3.07
CA PHE A 48 -7.90 0.66 1.91
C PHE A 48 -7.40 -0.75 1.62
N LEU A 49 -6.14 -1.03 1.96
CA LEU A 49 -5.56 -2.36 1.76
C LEU A 49 -5.15 -2.96 3.09
N GLU A 50 -6.11 -3.01 4.03
CA GLU A 50 -5.90 -3.55 5.37
C GLU A 50 -4.83 -4.65 5.43
N ARG A 51 -4.86 -5.58 4.48
CA ARG A 51 -3.90 -6.67 4.44
C ARG A 51 -2.47 -6.17 4.65
N LYS A 52 -2.24 -4.92 4.23
CA LYS A 52 -0.93 -4.31 4.36
C LYS A 52 -0.97 -3.17 5.39
N THR A 53 -0.81 -3.52 6.66
CA THR A 53 -0.84 -2.53 7.73
C THR A 53 0.19 -1.43 7.50
N VAL A 54 0.13 -0.39 8.32
CA VAL A 54 1.04 0.74 8.22
C VAL A 54 2.49 0.26 8.34
N ALA A 55 2.83 -0.25 9.51
CA ALA A 55 4.18 -0.76 9.75
C ALA A 55 4.48 -1.96 8.87
N GLU A 56 3.43 -2.56 8.31
CA GLU A 56 3.58 -3.71 7.45
C GLU A 56 3.69 -3.31 5.98
N CYS A 57 3.39 -2.05 5.68
CA CYS A 57 3.46 -1.57 4.30
C CYS A 57 4.86 -1.06 3.99
N VAL A 58 5.61 -0.71 5.03
CA VAL A 58 6.99 -0.25 4.84
C VAL A 58 7.81 -1.29 4.12
N LEU A 59 7.33 -2.54 4.16
CA LEU A 59 8.02 -3.64 3.51
C LEU A 59 8.01 -3.49 1.99
N TYR A 60 7.19 -2.58 1.48
CA TYR A 60 7.09 -2.35 0.04
C TYR A 60 7.79 -1.05 -0.38
N TYR A 61 8.24 -0.25 0.59
CA TYR A 61 8.87 1.01 0.28
C TYR A 61 10.40 0.91 0.26
N TYR A 62 10.96 0.00 1.05
CA TYR A 62 12.41 -0.14 1.09
C TYR A 62 12.92 -1.12 0.04
N LEU A 63 12.00 -1.85 -0.61
CA LEU A 63 12.39 -2.79 -1.65
C LEU A 63 12.04 -2.24 -3.03
N THR A 64 11.32 -1.11 -3.05
CA THR A 64 10.92 -0.46 -4.28
C THR A 64 11.83 0.74 -4.56
N LYS A 65 12.45 1.25 -3.50
CA LYS A 65 13.34 2.40 -3.62
C LYS A 65 14.80 1.97 -3.67
N LYS A 66 15.08 0.76 -3.19
CA LYS A 66 16.44 0.22 -3.20
C LYS A 66 17.00 0.16 -4.61
N ASN A 67 16.13 0.16 -5.60
CA ASN A 67 16.55 0.09 -7.01
C ASN A 67 16.08 1.32 -7.79
N GLU A 68 14.97 1.91 -7.36
CA GLU A 68 14.43 3.09 -8.05
C GLU A 68 14.80 4.37 -7.33
N ASN A 69 14.88 4.29 -6.00
CA ASN A 69 15.22 5.45 -5.19
C ASN A 69 14.18 6.56 -5.35
N TYR A 70 13.00 6.34 -4.77
CA TYR A 70 11.93 7.32 -4.85
C TYR A 70 11.33 7.59 -3.47
N LYS A 71 12.19 7.60 -2.45
CA LYS A 71 11.76 7.86 -1.09
C LYS A 71 11.13 9.25 -0.97
N ASN A 4 -24.26 11.07 4.61
CA ASN A 4 -23.17 11.28 5.55
C ASN A 4 -22.87 10.01 6.33
N GLY A 5 -21.75 10.01 7.05
CA GLY A 5 -21.36 8.86 7.83
C GLY A 5 -21.18 7.61 6.98
N LEU A 6 -20.78 6.51 7.60
CA LEU A 6 -20.57 5.26 6.90
C LEU A 6 -19.49 5.41 5.84
N MET A 7 -18.35 5.97 6.24
CA MET A 7 -17.23 6.17 5.32
C MET A 7 -16.19 5.05 5.48
N ALA A 8 -16.67 3.84 5.78
CA ALA A 8 -15.79 2.70 5.95
C ALA A 8 -16.20 1.55 5.04
N ASP A 9 -15.36 1.27 4.04
CA ASP A 9 -15.64 0.19 3.09
C ASP A 9 -14.36 -0.29 2.43
N PRO A 10 -13.67 -1.27 3.04
CA PRO A 10 -12.42 -1.82 2.50
C PRO A 10 -12.65 -2.61 1.22
N MET A 11 -11.95 -2.23 0.15
CA MET A 11 -12.07 -2.91 -1.12
C MET A 11 -10.70 -3.33 -1.64
N LYS A 12 -10.01 -2.41 -2.31
CA LYS A 12 -8.69 -2.71 -2.85
C LYS A 12 -7.83 -3.35 -1.78
N VAL A 13 -7.79 -4.67 -1.81
CA VAL A 13 -7.04 -5.43 -0.85
C VAL A 13 -7.24 -6.92 -1.13
N TYR A 14 -8.48 -7.24 -1.45
CA TYR A 14 -8.88 -8.61 -1.79
C TYR A 14 -7.96 -9.16 -2.89
N LYS A 15 -7.31 -8.27 -3.65
CA LYS A 15 -6.40 -8.68 -4.71
C LYS A 15 -4.95 -8.38 -4.32
N ASP A 16 -4.74 -8.05 -3.05
CA ASP A 16 -3.41 -7.72 -2.55
C ASP A 16 -2.91 -8.77 -1.55
N ARG A 17 -3.76 -9.72 -1.20
CA ARG A 17 -3.37 -10.77 -0.26
C ARG A 17 -2.09 -11.45 -0.71
N GLN A 18 -1.80 -11.37 -2.01
CA GLN A 18 -0.60 -11.96 -2.57
C GLN A 18 0.42 -10.86 -2.84
N VAL A 19 0.38 -9.83 -2.00
CA VAL A 19 1.29 -8.70 -2.10
C VAL A 19 2.19 -8.65 -0.88
N MET A 20 1.67 -9.08 0.27
CA MET A 20 2.45 -9.08 1.50
C MET A 20 3.83 -9.69 1.25
N ASN A 21 3.92 -10.54 0.24
CA ASN A 21 5.17 -11.20 -0.12
C ASN A 21 5.50 -10.98 -1.59
N MET A 22 4.94 -9.92 -2.19
CA MET A 22 5.18 -9.61 -3.60
C MET A 22 4.27 -8.50 -4.10
N TRP A 23 4.72 -7.26 -3.95
CA TRP A 23 3.97 -6.11 -4.41
C TRP A 23 4.25 -5.90 -5.89
N SER A 24 3.32 -6.37 -6.71
CA SER A 24 3.46 -6.27 -8.16
C SER A 24 3.53 -4.82 -8.61
N GLU A 25 4.27 -4.58 -9.71
CA GLU A 25 4.40 -3.24 -10.26
C GLU A 25 3.03 -2.59 -10.39
N GLN A 26 2.01 -3.43 -10.60
CA GLN A 26 0.64 -2.96 -10.75
C GLN A 26 -0.02 -2.85 -9.37
N GLU A 27 0.39 -3.72 -8.45
CA GLU A 27 -0.16 -3.70 -7.11
C GLU A 27 0.42 -2.52 -6.36
N LYS A 28 1.74 -2.46 -6.29
CA LYS A 28 2.43 -1.34 -5.65
C LYS A 28 1.92 -0.02 -6.22
N GLU A 29 1.35 -0.10 -7.43
CA GLU A 29 0.83 1.08 -8.09
C GLU A 29 -0.32 1.70 -7.30
N THR A 30 -1.02 0.88 -6.51
CA THR A 30 -2.14 1.38 -5.73
C THR A 30 -1.71 1.89 -4.35
N PHE A 31 -0.87 1.12 -3.68
CA PHE A 31 -0.38 1.50 -2.36
C PHE A 31 0.69 2.56 -2.47
N ARG A 32 1.51 2.47 -3.53
CA ARG A 32 2.56 3.44 -3.75
C ARG A 32 1.98 4.75 -4.28
N GLU A 33 0.82 4.65 -4.95
CA GLU A 33 0.17 5.83 -5.50
C GLU A 33 -0.58 6.58 -4.40
N LYS A 34 -1.19 5.84 -3.49
CA LYS A 34 -1.91 6.45 -2.39
C LYS A 34 -0.91 7.02 -1.41
N PHE A 35 0.13 6.25 -1.13
CA PHE A 35 1.18 6.69 -0.22
C PHE A 35 1.87 7.90 -0.84
N MET A 36 1.87 7.94 -2.17
CA MET A 36 2.43 9.06 -2.88
C MET A 36 1.41 10.19 -2.88
N GLN A 37 0.13 9.78 -2.84
CA GLN A 37 -0.99 10.71 -2.79
C GLN A 37 -1.05 11.37 -1.43
N HIS A 38 -0.76 10.57 -0.41
CA HIS A 38 -0.79 11.01 0.97
C HIS A 38 0.63 11.03 1.54
N PRO A 39 1.20 12.24 1.77
CA PRO A 39 2.55 12.39 2.30
C PRO A 39 2.92 11.36 3.36
N LYS A 40 3.38 10.20 2.91
CA LYS A 40 3.77 9.12 3.81
C LYS A 40 2.83 9.01 4.99
N ASN A 41 1.54 8.87 4.72
CA ASN A 41 0.55 8.76 5.77
C ASN A 41 0.30 7.29 6.11
N PHE A 42 0.14 6.47 5.07
CA PHE A 42 -0.10 5.04 5.25
C PHE A 42 -1.48 4.77 5.84
N GLY A 43 -1.86 5.57 6.84
CA GLY A 43 -3.15 5.41 7.48
C GLY A 43 -4.27 5.25 6.49
N LEU A 44 -4.08 5.80 5.29
CA LEU A 44 -5.07 5.70 4.24
C LEU A 44 -4.82 4.43 3.43
N ILE A 45 -3.55 4.22 3.08
CA ILE A 45 -3.16 3.04 2.34
C ILE A 45 -3.50 1.81 3.15
N ALA A 46 -2.89 1.72 4.33
CA ALA A 46 -3.15 0.63 5.24
C ALA A 46 -4.64 0.55 5.58
N SER A 47 -5.39 1.59 5.21
CA SER A 47 -6.82 1.63 5.47
C SER A 47 -7.60 1.04 4.29
N PHE A 48 -7.16 1.33 3.07
CA PHE A 48 -7.84 0.80 1.89
C PHE A 48 -7.36 -0.61 1.58
N LEU A 49 -6.15 -0.95 2.04
CA LEU A 49 -5.60 -2.28 1.84
C LEU A 49 -5.20 -2.91 3.18
N GLU A 50 -6.15 -2.91 4.11
CA GLU A 50 -5.97 -3.44 5.46
C GLU A 50 -4.92 -4.54 5.56
N ARG A 51 -4.97 -5.52 4.65
CA ARG A 51 -4.01 -6.62 4.67
C ARG A 51 -2.57 -6.12 4.83
N LYS A 52 -2.33 -4.90 4.36
CA LYS A 52 -1.01 -4.29 4.46
C LYS A 52 -1.03 -3.09 5.42
N THR A 53 -0.91 -3.38 6.71
CA THR A 53 -0.93 -2.33 7.73
C THR A 53 0.12 -1.26 7.43
N VAL A 54 0.08 -0.18 8.21
CA VAL A 54 1.03 0.93 8.04
C VAL A 54 2.46 0.45 8.19
N ALA A 55 2.79 -0.02 9.39
CA ALA A 55 4.14 -0.51 9.67
C ALA A 55 4.44 -1.78 8.88
N GLU A 56 3.41 -2.38 8.31
CA GLU A 56 3.58 -3.61 7.53
C GLU A 56 3.67 -3.33 6.04
N CYS A 57 3.20 -2.15 5.62
CA CYS A 57 3.25 -1.79 4.21
C CYS A 57 4.61 -1.23 3.83
N VAL A 58 5.27 -0.57 4.76
CA VAL A 58 6.60 -0.01 4.51
C VAL A 58 7.49 -1.07 3.88
N LEU A 59 7.21 -2.33 4.21
CA LEU A 59 7.98 -3.44 3.69
C LEU A 59 8.11 -3.37 2.17
N TYR A 60 7.16 -2.69 1.53
CA TYR A 60 7.15 -2.54 0.07
C TYR A 60 7.89 -1.28 -0.38
N TYR A 61 8.25 -0.42 0.57
CA TYR A 61 8.94 0.81 0.24
C TYR A 61 10.43 0.58 0.03
N TYR A 62 10.97 -0.46 0.67
CA TYR A 62 12.38 -0.77 0.53
C TYR A 62 12.63 -1.84 -0.52
N LEU A 63 11.55 -2.39 -1.09
CA LEU A 63 11.68 -3.40 -2.14
C LEU A 63 11.57 -2.75 -3.51
N THR A 64 10.82 -1.65 -3.57
CA THR A 64 10.62 -0.91 -4.81
C THR A 64 11.77 0.05 -5.09
N LYS A 65 12.59 0.32 -4.08
CA LYS A 65 13.72 1.23 -4.25
C LYS A 65 15.04 0.46 -4.38
N LYS A 66 15.05 -0.76 -3.86
CA LYS A 66 16.26 -1.59 -3.94
C LYS A 66 16.60 -1.93 -5.37
N ASN A 67 15.64 -1.75 -6.28
CA ASN A 67 15.84 -2.05 -7.69
C ASN A 67 15.67 -0.82 -8.57
N GLU A 68 14.95 0.18 -8.08
CA GLU A 68 14.73 1.41 -8.86
C GLU A 68 15.38 2.61 -8.19
N ASN A 69 15.44 2.59 -6.86
CA ASN A 69 16.02 3.68 -6.11
C ASN A 69 15.22 4.96 -6.31
N TYR A 70 14.04 5.02 -5.70
CA TYR A 70 13.18 6.19 -5.82
C TYR A 70 12.45 6.46 -4.50
N LYS A 71 13.16 6.27 -3.40
CA LYS A 71 12.58 6.50 -2.08
C LYS A 71 11.98 7.90 -1.96
N ASN A 4 -26.39 4.76 -2.79
CA ASN A 4 -25.42 4.93 -1.71
C ASN A 4 -24.06 4.38 -2.11
N GLY A 5 -23.22 5.26 -2.65
CA GLY A 5 -21.89 4.85 -3.08
C GLY A 5 -20.98 6.02 -3.38
N LEU A 6 -20.90 6.96 -2.44
CA LEU A 6 -20.06 8.14 -2.61
C LEU A 6 -18.60 7.75 -2.79
N MET A 7 -18.09 6.93 -1.87
CA MET A 7 -16.71 6.47 -1.93
C MET A 7 -16.64 4.95 -1.97
N ALA A 8 -15.41 4.42 -1.90
CA ALA A 8 -15.20 2.98 -1.94
C ALA A 8 -13.80 2.61 -1.48
N ASP A 9 -13.59 2.63 -0.16
CA ASP A 9 -12.29 2.31 0.41
C ASP A 9 -12.14 0.79 0.60
N PRO A 10 -13.13 0.14 1.25
CA PRO A 10 -13.10 -1.30 1.50
C PRO A 10 -13.18 -2.11 0.20
N MET A 11 -12.18 -1.97 -0.65
CA MET A 11 -12.14 -2.69 -1.92
C MET A 11 -10.73 -3.17 -2.22
N LYS A 12 -9.90 -2.30 -2.79
CA LYS A 12 -8.54 -2.66 -3.12
C LYS A 12 -7.85 -3.33 -1.95
N VAL A 13 -7.78 -4.64 -1.99
CA VAL A 13 -7.17 -5.41 -0.94
C VAL A 13 -7.27 -6.90 -1.25
N TYR A 14 -8.44 -7.29 -1.72
CA TYR A 14 -8.74 -8.67 -2.12
C TYR A 14 -7.56 -9.25 -2.90
N LYS A 15 -6.85 -8.40 -3.64
CA LYS A 15 -5.70 -8.84 -4.42
C LYS A 15 -4.40 -8.65 -3.63
N ASP A 16 -4.41 -7.73 -2.69
CA ASP A 16 -3.24 -7.44 -1.86
C ASP A 16 -2.80 -8.68 -1.06
N ARG A 17 -3.72 -9.62 -0.87
CA ARG A 17 -3.40 -10.83 -0.11
C ARG A 17 -2.12 -11.48 -0.62
N GLN A 18 -1.90 -11.38 -1.93
CA GLN A 18 -0.69 -11.94 -2.54
C GLN A 18 0.32 -10.84 -2.82
N VAL A 19 0.27 -9.81 -1.96
CA VAL A 19 1.17 -8.67 -2.08
C VAL A 19 2.04 -8.56 -0.84
N MET A 20 1.48 -8.93 0.30
CA MET A 20 2.23 -8.89 1.56
C MET A 20 3.63 -9.49 1.37
N ASN A 21 3.74 -10.38 0.39
CA ASN A 21 5.01 -11.03 0.08
C ASN A 21 5.35 -10.88 -1.40
N MET A 22 4.80 -9.86 -2.04
CA MET A 22 5.04 -9.60 -3.45
C MET A 22 4.12 -8.52 -4.00
N TRP A 23 4.53 -7.27 -3.82
CA TRP A 23 3.74 -6.15 -4.32
C TRP A 23 4.05 -5.95 -5.80
N SER A 24 3.15 -6.45 -6.63
CA SER A 24 3.31 -6.37 -8.08
C SER A 24 3.43 -4.92 -8.56
N GLU A 25 4.17 -4.72 -9.64
CA GLU A 25 4.35 -3.40 -10.21
C GLU A 25 3.00 -2.71 -10.36
N GLN A 26 1.96 -3.52 -10.59
CA GLN A 26 0.61 -3.00 -10.73
C GLN A 26 -0.05 -2.86 -9.37
N GLU A 27 0.33 -3.73 -8.44
CA GLU A 27 -0.21 -3.70 -7.10
C GLU A 27 0.36 -2.51 -6.36
N LYS A 28 1.69 -2.45 -6.28
CA LYS A 28 2.37 -1.34 -5.64
C LYS A 28 1.88 -0.02 -6.26
N GLU A 29 1.33 -0.13 -7.46
CA GLU A 29 0.81 1.04 -8.15
C GLU A 29 -0.33 1.69 -7.38
N THR A 30 -1.05 0.90 -6.59
CA THR A 30 -2.18 1.43 -5.82
C THR A 30 -1.73 1.95 -4.46
N PHE A 31 -0.96 1.15 -3.73
CA PHE A 31 -0.48 1.53 -2.42
C PHE A 31 0.62 2.58 -2.53
N ARG A 32 1.41 2.49 -3.60
CA ARG A 32 2.50 3.44 -3.82
C ARG A 32 1.96 4.75 -4.40
N GLU A 33 0.82 4.68 -5.08
CA GLU A 33 0.22 5.86 -5.67
C GLU A 33 -0.57 6.62 -4.62
N LYS A 34 -1.16 5.89 -3.67
CA LYS A 34 -1.92 6.51 -2.60
C LYS A 34 -0.99 7.12 -1.58
N PHE A 35 0.07 6.39 -1.24
CA PHE A 35 1.04 6.89 -0.28
C PHE A 35 1.72 8.11 -0.86
N MET A 36 1.81 8.14 -2.19
CA MET A 36 2.36 9.28 -2.88
C MET A 36 1.31 10.38 -2.89
N GLN A 37 0.05 9.93 -2.90
CA GLN A 37 -1.11 10.82 -2.88
C GLN A 37 -1.25 11.45 -1.50
N HIS A 38 -0.96 10.65 -0.49
CA HIS A 38 -1.05 11.07 0.89
C HIS A 38 0.34 11.23 1.51
N PRO A 39 0.89 12.46 1.48
CA PRO A 39 2.22 12.76 2.02
C PRO A 39 2.54 12.02 3.31
N LYS A 40 3.26 10.91 3.19
CA LYS A 40 3.65 10.10 4.34
C LYS A 40 2.52 9.93 5.34
N ASN A 41 1.79 8.83 5.23
CA ASN A 41 0.68 8.56 6.14
C ASN A 41 0.61 7.08 6.48
N PHE A 42 0.54 6.25 5.45
CA PHE A 42 0.44 4.80 5.63
C PHE A 42 -0.86 4.43 6.35
N GLY A 43 -1.69 5.41 6.65
CA GLY A 43 -2.95 5.16 7.31
C GLY A 43 -4.07 4.94 6.32
N LEU A 44 -4.10 5.78 5.28
CA LEU A 44 -5.12 5.66 4.25
C LEU A 44 -4.85 4.42 3.42
N ILE A 45 -3.60 4.25 3.01
CA ILE A 45 -3.22 3.09 2.22
C ILE A 45 -3.50 1.83 3.01
N ALA A 46 -2.89 1.74 4.19
CA ALA A 46 -3.11 0.61 5.07
C ALA A 46 -4.59 0.49 5.44
N SER A 47 -5.38 1.50 5.05
CA SER A 47 -6.81 1.50 5.36
C SER A 47 -7.62 0.95 4.19
N PHE A 48 -7.23 1.29 2.95
CA PHE A 48 -7.95 0.79 1.78
C PHE A 48 -7.55 -0.65 1.48
N LEU A 49 -6.34 -1.03 1.89
CA LEU A 49 -5.84 -2.39 1.70
C LEU A 49 -5.51 -3.02 3.05
N GLU A 50 -6.51 -2.96 3.95
CA GLU A 50 -6.41 -3.48 5.33
C GLU A 50 -5.40 -4.62 5.47
N ARG A 51 -5.44 -5.59 4.56
CA ARG A 51 -4.54 -6.73 4.59
C ARG A 51 -3.11 -6.28 4.90
N LYS A 52 -2.80 -5.05 4.52
CA LYS A 52 -1.49 -4.48 4.74
C LYS A 52 -1.56 -3.42 5.85
N THR A 53 -0.52 -3.34 6.67
CA THR A 53 -0.47 -2.37 7.76
C THR A 53 0.55 -1.27 7.48
N VAL A 54 0.59 -0.27 8.36
CA VAL A 54 1.52 0.84 8.22
C VAL A 54 2.97 0.34 8.32
N ALA A 55 3.31 -0.20 9.48
CA ALA A 55 4.65 -0.71 9.71
C ALA A 55 4.92 -1.94 8.84
N GLU A 56 3.84 -2.60 8.40
CA GLU A 56 3.96 -3.79 7.57
C GLU A 56 4.02 -3.42 6.09
N CYS A 57 3.58 -2.21 5.76
CA CYS A 57 3.61 -1.75 4.37
C CYS A 57 5.01 -1.30 3.98
N VAL A 58 5.79 -0.86 4.98
CA VAL A 58 7.16 -0.44 4.73
C VAL A 58 7.91 -1.50 3.93
N LEU A 59 7.46 -2.74 4.06
CA LEU A 59 8.07 -3.86 3.35
C LEU A 59 8.00 -3.67 1.84
N TYR A 60 7.15 -2.74 1.38
CA TYR A 60 7.00 -2.50 -0.04
C TYR A 60 7.67 -1.17 -0.45
N TYR A 61 8.19 -0.42 0.51
CA TYR A 61 8.83 0.86 0.21
C TYR A 61 10.35 0.73 0.12
N TYR A 62 10.93 -0.20 0.87
CA TYR A 62 12.38 -0.36 0.84
C TYR A 62 12.83 -1.31 -0.27
N LEU A 63 11.88 -2.02 -0.87
CA LEU A 63 12.21 -2.95 -1.96
C LEU A 63 11.80 -2.35 -3.31
N THR A 64 11.11 -1.21 -3.25
CA THR A 64 10.66 -0.51 -4.45
C THR A 64 11.60 0.65 -4.75
N LYS A 65 12.18 1.23 -3.70
CA LYS A 65 13.08 2.36 -3.85
C LYS A 65 14.51 1.87 -4.11
N LYS A 66 14.81 0.66 -3.66
CA LYS A 66 16.14 0.10 -3.85
C LYS A 66 16.45 -0.07 -5.33
N ASN A 67 15.41 -0.15 -6.16
CA ASN A 67 15.58 -0.32 -7.59
C ASN A 67 14.99 0.87 -8.37
N GLU A 68 14.10 1.62 -7.73
CA GLU A 68 13.47 2.77 -8.40
C GLU A 68 14.06 4.08 -7.89
N ASN A 69 14.64 4.05 -6.69
CA ASN A 69 15.24 5.24 -6.10
C ASN A 69 14.18 6.32 -5.86
N TYR A 70 13.35 6.10 -4.85
CA TYR A 70 12.30 7.05 -4.52
C TYR A 70 11.94 6.97 -3.03
N LYS A 71 12.15 8.06 -2.32
CA LYS A 71 11.85 8.11 -0.89
C LYS A 71 11.40 9.51 -0.48
N ASN A 4 -20.09 14.44 7.32
CA ASN A 4 -20.42 13.06 7.00
C ASN A 4 -19.74 12.63 5.71
N GLY A 5 -19.58 11.32 5.54
CA GLY A 5 -18.95 10.80 4.34
C GLY A 5 -18.42 9.39 4.53
N LEU A 6 -17.40 9.03 3.74
CA LEU A 6 -16.80 7.70 3.83
C LEU A 6 -15.31 7.76 3.56
N MET A 7 -14.53 8.04 4.60
CA MET A 7 -13.09 8.12 4.47
C MET A 7 -12.47 6.73 4.32
N ALA A 8 -12.54 5.94 5.39
CA ALA A 8 -12.00 4.58 5.36
C ALA A 8 -12.83 3.66 4.47
N ASP A 9 -12.18 2.66 3.89
CA ASP A 9 -12.86 1.71 3.02
C ASP A 9 -11.96 0.51 2.72
N PRO A 10 -11.96 -0.49 3.61
CA PRO A 10 -11.14 -1.70 3.44
C PRO A 10 -11.66 -2.59 2.30
N MET A 11 -11.10 -2.40 1.11
CA MET A 11 -11.51 -3.17 -0.05
C MET A 11 -10.30 -3.60 -0.86
N LYS A 12 -9.82 -2.70 -1.73
CA LYS A 12 -8.66 -3.00 -2.57
C LYS A 12 -7.57 -3.71 -1.79
N VAL A 13 -7.48 -5.02 -1.98
CA VAL A 13 -6.48 -5.84 -1.32
C VAL A 13 -6.70 -7.30 -1.67
N TYR A 14 -7.95 -7.72 -1.51
CA TYR A 14 -8.39 -9.06 -1.84
C TYR A 14 -7.83 -9.50 -3.18
N LYS A 15 -7.58 -8.54 -4.07
CA LYS A 15 -7.04 -8.83 -5.39
C LYS A 15 -5.59 -9.26 -5.29
N ASP A 16 -4.89 -8.74 -4.29
CA ASP A 16 -3.48 -9.05 -4.08
C ASP A 16 -3.14 -9.18 -2.60
N ARG A 17 -3.65 -10.25 -1.99
CA ARG A 17 -3.36 -10.51 -0.59
C ARG A 17 -2.02 -11.24 -0.47
N GLN A 18 -1.48 -11.68 -1.61
CA GLN A 18 -0.20 -12.36 -1.64
C GLN A 18 0.90 -11.40 -2.08
N VAL A 19 0.56 -10.13 -2.02
CA VAL A 19 1.48 -9.05 -2.36
C VAL A 19 2.27 -8.64 -1.13
N MET A 20 1.63 -8.75 0.01
CA MET A 20 2.27 -8.41 1.29
C MET A 20 3.73 -8.88 1.30
N ASN A 21 3.97 -10.00 0.61
CA ASN A 21 5.31 -10.58 0.52
C ASN A 21 5.76 -10.65 -0.94
N MET A 22 5.24 -9.71 -1.74
CA MET A 22 5.56 -9.63 -3.18
C MET A 22 4.55 -8.73 -3.89
N TRP A 23 4.67 -7.42 -3.64
CA TRP A 23 3.78 -6.44 -4.27
C TRP A 23 4.08 -6.33 -5.74
N SER A 24 3.06 -6.56 -6.53
CA SER A 24 3.18 -6.51 -7.98
C SER A 24 3.39 -5.08 -8.47
N GLU A 25 4.15 -4.93 -9.55
CA GLU A 25 4.40 -3.60 -10.11
C GLU A 25 3.10 -2.84 -10.27
N GLN A 26 2.01 -3.59 -10.44
CA GLN A 26 0.69 -3.01 -10.60
C GLN A 26 0.04 -2.79 -9.24
N GLU A 27 0.36 -3.64 -8.26
CA GLU A 27 -0.20 -3.51 -6.94
C GLU A 27 0.39 -2.29 -6.25
N LYS A 28 1.72 -2.24 -6.21
CA LYS A 28 2.43 -1.10 -5.63
C LYS A 28 1.89 0.19 -6.23
N GLU A 29 1.29 0.08 -7.41
CA GLU A 29 0.74 1.21 -8.11
C GLU A 29 -0.38 1.88 -7.32
N THR A 30 -1.08 1.10 -6.51
CA THR A 30 -2.18 1.65 -5.72
C THR A 30 -1.69 2.22 -4.40
N PHE A 31 -0.99 1.41 -3.63
CA PHE A 31 -0.45 1.83 -2.34
C PHE A 31 0.62 2.88 -2.52
N ARG A 32 1.42 2.73 -3.58
CA ARG A 32 2.50 3.68 -3.84
C ARG A 32 1.94 4.97 -4.44
N GLU A 33 0.87 4.87 -5.22
CA GLU A 33 0.27 6.04 -5.85
C GLU A 33 -0.53 6.84 -4.82
N LYS A 34 -1.21 6.13 -3.92
CA LYS A 34 -1.99 6.78 -2.90
C LYS A 34 -1.07 7.51 -1.92
N PHE A 35 0.06 6.88 -1.62
CA PHE A 35 1.03 7.48 -0.72
C PHE A 35 1.59 8.74 -1.36
N MET A 36 1.62 8.73 -2.68
CA MET A 36 2.07 9.89 -3.42
C MET A 36 0.93 10.92 -3.41
N GLN A 37 -0.29 10.39 -3.31
CA GLN A 37 -1.50 11.20 -3.27
C GLN A 37 -1.62 11.88 -1.90
N HIS A 38 -1.55 11.06 -0.86
CA HIS A 38 -1.65 11.54 0.51
C HIS A 38 -0.26 11.73 1.11
N PRO A 39 0.02 12.91 1.69
CA PRO A 39 1.32 13.20 2.30
C PRO A 39 1.81 12.05 3.17
N LYS A 40 3.09 12.11 3.57
CA LYS A 40 3.67 11.07 4.41
C LYS A 40 2.73 10.67 5.54
N ASN A 41 1.96 9.61 5.32
CA ASN A 41 1.01 9.14 6.32
C ASN A 41 1.18 7.65 6.59
N PHE A 42 1.09 6.85 5.55
CA PHE A 42 1.21 5.40 5.68
C PHE A 42 0.08 4.84 6.54
N GLY A 43 -0.95 5.66 6.76
CA GLY A 43 -2.09 5.24 7.54
C GLY A 43 -3.29 5.00 6.64
N LEU A 44 -3.40 5.82 5.60
CA LEU A 44 -4.48 5.69 4.64
C LEU A 44 -4.20 4.51 3.72
N ILE A 45 -3.02 4.53 3.11
CA ILE A 45 -2.61 3.47 2.21
C ILE A 45 -2.62 2.14 2.93
N ALA A 46 -2.33 2.17 4.21
CA ALA A 46 -2.36 0.96 5.02
C ALA A 46 -3.76 0.76 5.58
N SER A 47 -4.72 1.51 5.04
CA SER A 47 -6.10 1.43 5.50
C SER A 47 -7.04 1.00 4.39
N PHE A 48 -6.73 1.39 3.14
CA PHE A 48 -7.58 1.02 2.02
C PHE A 48 -7.33 -0.43 1.61
N LEU A 49 -6.16 -0.95 1.96
CA LEU A 49 -5.80 -2.33 1.65
C LEU A 49 -5.72 -3.15 2.93
N GLU A 50 -6.73 -2.94 3.79
CA GLU A 50 -6.86 -3.60 5.09
C GLU A 50 -5.88 -4.74 5.34
N ARG A 51 -5.85 -5.72 4.44
CA ARG A 51 -4.95 -6.87 4.59
C ARG A 51 -3.55 -6.43 5.01
N LYS A 52 -3.18 -5.22 4.62
CA LYS A 52 -1.87 -4.67 4.96
C LYS A 52 -1.99 -3.77 6.19
N THR A 53 -0.95 -2.97 6.44
CA THR A 53 -0.95 -2.07 7.58
C THR A 53 0.20 -1.08 7.49
N VAL A 54 0.23 -0.13 8.40
CA VAL A 54 1.30 0.87 8.40
C VAL A 54 2.64 0.22 8.72
N ALA A 55 2.60 -0.82 9.54
CA ALA A 55 3.81 -1.55 9.92
C ALA A 55 4.09 -2.67 8.93
N GLU A 56 3.05 -3.07 8.18
CA GLU A 56 3.18 -4.13 7.19
C GLU A 56 3.44 -3.56 5.80
N CYS A 57 3.03 -2.32 5.58
CA CYS A 57 3.24 -1.66 4.29
C CYS A 57 4.72 -1.44 4.04
N VAL A 58 5.50 -1.39 5.12
CA VAL A 58 6.94 -1.20 5.02
C VAL A 58 7.57 -2.34 4.23
N LEU A 59 6.81 -3.43 4.05
CA LEU A 59 7.30 -4.59 3.31
C LEU A 59 7.23 -4.35 1.80
N TYR A 60 6.84 -3.14 1.41
CA TYR A 60 6.74 -2.79 0.00
C TYR A 60 7.70 -1.64 -0.34
N TYR A 61 8.33 -1.06 0.67
CA TYR A 61 9.24 0.07 0.46
C TYR A 61 10.69 -0.41 0.36
N TYR A 62 11.07 -1.40 1.16
CA TYR A 62 12.44 -1.90 1.13
C TYR A 62 12.65 -2.84 -0.06
N LEU A 63 11.59 -3.10 -0.82
CA LEU A 63 11.66 -3.96 -1.99
C LEU A 63 11.62 -3.09 -3.25
N THR A 64 10.85 -2.02 -3.17
CA THR A 64 10.71 -1.08 -4.28
C THR A 64 11.91 -0.15 -4.35
N LYS A 65 12.61 0.02 -3.23
CA LYS A 65 13.77 0.89 -3.17
C LYS A 65 15.07 0.09 -3.22
N LYS A 66 14.99 -1.19 -2.87
CA LYS A 66 16.17 -2.05 -2.87
C LYS A 66 16.77 -2.15 -4.27
N ASN A 67 15.93 -2.02 -5.29
CA ASN A 67 16.39 -2.11 -6.68
C ASN A 67 16.11 -0.83 -7.45
N GLU A 68 15.33 0.08 -6.86
CA GLU A 68 15.00 1.34 -7.52
C GLU A 68 15.67 2.53 -6.84
N ASN A 69 15.96 2.38 -5.55
CA ASN A 69 16.60 3.43 -4.79
C ASN A 69 15.75 4.71 -4.81
N TYR A 70 14.71 4.73 -3.99
CA TYR A 70 13.83 5.88 -3.92
C TYR A 70 12.91 5.79 -2.70
N LYS A 71 12.90 6.84 -1.89
CA LYS A 71 12.06 6.87 -0.70
C LYS A 71 11.78 8.30 -0.26
N ASN A 4 -13.26 15.19 2.99
CA ASN A 4 -14.43 15.59 2.21
C ASN A 4 -14.90 14.48 1.29
N GLY A 5 -15.64 13.53 1.85
CA GLY A 5 -16.13 12.41 1.07
C GLY A 5 -16.48 11.21 1.92
N LEU A 6 -15.75 11.03 3.02
CA LEU A 6 -15.99 9.91 3.92
C LEU A 6 -15.80 8.58 3.20
N MET A 7 -14.58 8.06 3.23
CA MET A 7 -14.28 6.79 2.57
C MET A 7 -14.18 5.66 3.59
N ALA A 8 -14.84 4.55 3.30
CA ALA A 8 -14.83 3.40 4.20
C ALA A 8 -15.02 2.10 3.42
N ASP A 9 -15.23 1.01 4.15
CA ASP A 9 -15.43 -0.30 3.53
C ASP A 9 -14.21 -0.70 2.71
N PRO A 10 -13.22 -1.35 3.34
CA PRO A 10 -11.99 -1.79 2.66
C PRO A 10 -12.30 -2.61 1.42
N MET A 11 -11.66 -2.26 0.31
CA MET A 11 -11.85 -2.95 -0.95
C MET A 11 -10.51 -3.37 -1.54
N LYS A 12 -9.86 -2.46 -2.27
CA LYS A 12 -8.57 -2.76 -2.89
C LYS A 12 -7.66 -3.43 -1.88
N VAL A 13 -7.64 -4.75 -1.93
CA VAL A 13 -6.84 -5.54 -1.02
C VAL A 13 -7.09 -7.02 -1.30
N TYR A 14 -8.36 -7.34 -1.47
CA TYR A 14 -8.79 -8.70 -1.79
C TYR A 14 -7.94 -9.29 -2.91
N LYS A 15 -7.35 -8.41 -3.73
CA LYS A 15 -6.49 -8.86 -4.81
C LYS A 15 -5.03 -8.69 -4.41
N ASP A 16 -4.78 -7.70 -3.55
CA ASP A 16 -3.44 -7.43 -3.06
C ASP A 16 -3.00 -8.43 -1.99
N ARG A 17 -3.89 -9.36 -1.62
CA ARG A 17 -3.56 -10.36 -0.61
C ARG A 17 -2.26 -11.07 -0.92
N GLN A 18 -1.89 -11.08 -2.21
CA GLN A 18 -0.65 -11.71 -2.63
C GLN A 18 0.42 -10.65 -2.85
N VAL A 19 0.32 -9.59 -2.08
CA VAL A 19 1.26 -8.48 -2.14
C VAL A 19 2.09 -8.42 -0.87
N MET A 20 1.47 -8.81 0.26
CA MET A 20 2.16 -8.82 1.53
C MET A 20 3.55 -9.43 1.40
N ASN A 21 3.70 -10.30 0.41
CA ASN A 21 4.98 -10.96 0.16
C ASN A 21 5.41 -10.80 -1.29
N MET A 22 4.93 -9.74 -1.94
CA MET A 22 5.26 -9.46 -3.33
C MET A 22 4.39 -8.36 -3.90
N TRP A 23 4.79 -7.12 -3.70
CA TRP A 23 4.03 -6.00 -4.24
C TRP A 23 4.53 -5.72 -5.65
N SER A 24 3.76 -6.18 -6.63
CA SER A 24 4.13 -6.01 -8.04
C SER A 24 3.98 -4.57 -8.48
N GLU A 25 4.64 -4.25 -9.61
CA GLU A 25 4.59 -2.90 -10.16
C GLU A 25 3.14 -2.46 -10.39
N GLN A 26 2.25 -3.42 -10.58
CA GLN A 26 0.85 -3.12 -10.80
C GLN A 26 0.13 -3.02 -9.47
N GLU A 27 0.57 -3.80 -8.49
CA GLU A 27 -0.01 -3.77 -7.16
C GLU A 27 0.46 -2.52 -6.42
N LYS A 28 1.76 -2.26 -6.48
CA LYS A 28 2.31 -1.04 -5.89
C LYS A 28 1.58 0.15 -6.48
N GLU A 29 0.92 -0.07 -7.60
CA GLU A 29 0.17 0.97 -8.26
C GLU A 29 -0.93 1.51 -7.36
N THR A 30 -1.38 0.69 -6.40
CA THR A 30 -2.44 1.13 -5.50
C THR A 30 -1.88 1.67 -4.18
N PHE A 31 -0.92 0.96 -3.60
CA PHE A 31 -0.31 1.39 -2.35
C PHE A 31 0.72 2.48 -2.59
N ARG A 32 1.36 2.43 -3.77
CA ARG A 32 2.37 3.43 -4.10
C ARG A 32 1.71 4.69 -4.64
N GLU A 33 0.48 4.55 -5.15
CA GLU A 33 -0.24 5.70 -5.69
C GLU A 33 -0.91 6.48 -4.58
N LYS A 34 -1.47 5.77 -3.62
CA LYS A 34 -2.15 6.42 -2.50
C LYS A 34 -1.12 7.03 -1.57
N PHE A 35 -0.04 6.31 -1.29
CA PHE A 35 1.01 6.81 -0.43
C PHE A 35 1.65 8.02 -1.10
N MET A 36 1.61 8.01 -2.43
CA MET A 36 2.12 9.12 -3.20
C MET A 36 1.06 10.21 -3.21
N GLN A 37 -0.20 9.76 -3.12
CA GLN A 37 -1.36 10.64 -3.08
C GLN A 37 -1.42 11.35 -1.74
N HIS A 38 -1.05 10.61 -0.71
CA HIS A 38 -1.07 11.11 0.65
C HIS A 38 0.35 11.25 1.19
N PRO A 39 0.89 12.50 1.17
CA PRO A 39 2.25 12.79 1.63
C PRO A 39 2.65 12.01 2.88
N LYS A 40 3.43 10.94 2.68
CA LYS A 40 3.90 10.09 3.78
C LYS A 40 2.88 9.98 4.90
N ASN A 41 2.06 8.94 4.85
CA ASN A 41 1.04 8.72 5.88
C ASN A 41 1.00 7.27 6.30
N PHE A 42 0.80 6.38 5.33
CA PHE A 42 0.73 4.95 5.60
C PHE A 42 -0.55 4.60 6.38
N GLY A 43 -1.33 5.62 6.73
CA GLY A 43 -2.57 5.40 7.45
C GLY A 43 -3.73 5.15 6.52
N LEU A 44 -3.85 6.00 5.49
CA LEU A 44 -4.92 5.86 4.52
C LEU A 44 -4.75 4.58 3.74
N ILE A 45 -3.55 4.41 3.17
CA ILE A 45 -3.26 3.20 2.40
C ILE A 45 -3.57 1.97 3.23
N ALA A 46 -3.03 1.96 4.44
CA ALA A 46 -3.26 0.87 5.38
C ALA A 46 -4.76 0.73 5.67
N SER A 47 -5.55 1.68 5.20
CA SER A 47 -6.99 1.67 5.40
C SER A 47 -7.70 0.98 4.24
N PHE A 48 -7.23 1.24 3.02
CA PHE A 48 -7.84 0.63 1.84
C PHE A 48 -7.26 -0.75 1.57
N LEU A 49 -6.09 -1.03 2.13
CA LEU A 49 -5.45 -2.33 1.96
C LEU A 49 -5.06 -2.91 3.34
N GLU A 50 -6.04 -2.96 4.23
CA GLU A 50 -5.85 -3.45 5.60
C GLU A 50 -4.84 -4.60 5.67
N ARG A 51 -4.89 -5.52 4.71
CA ARG A 51 -3.97 -6.66 4.69
C ARG A 51 -2.53 -6.21 4.89
N LYS A 52 -2.24 -4.97 4.49
CA LYS A 52 -0.89 -4.42 4.63
C LYS A 52 -0.94 -3.12 5.44
N THR A 53 -1.07 -3.26 6.76
CA THR A 53 -1.13 -2.11 7.65
C THR A 53 0.12 -1.26 7.51
N VAL A 54 0.18 -0.18 8.29
CA VAL A 54 1.32 0.74 8.25
C VAL A 54 2.64 -0.03 8.44
N ALA A 55 2.77 -0.69 9.57
CA ALA A 55 3.97 -1.46 9.87
C ALA A 55 4.14 -2.61 8.88
N GLU A 56 3.03 -3.06 8.30
CA GLU A 56 3.07 -4.14 7.33
C GLU A 56 3.29 -3.62 5.92
N CYS A 57 3.28 -2.29 5.76
CA CYS A 57 3.49 -1.68 4.45
C CYS A 57 4.96 -1.34 4.24
N VAL A 58 5.72 -1.27 5.33
CA VAL A 58 7.14 -0.97 5.25
C VAL A 58 7.86 -2.03 4.42
N LEU A 59 7.20 -3.17 4.22
CA LEU A 59 7.77 -4.26 3.45
C LEU A 59 7.71 -3.99 1.95
N TYR A 60 7.14 -2.84 1.58
CA TYR A 60 7.02 -2.46 0.17
C TYR A 60 7.81 -1.18 -0.13
N TYR A 61 8.23 -0.48 0.94
CA TYR A 61 8.96 0.77 0.78
C TYR A 61 10.47 0.56 0.75
N TYR A 62 10.96 -0.47 1.46
CA TYR A 62 12.40 -0.72 1.48
C TYR A 62 12.87 -1.26 0.12
N LEU A 63 11.92 -1.62 -0.73
CA LEU A 63 12.24 -2.10 -2.06
C LEU A 63 12.09 -0.98 -3.08
N THR A 64 11.32 0.04 -2.71
CA THR A 64 11.09 1.19 -3.56
C THR A 64 12.31 2.11 -3.56
N LYS A 65 12.97 2.20 -2.41
CA LYS A 65 14.14 3.08 -2.30
C LYS A 65 15.44 2.28 -2.38
N LYS A 66 15.33 0.97 -2.58
CA LYS A 66 16.52 0.12 -2.69
C LYS A 66 17.14 0.26 -4.08
N ASN A 67 16.30 0.58 -5.07
CA ASN A 67 16.77 0.73 -6.44
C ASN A 67 16.32 2.08 -7.02
N GLU A 68 15.69 2.91 -6.20
CA GLU A 68 15.22 4.21 -6.66
C GLU A 68 15.86 5.34 -5.86
N ASN A 69 16.02 5.12 -4.56
CA ASN A 69 16.61 6.13 -3.69
C ASN A 69 15.79 7.40 -3.70
N TYR A 70 14.66 7.38 -2.99
CA TYR A 70 13.78 8.52 -2.92
C TYR A 70 13.24 8.68 -1.50
N LYS A 71 12.08 9.30 -1.38
CA LYS A 71 11.44 9.53 -0.09
C LYS A 71 9.95 9.26 -0.18
N ASN A 4 -23.11 -7.17 7.42
CA ASN A 4 -23.81 -6.91 6.17
C ASN A 4 -23.36 -5.58 5.56
N GLY A 5 -23.74 -4.48 6.21
CA GLY A 5 -23.38 -3.16 5.71
C GLY A 5 -23.11 -2.19 6.85
N LEU A 6 -21.83 -1.94 7.12
CA LEU A 6 -21.44 -1.01 8.17
C LEU A 6 -20.38 -0.03 7.68
N MET A 7 -19.37 -0.55 7.01
CA MET A 7 -18.29 0.28 6.47
C MET A 7 -17.53 -0.45 5.37
N ALA A 8 -17.66 0.04 4.14
CA ALA A 8 -16.99 -0.56 3.01
C ALA A 8 -15.68 0.17 2.69
N ASP A 9 -14.96 0.54 3.73
CA ASP A 9 -13.69 1.25 3.57
C ASP A 9 -12.60 0.31 3.05
N PRO A 10 -12.28 -0.76 3.82
CA PRO A 10 -11.26 -1.73 3.42
C PRO A 10 -11.72 -2.63 2.28
N MET A 11 -11.28 -2.30 1.06
CA MET A 11 -11.65 -3.07 -0.12
C MET A 11 -10.40 -3.48 -0.89
N LYS A 12 -9.90 -2.60 -1.74
CA LYS A 12 -8.72 -2.88 -2.55
C LYS A 12 -7.65 -3.58 -1.72
N VAL A 13 -7.55 -4.89 -1.91
CA VAL A 13 -6.57 -5.69 -1.20
C VAL A 13 -6.76 -7.17 -1.55
N TYR A 14 -8.00 -7.60 -1.42
CA TYR A 14 -8.42 -8.95 -1.75
C TYR A 14 -7.82 -9.40 -3.07
N LYS A 15 -7.59 -8.44 -3.96
CA LYS A 15 -7.02 -8.73 -5.28
C LYS A 15 -5.56 -9.13 -5.16
N ASP A 16 -4.88 -8.59 -4.17
CA ASP A 16 -3.47 -8.88 -3.95
C ASP A 16 -3.14 -9.05 -2.48
N ARG A 17 -3.68 -10.11 -1.88
CA ARG A 17 -3.42 -10.40 -0.49
C ARG A 17 -2.07 -11.11 -0.35
N GLN A 18 -1.54 -11.57 -1.48
CA GLN A 18 -0.25 -12.25 -1.50
C GLN A 18 0.84 -11.29 -1.95
N VAL A 19 0.53 -10.02 -1.88
CA VAL A 19 1.44 -8.94 -2.24
C VAL A 19 2.20 -8.49 -0.99
N MET A 20 1.55 -8.60 0.15
CA MET A 20 2.16 -8.23 1.43
C MET A 20 3.61 -8.72 1.48
N ASN A 21 3.87 -9.84 0.80
CA ASN A 21 5.20 -10.43 0.74
C ASN A 21 5.66 -10.55 -0.72
N MET A 22 5.15 -9.64 -1.56
CA MET A 22 5.47 -9.62 -2.99
C MET A 22 4.49 -8.74 -3.74
N TRP A 23 4.58 -7.43 -3.53
CA TRP A 23 3.71 -6.46 -4.19
C TRP A 23 4.02 -6.41 -5.66
N SER A 24 2.99 -6.61 -6.45
CA SER A 24 3.12 -6.61 -7.89
C SER A 24 3.42 -5.21 -8.40
N GLU A 25 4.25 -5.12 -9.44
CA GLU A 25 4.58 -3.83 -10.03
C GLU A 25 3.31 -3.04 -10.30
N GLN A 26 2.21 -3.76 -10.47
CA GLN A 26 0.92 -3.16 -10.72
C GLN A 26 0.18 -2.88 -9.42
N GLU A 27 0.42 -3.69 -8.38
CA GLU A 27 -0.24 -3.48 -7.12
C GLU A 27 0.38 -2.29 -6.40
N LYS A 28 1.71 -2.21 -6.44
CA LYS A 28 2.42 -1.08 -5.84
C LYS A 28 1.91 0.22 -6.44
N GLU A 29 1.26 0.10 -7.60
CA GLU A 29 0.71 1.24 -8.29
C GLU A 29 -0.42 1.88 -7.50
N THR A 30 -1.05 1.12 -6.61
CA THR A 30 -2.15 1.63 -5.81
C THR A 30 -1.65 2.22 -4.50
N PHE A 31 -0.81 1.46 -3.80
CA PHE A 31 -0.26 1.92 -2.53
C PHE A 31 0.78 3.00 -2.77
N ARG A 32 1.59 2.80 -3.81
CA ARG A 32 2.63 3.77 -4.15
C ARG A 32 2.00 5.05 -4.67
N GLU A 33 0.80 4.94 -5.23
CA GLU A 33 0.10 6.11 -5.77
C GLU A 33 -0.65 6.85 -4.67
N LYS A 34 -1.26 6.09 -3.76
CA LYS A 34 -2.00 6.68 -2.67
C LYS A 34 -1.05 7.35 -1.71
N PHE A 35 0.07 6.70 -1.43
CA PHE A 35 1.07 7.27 -0.54
C PHE A 35 1.67 8.49 -1.20
N MET A 36 1.69 8.48 -2.53
CA MET A 36 2.17 9.62 -3.28
C MET A 36 1.06 10.65 -3.33
N GLN A 37 -0.17 10.16 -3.22
CA GLN A 37 -1.36 11.00 -3.20
C GLN A 37 -1.48 11.72 -1.88
N HIS A 38 -1.43 10.95 -0.81
CA HIS A 38 -1.53 11.46 0.55
C HIS A 38 -0.14 11.61 1.16
N PRO A 39 0.15 12.78 1.76
CA PRO A 39 1.45 13.02 2.39
C PRO A 39 1.92 11.84 3.23
N LYS A 40 3.20 11.84 3.60
CA LYS A 40 3.76 10.76 4.41
C LYS A 40 2.83 10.38 5.55
N ASN A 41 2.00 9.36 5.31
CA ASN A 41 1.05 8.91 6.32
C ASN A 41 1.16 7.41 6.57
N PHE A 42 0.95 6.62 5.53
CA PHE A 42 1.02 5.17 5.64
C PHE A 42 -0.20 4.62 6.38
N GLY A 43 -1.08 5.52 6.80
CA GLY A 43 -2.30 5.12 7.50
C GLY A 43 -3.44 4.93 6.53
N LEU A 44 -3.61 5.88 5.62
CA LEU A 44 -4.66 5.79 4.62
C LEU A 44 -4.44 4.58 3.75
N ILE A 45 -3.26 4.51 3.15
CA ILE A 45 -2.91 3.39 2.30
C ILE A 45 -3.12 2.08 3.05
N ALA A 46 -2.55 2.01 4.23
CA ALA A 46 -2.71 0.84 5.08
C ALA A 46 -4.15 0.70 5.55
N SER A 47 -5.00 1.64 5.14
CA SER A 47 -6.41 1.62 5.52
C SER A 47 -7.28 1.10 4.39
N PHE A 48 -6.89 1.38 3.14
CA PHE A 48 -7.67 0.92 2.00
C PHE A 48 -7.29 -0.52 1.64
N LEU A 49 -6.07 -0.91 2.00
CA LEU A 49 -5.60 -2.27 1.75
C LEU A 49 -5.30 -2.97 3.08
N GLU A 50 -6.21 -2.77 4.03
CA GLU A 50 -6.12 -3.32 5.39
C GLU A 50 -5.16 -4.51 5.53
N ARG A 51 -5.28 -5.50 4.66
CA ARG A 51 -4.42 -6.69 4.74
C ARG A 51 -2.95 -6.30 4.90
N LYS A 52 -2.59 -5.12 4.40
CA LYS A 52 -1.22 -4.62 4.48
C LYS A 52 -1.19 -3.36 5.33
N THR A 53 -1.36 -3.52 6.64
CA THR A 53 -1.36 -2.40 7.57
C THR A 53 -0.14 -1.51 7.38
N VAL A 54 -0.07 -0.45 8.19
CA VAL A 54 1.05 0.49 8.11
C VAL A 54 2.39 -0.23 8.25
N ALA A 55 2.54 -1.00 9.33
CA ALA A 55 3.78 -1.75 9.55
C ALA A 55 4.00 -2.77 8.45
N GLU A 56 2.91 -3.27 7.88
CA GLU A 56 2.99 -4.26 6.82
C GLU A 56 3.33 -3.61 5.48
N CYS A 57 3.08 -2.31 5.38
CA CYS A 57 3.36 -1.57 4.15
C CYS A 57 4.87 -1.38 3.98
N VAL A 58 5.59 -1.28 5.10
CA VAL A 58 7.03 -1.11 5.07
C VAL A 58 7.69 -2.19 4.21
N LEU A 59 7.01 -3.32 4.06
CA LEU A 59 7.52 -4.43 3.26
C LEU A 59 7.43 -4.12 1.77
N TYR A 60 6.89 -2.96 1.42
CA TYR A 60 6.75 -2.57 0.03
C TYR A 60 7.63 -1.35 -0.29
N TYR A 61 7.96 -0.57 0.74
CA TYR A 61 8.77 0.63 0.54
C TYR A 61 10.26 0.30 0.44
N TYR A 62 10.68 -0.77 1.10
CA TYR A 62 12.09 -1.15 1.05
C TYR A 62 12.41 -1.94 -0.21
N LEU A 63 11.39 -2.22 -1.02
CA LEU A 63 11.58 -2.93 -2.28
C LEU A 63 11.53 -1.94 -3.45
N THR A 64 10.71 -0.89 -3.29
CA THR A 64 10.57 0.12 -4.32
C THR A 64 11.68 1.16 -4.23
N LYS A 65 12.39 1.20 -3.09
CA LYS A 65 13.47 2.15 -2.91
C LYS A 65 14.84 1.48 -3.07
N LYS A 66 14.89 0.19 -2.77
CA LYS A 66 16.13 -0.56 -2.90
C LYS A 66 16.63 -0.57 -4.34
N ASN A 67 15.74 -0.29 -5.28
CA ASN A 67 16.09 -0.27 -6.70
C ASN A 67 15.86 1.11 -7.32
N GLU A 68 14.98 1.90 -6.70
CA GLU A 68 14.68 3.24 -7.22
C GLU A 68 15.34 4.32 -6.36
N ASN A 69 15.38 4.09 -5.06
CA ASN A 69 15.97 5.04 -4.14
C ASN A 69 15.22 6.36 -4.16
N TYR A 70 13.98 6.35 -3.65
CA TYR A 70 13.16 7.55 -3.64
C TYR A 70 13.23 8.22 -2.26
N LYS A 71 14.40 8.19 -1.65
CA LYS A 71 14.61 8.80 -0.35
C LYS A 71 14.34 10.30 -0.41
N ASN A 4 -16.90 7.77 -0.54
CA ASN A 4 -15.97 7.44 0.54
C ASN A 4 -15.32 6.08 0.30
N GLY A 5 -14.27 6.06 -0.51
CA GLY A 5 -13.58 4.81 -0.80
C GLY A 5 -12.25 4.71 -0.09
N LEU A 6 -12.29 4.75 1.24
CA LEU A 6 -11.07 4.65 2.05
C LEU A 6 -11.24 3.65 3.18
N MET A 7 -12.14 3.96 4.11
CA MET A 7 -12.40 3.08 5.24
C MET A 7 -13.78 2.45 5.13
N ALA A 8 -14.74 3.21 4.61
CA ALA A 8 -16.11 2.72 4.44
C ALA A 8 -16.15 1.50 3.52
N ASP A 9 -16.19 0.32 4.12
CA ASP A 9 -16.24 -0.93 3.36
C ASP A 9 -15.00 -1.07 2.48
N PRO A 10 -13.89 -1.60 3.04
CA PRO A 10 -12.64 -1.78 2.30
C PRO A 10 -12.85 -2.54 0.99
N MET A 11 -12.08 -2.16 -0.03
CA MET A 11 -12.18 -2.80 -1.34
C MET A 11 -10.80 -3.24 -1.81
N LYS A 12 -10.06 -2.33 -2.45
CA LYS A 12 -8.73 -2.66 -2.93
C LYS A 12 -7.93 -3.32 -1.84
N VAL A 13 -7.91 -4.64 -1.90
CA VAL A 13 -7.22 -5.44 -0.91
C VAL A 13 -7.44 -6.91 -1.23
N TYR A 14 -8.67 -7.21 -1.60
CA TYR A 14 -9.09 -8.56 -1.99
C TYR A 14 -8.14 -9.13 -3.04
N LYS A 15 -7.43 -8.24 -3.76
CA LYS A 15 -6.50 -8.67 -4.79
C LYS A 15 -5.06 -8.36 -4.36
N ASP A 16 -4.89 -8.00 -3.09
CA ASP A 16 -3.57 -7.67 -2.55
C ASP A 16 -3.09 -8.72 -1.55
N ARG A 17 -3.97 -9.65 -1.16
CA ARG A 17 -3.60 -10.68 -0.21
C ARG A 17 -2.31 -11.37 -0.61
N GLN A 18 -2.00 -11.33 -1.91
CA GLN A 18 -0.78 -11.92 -2.42
C GLN A 18 0.25 -10.83 -2.71
N VAL A 19 0.19 -9.78 -1.89
CA VAL A 19 1.10 -8.65 -2.02
C VAL A 19 1.94 -8.50 -0.76
N MET A 20 1.36 -8.85 0.39
CA MET A 20 2.08 -8.77 1.65
C MET A 20 3.48 -9.38 1.50
N ASN A 21 3.60 -10.30 0.55
CA ASN A 21 4.88 -10.95 0.28
C ASN A 21 5.25 -10.85 -1.19
N MET A 22 4.72 -9.83 -1.87
CA MET A 22 5.00 -9.61 -3.29
C MET A 22 4.10 -8.52 -3.88
N TRP A 23 4.53 -7.28 -3.73
CA TRP A 23 3.77 -6.16 -4.29
C TRP A 23 4.19 -5.97 -5.74
N SER A 24 3.34 -6.46 -6.63
CA SER A 24 3.61 -6.40 -8.06
C SER A 24 3.84 -4.97 -8.52
N GLU A 25 4.67 -4.82 -9.56
CA GLU A 25 4.96 -3.50 -10.11
C GLU A 25 3.67 -2.75 -10.41
N GLN A 26 2.60 -3.50 -10.64
CA GLN A 26 1.30 -2.92 -10.92
C GLN A 26 0.52 -2.77 -9.62
N GLU A 27 0.78 -3.66 -8.66
CA GLU A 27 0.12 -3.61 -7.37
C GLU A 27 0.63 -2.42 -6.59
N LYS A 28 1.95 -2.24 -6.59
CA LYS A 28 2.57 -1.10 -5.92
C LYS A 28 1.96 0.19 -6.47
N GLU A 29 1.33 0.08 -7.63
CA GLU A 29 0.70 1.23 -8.27
C GLU A 29 -0.44 1.77 -7.42
N THR A 30 -1.04 0.91 -6.61
CA THR A 30 -2.16 1.33 -5.77
C THR A 30 -1.66 1.85 -4.42
N PHE A 31 -0.82 1.08 -3.75
CA PHE A 31 -0.29 1.48 -2.46
C PHE A 31 0.76 2.58 -2.61
N ARG A 32 1.52 2.53 -3.70
CA ARG A 32 2.54 3.53 -3.94
C ARG A 32 1.92 4.82 -4.48
N GLU A 33 0.74 4.71 -5.09
CA GLU A 33 0.06 5.87 -5.64
C GLU A 33 -0.70 6.61 -4.55
N LYS A 34 -1.27 5.87 -3.62
CA LYS A 34 -2.02 6.47 -2.53
C LYS A 34 -1.06 7.09 -1.54
N PHE A 35 0.02 6.38 -1.24
CA PHE A 35 1.02 6.89 -0.31
C PHE A 35 1.66 8.12 -0.91
N MET A 36 1.68 8.15 -2.24
CA MET A 36 2.19 9.31 -2.95
C MET A 36 1.10 10.37 -2.99
N GLN A 37 -0.15 9.89 -2.97
CA GLN A 37 -1.33 10.74 -2.96
C GLN A 37 -1.46 11.43 -1.61
N HIS A 38 -1.15 10.66 -0.57
CA HIS A 38 -1.23 11.13 0.79
C HIS A 38 0.16 11.35 1.38
N PRO A 39 0.64 12.61 1.36
CA PRO A 39 1.98 12.97 1.88
C PRO A 39 2.37 12.22 3.15
N LYS A 40 3.10 11.12 2.98
CA LYS A 40 3.57 10.31 4.10
C LYS A 40 2.48 10.12 5.15
N ASN A 41 1.82 8.97 5.10
CA ASN A 41 0.76 8.66 6.06
C ASN A 41 0.72 7.17 6.36
N PHE A 42 0.56 6.37 5.31
CA PHE A 42 0.49 4.91 5.45
C PHE A 42 -0.84 4.49 6.10
N GLY A 43 -1.49 5.42 6.79
CA GLY A 43 -2.76 5.12 7.42
C GLY A 43 -3.85 4.86 6.42
N LEU A 44 -3.98 5.77 5.44
CA LEU A 44 -5.00 5.62 4.41
C LEU A 44 -4.75 4.36 3.60
N ILE A 45 -3.54 4.21 3.10
CA ILE A 45 -3.18 3.05 2.33
C ILE A 45 -3.44 1.80 3.14
N ALA A 46 -2.84 1.75 4.32
CA ALA A 46 -3.04 0.64 5.24
C ALA A 46 -4.52 0.50 5.61
N SER A 47 -5.33 1.48 5.19
CA SER A 47 -6.76 1.47 5.48
C SER A 47 -7.55 0.87 4.32
N PHE A 48 -7.15 1.19 3.08
CA PHE A 48 -7.84 0.66 1.92
C PHE A 48 -7.35 -0.77 1.62
N LEU A 49 -6.09 -1.02 1.92
CA LEU A 49 -5.51 -2.36 1.72
C LEU A 49 -5.17 -2.97 3.08
N GLU A 50 -6.15 -2.89 3.99
CA GLU A 50 -6.06 -3.39 5.36
C GLU A 50 -5.09 -4.57 5.50
N ARG A 51 -5.17 -5.52 4.58
CA ARG A 51 -4.31 -6.70 4.62
C ARG A 51 -2.86 -6.30 4.93
N LYS A 52 -2.50 -5.08 4.55
CA LYS A 52 -1.17 -4.56 4.79
C LYS A 52 -1.17 -3.52 5.91
N THR A 53 -0.54 -3.86 7.03
CA THR A 53 -0.48 -2.96 8.16
C THR A 53 0.45 -1.78 7.87
N VAL A 54 0.27 -0.70 8.62
CA VAL A 54 1.10 0.50 8.42
C VAL A 54 2.59 0.14 8.40
N ALA A 55 3.11 -0.28 9.54
CA ALA A 55 4.50 -0.66 9.64
C ALA A 55 4.81 -1.85 8.73
N GLU A 56 3.76 -2.57 8.33
CA GLU A 56 3.91 -3.72 7.45
C GLU A 56 4.01 -3.29 5.99
N CYS A 57 3.47 -2.12 5.67
CA CYS A 57 3.51 -1.62 4.31
C CYS A 57 4.93 -1.22 3.93
N VAL A 58 5.71 -0.78 4.92
CA VAL A 58 7.09 -0.40 4.70
C VAL A 58 7.85 -1.50 3.96
N LEU A 59 7.36 -2.73 4.11
CA LEU A 59 7.97 -3.88 3.46
C LEU A 59 7.95 -3.75 1.94
N TYR A 60 7.13 -2.84 1.43
CA TYR A 60 7.01 -2.64 0.00
C TYR A 60 7.81 -1.43 -0.50
N TYR A 61 8.26 -0.58 0.42
CA TYR A 61 9.00 0.62 0.02
C TYR A 61 10.51 0.39 -0.01
N TYR A 62 11.01 -0.55 0.80
CA TYR A 62 12.44 -0.80 0.83
C TYR A 62 12.87 -1.83 -0.22
N LEU A 63 11.88 -2.55 -0.78
CA LEU A 63 12.18 -3.55 -1.80
C LEU A 63 11.83 -3.02 -3.19
N THR A 64 11.31 -1.79 -3.22
CA THR A 64 10.93 -1.14 -4.47
C THR A 64 11.96 -0.07 -4.81
N LYS A 65 12.57 0.50 -3.76
CA LYS A 65 13.60 1.52 -3.91
C LYS A 65 14.97 0.93 -3.60
N LYS A 66 15.01 -0.36 -3.26
CA LYS A 66 16.28 -1.03 -2.98
C LYS A 66 17.24 -0.77 -4.13
N ASN A 67 16.67 -0.59 -5.31
CA ASN A 67 17.43 -0.30 -6.51
C ASN A 67 18.10 1.06 -6.37
N GLU A 68 17.39 2.00 -5.76
CA GLU A 68 17.92 3.35 -5.54
C GLU A 68 18.05 4.11 -6.85
N ASN A 69 16.99 4.03 -7.66
CA ASN A 69 16.96 4.72 -8.95
C ASN A 69 15.63 4.48 -9.64
N TYR A 70 14.56 4.49 -8.85
CA TYR A 70 13.22 4.26 -9.39
C TYR A 70 12.24 5.29 -8.85
N LYS A 71 12.73 6.52 -8.65
CA LYS A 71 11.90 7.60 -8.15
C LYS A 71 10.70 7.86 -9.07
#